data_3ZX0
#
_entry.id   3ZX0
#
_cell.length_a   163.807
_cell.length_b   80.267
_cell.length_c   164.921
_cell.angle_alpha   90.00
_cell.angle_beta   117.92
_cell.angle_gamma   90.00
#
_symmetry.space_group_name_H-M   'C 1 2 1'
#
loop_
_entity.id
_entity.type
_entity.pdbx_description
1 polymer 'ECTONUCLEOSIDE TRIPHOSPHATE DIPHOSPHOHYDROLASE 1'
2 non-polymer 'CHLORIDE ION'
3 non-polymer 'ACETIC ACID'
4 non-polymer 'bis(mu4-oxo)-bis(mu3-oxo)-octakis(mu2-oxo)-dodecaoxo-heptamolybdenum (VI)'
5 non-polymer 'SODIUM ION'
#
_entity_poly.entity_id   1
_entity_poly.type   'polypeptide(L)'
_entity_poly.pdbx_seq_one_letter_code
;MAHHHHHHVGTGSNDDDDKSPDPTHNKPLPENVKYGIVLDAGSSHTNLYIYKWPAEKENDTGVVQQLEECQVKGPGISKY
AQKTDEIAAYLAECMKMSTERIPASKQHQTPVYLGATAGMRLLRMESKQSADEVLAAVSRSLKSYPFDFQGAKIITGQEE
GAYGWITINYLLGRFKTPGGSTFGALDLGGSSTQITFVPLNSTLEAPETSLQFRLYGTDYTVYTHSFLCYGKDQALWQKL
AQDIQVSSGGILKDPCFYPGYKKVVNVSELYGTPCTKRFEKKLPFNQFQVQGTGDYEQCHQSILKIFNNSHCPYSQCAFN
GVFLPPLQGSFGAFSAFYFVMDFFKKMANDSVSSQEKMTEITKNFCSKPWEEVKASYPTVKEKYLSEYCFSGTYILSLLL
QGYNFTGTSWDQIHFMGKIKDSNAGWTLGYMLNLTNMIPAEQPLSPPLPHST
;
_entity_poly.pdbx_strand_id   A,B,C,D
#
# COMPACT_ATOMS: atom_id res chain seq x y z
N LYS A 34 54.78 -35.36 -18.40
CA LYS A 34 54.33 -33.94 -18.38
C LYS A 34 54.99 -33.14 -17.25
N TYR A 35 55.08 -31.82 -17.42
CA TYR A 35 55.74 -30.93 -16.47
C TYR A 35 54.91 -29.68 -16.22
N GLY A 36 55.06 -29.11 -15.04
CA GLY A 36 54.43 -27.83 -14.78
C GLY A 36 55.36 -27.09 -13.88
N ILE A 37 55.23 -25.77 -13.85
CA ILE A 37 56.03 -24.89 -13.01
C ILE A 37 55.12 -23.94 -12.24
N VAL A 38 55.33 -23.86 -10.93
CA VAL A 38 54.64 -22.90 -10.09
C VAL A 38 55.66 -22.07 -9.32
N LEU A 39 55.57 -20.75 -9.43
CA LEU A 39 56.32 -19.85 -8.51
C LEU A 39 55.50 -19.45 -7.28
N ASP A 40 56.06 -19.72 -6.11
CA ASP A 40 55.49 -19.33 -4.84
C ASP A 40 56.20 -18.03 -4.50
N ALA A 41 55.49 -16.92 -4.71
CA ALA A 41 56.05 -15.61 -4.43
C ALA A 41 55.66 -15.19 -3.00
N GLY A 42 56.43 -15.61 -2.02
CA GLY A 42 56.10 -15.28 -0.66
C GLY A 42 56.88 -14.06 -0.25
N SER A 43 56.64 -13.59 0.97
CA SER A 43 57.16 -12.29 1.38
C SER A 43 58.66 -12.24 1.67
N SER A 44 59.27 -13.39 1.97
CA SER A 44 60.73 -13.49 2.16
C SER A 44 61.43 -13.98 0.93
N HIS A 45 60.80 -14.94 0.27
CA HIS A 45 61.44 -15.54 -0.89
CA HIS A 45 61.43 -15.63 -0.85
C HIS A 45 60.43 -15.93 -1.92
N THR A 46 60.89 -15.94 -3.16
CA THR A 46 60.14 -16.50 -4.27
C THR A 46 60.78 -17.89 -4.53
N ASN A 47 59.94 -18.92 -4.51
CA ASN A 47 60.40 -20.30 -4.69
C ASN A 47 59.75 -20.85 -5.95
N LEU A 48 60.54 -21.41 -6.83
CA LEU A 48 60.02 -21.99 -8.05
C LEU A 48 60.03 -23.50 -7.91
N TYR A 49 58.91 -24.14 -8.22
CA TYR A 49 58.81 -25.58 -8.19
C TYR A 49 58.56 -26.11 -9.57
N ILE A 50 59.27 -27.18 -9.93
CA ILE A 50 58.95 -27.93 -11.13
C ILE A 50 58.32 -29.28 -10.77
N TYR A 51 57.09 -29.50 -11.23
CA TYR A 51 56.42 -30.76 -11.02
C TYR A 51 56.47 -31.59 -12.29
N LYS A 52 56.39 -32.91 -12.14
CA LYS A 52 56.24 -33.80 -13.28
C LYS A 52 55.40 -35.03 -12.92
N TRP A 53 54.78 -35.62 -13.94
CA TRP A 53 53.89 -36.78 -13.74
C TRP A 53 53.77 -37.69 -14.94
N VAL A 63 50.58 -40.28 -10.22
CA VAL A 63 50.93 -39.41 -9.10
C VAL A 63 51.96 -38.37 -9.54
N VAL A 64 51.77 -37.14 -9.07
CA VAL A 64 52.62 -36.00 -9.40
C VAL A 64 53.71 -35.87 -8.35
N GLN A 65 54.93 -35.49 -8.79
CA GLN A 65 56.10 -35.36 -7.92
C GLN A 65 56.82 -34.05 -8.16
N GLN A 66 57.48 -33.55 -7.13
CA GLN A 66 58.31 -32.39 -7.30
C GLN A 66 59.60 -32.87 -7.99
N LEU A 67 59.92 -32.30 -9.14
CA LEU A 67 61.15 -32.68 -9.82
C LEU A 67 62.29 -31.91 -9.18
N GLU A 68 62.12 -30.61 -9.02
CA GLU A 68 63.17 -29.78 -8.49
C GLU A 68 62.55 -28.49 -7.95
N GLU A 69 63.31 -27.77 -7.14
CA GLU A 69 62.92 -26.49 -6.57
C GLU A 69 64.09 -25.53 -6.66
N CYS A 70 63.80 -24.25 -6.73
CA CYS A 70 64.84 -23.25 -6.85
C CYS A 70 64.44 -22.05 -5.99
N GLN A 71 65.35 -21.56 -5.16
CA GLN A 71 64.99 -20.37 -4.39
C GLN A 71 65.62 -19.15 -5.00
N VAL A 72 64.78 -18.24 -5.45
CA VAL A 72 65.28 -17.03 -6.07
C VAL A 72 66.00 -16.21 -5.01
N LYS A 73 67.22 -15.80 -5.33
CA LYS A 73 68.01 -14.99 -4.41
C LYS A 73 67.32 -13.64 -4.19
N GLY A 74 67.41 -13.13 -2.97
CA GLY A 74 66.83 -11.85 -2.63
C GLY A 74 65.56 -11.98 -1.81
N PRO A 75 64.82 -10.87 -1.66
CA PRO A 75 63.58 -10.90 -0.90
C PRO A 75 62.42 -11.18 -1.82
N GLY A 76 61.20 -10.95 -1.34
CA GLY A 76 60.02 -11.19 -2.12
C GLY A 76 59.78 -10.06 -3.11
N ILE A 77 58.90 -10.31 -4.09
CA ILE A 77 58.74 -9.41 -5.19
C ILE A 77 58.20 -8.07 -4.79
N SER A 78 57.44 -8.00 -3.70
CA SER A 78 56.91 -6.70 -3.28
C SER A 78 58.00 -5.69 -3.03
N LYS A 79 59.19 -6.16 -2.68
CA LYS A 79 60.32 -5.25 -2.47
C LYS A 79 60.80 -4.59 -3.76
N TYR A 80 60.17 -4.96 -4.87
CA TYR A 80 60.53 -4.40 -6.16
C TYR A 80 59.65 -3.26 -6.65
N ALA A 81 58.66 -2.92 -5.83
CA ALA A 81 57.71 -1.85 -6.10
C ALA A 81 58.29 -0.66 -6.87
N GLN A 82 59.50 -0.22 -6.54
CA GLN A 82 60.09 0.91 -7.28
C GLN A 82 60.71 0.41 -8.55
N LYS A 83 61.51 -0.63 -8.36
CA LYS A 83 62.51 -1.01 -9.32
C LYS A 83 62.10 -2.27 -10.07
N THR A 84 60.88 -2.22 -10.61
CA THR A 84 60.30 -3.34 -11.33
C THR A 84 61.10 -3.78 -12.56
N ASP A 85 61.85 -2.87 -13.18
CA ASP A 85 62.69 -3.28 -14.31
C ASP A 85 63.79 -4.27 -13.91
N GLU A 86 64.15 -4.29 -12.62
CA GLU A 86 65.13 -5.25 -12.08
C GLU A 86 64.59 -6.67 -11.89
N ILE A 87 63.27 -6.80 -11.87
CA ILE A 87 62.61 -8.10 -11.70
C ILE A 87 63.13 -9.19 -12.65
N ALA A 88 63.26 -8.85 -13.94
CA ALA A 88 63.70 -9.82 -14.97
C ALA A 88 64.97 -10.61 -14.59
N ALA A 89 66.00 -9.88 -14.18
CA ALA A 89 67.28 -10.45 -13.77
C ALA A 89 67.11 -11.22 -12.45
N TYR A 90 66.37 -10.65 -11.52
CA TYR A 90 66.06 -11.28 -10.25
C TYR A 90 65.52 -12.71 -10.45
N LEU A 91 64.67 -12.87 -11.45
CA LEU A 91 64.07 -14.16 -11.73
C LEU A 91 64.91 -15.02 -12.64
N ALA A 92 65.95 -14.43 -13.23
CA ALA A 92 66.67 -15.08 -14.30
C ALA A 92 67.30 -16.44 -13.92
N GLU A 93 68.03 -16.50 -12.81
CA GLU A 93 68.70 -17.74 -12.43
C GLU A 93 67.74 -18.94 -12.33
N CYS A 94 66.67 -18.81 -11.55
CA CYS A 94 65.76 -19.93 -11.35
C CYS A 94 65.02 -20.32 -12.62
N MET A 95 64.77 -19.32 -13.48
CA MET A 95 64.12 -19.56 -14.78
C MET A 95 65.02 -20.28 -15.78
N LYS A 96 66.30 -19.86 -15.86
CA LYS A 96 67.30 -20.56 -16.70
C LYS A 96 67.48 -22.01 -16.22
N MET A 97 67.50 -22.22 -14.91
CA MET A 97 67.59 -23.56 -14.38
C MET A 97 66.51 -24.46 -14.98
N SER A 98 65.31 -23.92 -15.11
CA SER A 98 64.15 -24.66 -15.61
C SER A 98 64.23 -24.95 -17.09
N THR A 99 64.77 -24.00 -17.85
CA THR A 99 64.95 -24.21 -19.28
C THR A 99 66.06 -25.20 -19.52
N GLU A 100 67.01 -25.31 -18.58
CA GLU A 100 68.15 -26.26 -18.66
C GLU A 100 67.68 -27.62 -18.22
N ARG A 101 66.57 -27.66 -17.49
CA ARG A 101 66.16 -28.87 -16.80
C ARG A 101 65.07 -29.66 -17.52
N ILE A 102 64.10 -28.96 -18.10
CA ILE A 102 63.02 -29.62 -18.81
C ILE A 102 63.47 -29.82 -20.26
N PRO A 103 63.23 -31.02 -20.85
CA PRO A 103 63.62 -31.20 -22.25
C PRO A 103 62.93 -30.19 -23.20
N ALA A 104 63.69 -29.64 -24.13
CA ALA A 104 63.21 -28.58 -25.04
C ALA A 104 61.87 -28.90 -25.72
N SER A 105 61.68 -30.16 -26.10
CA SER A 105 60.44 -30.57 -26.78
C SER A 105 59.23 -30.41 -25.87
N LYS A 106 59.44 -30.64 -24.58
CA LYS A 106 58.37 -30.55 -23.62
C LYS A 106 58.04 -29.09 -23.18
N GLN A 107 58.84 -28.11 -23.62
CA GLN A 107 58.80 -26.76 -23.05
C GLN A 107 57.61 -25.86 -23.40
N HIS A 108 57.16 -25.89 -24.65
CA HIS A 108 56.03 -25.04 -25.07
C HIS A 108 54.72 -25.54 -24.49
N GLN A 109 54.64 -26.84 -24.25
CA GLN A 109 53.48 -27.44 -23.62
C GLN A 109 53.42 -27.28 -22.08
N THR A 110 54.48 -26.76 -21.46
CA THR A 110 54.59 -26.69 -19.99
C THR A 110 54.02 -25.43 -19.36
N PRO A 111 53.01 -25.59 -18.49
CA PRO A 111 52.41 -24.39 -17.92
C PRO A 111 53.28 -23.76 -16.84
N VAL A 112 53.18 -22.45 -16.70
CA VAL A 112 53.92 -21.67 -15.72
C VAL A 112 52.97 -20.70 -15.05
N TYR A 113 52.92 -20.75 -13.72
CA TYR A 113 52.04 -19.92 -12.89
C TYR A 113 52.86 -19.26 -11.81
N LEU A 114 52.50 -18.04 -11.45
CA LEU A 114 53.02 -17.46 -10.22
C LEU A 114 51.86 -17.11 -9.31
N GLY A 115 51.94 -17.59 -8.08
CA GLY A 115 50.93 -17.29 -7.09
C GLY A 115 51.67 -16.54 -6.01
N ALA A 116 51.14 -15.38 -5.66
CA ALA A 116 51.75 -14.53 -4.65
C ALA A 116 50.84 -14.48 -3.44
N THR A 117 51.45 -14.36 -2.28
CA THR A 117 50.76 -14.54 -1.04
C THR A 117 50.80 -13.24 -0.24
N ALA A 118 50.95 -13.32 1.08
CA ALA A 118 50.63 -12.21 1.95
C ALA A 118 51.52 -10.98 1.72
N GLY A 119 52.76 -11.18 1.29
CA GLY A 119 53.64 -10.04 1.02
C GLY A 119 52.97 -9.15 0.01
N MET A 120 52.43 -9.76 -1.02
CA MET A 120 51.78 -9.01 -2.05
C MET A 120 50.41 -8.50 -1.66
N ARG A 121 49.70 -9.21 -0.79
CA ARG A 121 48.45 -8.68 -0.24
C ARG A 121 48.71 -7.35 0.44
N LEU A 122 49.75 -7.30 1.26
CA LEU A 122 50.14 -6.03 1.91
C LEU A 122 50.55 -4.95 0.93
N LEU A 123 51.28 -5.29 -0.12
CA LEU A 123 51.64 -4.28 -1.10
C LEU A 123 50.42 -3.71 -1.80
N ARG A 124 49.48 -4.58 -2.21
CA ARG A 124 48.19 -4.16 -2.81
C ARG A 124 47.42 -3.23 -1.89
N MET A 125 47.38 -3.56 -0.61
CA MET A 125 46.75 -2.74 0.40
C MET A 125 47.38 -1.34 0.47
N GLU A 126 48.70 -1.22 0.31
CA GLU A 126 49.33 0.09 0.28
C GLU A 126 49.18 0.80 -1.03
N SER A 127 49.44 0.10 -2.14
CA SER A 127 49.18 0.65 -3.46
C SER A 127 48.76 -0.38 -4.49
N LYS A 128 47.46 -0.38 -4.80
CA LYS A 128 46.91 -1.15 -5.92
C LYS A 128 47.85 -1.08 -7.12
N GLN A 129 48.32 0.14 -7.40
CA GLN A 129 49.06 0.46 -8.61
C GLN A 129 50.38 -0.24 -8.60
N SER A 130 51.09 -0.11 -7.49
CA SER A 130 52.38 -0.78 -7.29
C SER A 130 52.31 -2.27 -7.49
N ALA A 131 51.30 -2.88 -6.88
CA ALA A 131 51.12 -4.31 -6.94
C ALA A 131 50.92 -4.71 -8.40
N ASP A 132 50.04 -3.98 -9.09
CA ASP A 132 49.77 -4.23 -10.49
C ASP A 132 51.03 -4.12 -11.36
N GLU A 133 51.86 -3.11 -11.09
CA GLU A 133 53.12 -2.90 -11.82
C GLU A 133 54.09 -4.04 -11.57
N VAL A 134 54.19 -4.44 -10.31
CA VAL A 134 55.00 -5.60 -9.96
C VAL A 134 54.50 -6.84 -10.72
N LEU A 135 53.20 -7.15 -10.64
CA LEU A 135 52.64 -8.32 -11.31
C LEU A 135 52.85 -8.31 -12.82
N ALA A 136 52.70 -7.14 -13.42
CA ALA A 136 52.93 -6.97 -14.83
C ALA A 136 54.39 -7.22 -15.18
N ALA A 137 55.32 -6.65 -14.40
CA ALA A 137 56.74 -6.80 -14.67
C ALA A 137 57.12 -8.29 -14.62
N VAL A 138 56.58 -8.98 -13.61
CA VAL A 138 56.74 -10.44 -13.45
C VAL A 138 56.22 -11.15 -14.70
N SER A 139 55.05 -10.73 -15.14
CA SER A 139 54.43 -11.31 -16.31
C SER A 139 55.25 -11.15 -17.59
N ARG A 140 55.71 -9.93 -17.87
CA ARG A 140 56.53 -9.71 -19.06
C ARG A 140 57.76 -10.59 -19.02
N SER A 141 58.37 -10.67 -17.85
CA SER A 141 59.56 -11.49 -17.64
C SER A 141 59.27 -12.98 -17.91
N LEU A 142 58.20 -13.51 -17.31
CA LEU A 142 57.86 -14.92 -17.46
C LEU A 142 57.40 -15.21 -18.89
N LYS A 143 56.60 -14.32 -19.43
CA LYS A 143 56.06 -14.47 -20.79
C LYS A 143 57.17 -14.73 -21.82
N SER A 144 58.36 -14.15 -21.56
CA SER A 144 59.48 -14.20 -22.51
C SER A 144 60.19 -15.57 -22.59
N TYR A 145 60.00 -16.42 -21.59
CA TYR A 145 60.60 -17.75 -21.62
C TYR A 145 59.81 -18.65 -22.55
N PRO A 146 60.39 -19.78 -22.99
CA PRO A 146 59.60 -20.57 -23.90
C PRO A 146 58.54 -21.48 -23.25
N PHE A 147 57.89 -21.04 -22.17
CA PHE A 147 56.85 -21.86 -21.57
C PHE A 147 55.46 -21.34 -21.83
N ASP A 148 54.47 -22.12 -21.41
CA ASP A 148 53.07 -21.75 -21.61
C ASP A 148 52.61 -20.89 -20.45
N PHE A 149 52.79 -19.58 -20.58
CA PHE A 149 52.47 -18.66 -19.48
C PHE A 149 50.98 -18.70 -19.09
N GLN A 150 50.71 -18.91 -17.82
CA GLN A 150 49.35 -19.13 -17.38
C GLN A 150 48.86 -18.14 -16.35
N GLY A 151 49.67 -17.12 -16.08
CA GLY A 151 49.22 -16.06 -15.21
C GLY A 151 50.07 -15.88 -13.98
N ALA A 152 50.10 -14.63 -13.51
CA ALA A 152 50.70 -14.23 -12.24
C ALA A 152 49.60 -13.55 -11.42
N LYS A 153 49.24 -14.08 -10.26
CA LYS A 153 48.18 -13.45 -9.47
C LYS A 153 48.41 -13.55 -7.96
N ILE A 154 47.74 -12.70 -7.19
CA ILE A 154 47.78 -12.78 -5.73
C ILE A 154 46.69 -13.76 -5.33
N ILE A 155 47.03 -14.87 -4.69
CA ILE A 155 45.99 -15.84 -4.35
C ILE A 155 45.42 -15.44 -3.00
N THR A 156 44.17 -15.82 -2.74
CA THR A 156 43.59 -15.51 -1.42
C THR A 156 44.14 -16.40 -0.33
N GLY A 157 44.05 -15.93 0.91
CA GLY A 157 44.37 -16.74 2.08
C GLY A 157 43.57 -18.05 2.13
N GLN A 158 42.35 -18.00 1.63
CA GLN A 158 41.54 -19.23 1.55
C GLN A 158 41.97 -20.18 0.44
N GLU A 159 42.20 -19.66 -0.76
CA GLU A 159 42.83 -20.40 -1.85
C GLU A 159 44.17 -20.94 -1.35
N GLU A 160 44.88 -20.13 -0.57
CA GLU A 160 46.13 -20.58 0.07
C GLU A 160 45.95 -21.71 1.07
N GLY A 161 45.08 -21.56 2.07
CA GLY A 161 44.79 -22.62 3.05
C GLY A 161 44.23 -23.89 2.41
N ALA A 162 43.40 -23.67 1.41
CA ALA A 162 42.85 -24.77 0.63
C ALA A 162 43.92 -25.65 0.04
N TYR A 163 44.77 -25.04 -0.80
CA TYR A 163 45.69 -25.76 -1.67
C TYR A 163 46.69 -26.50 -0.87
N GLY A 164 46.99 -25.94 0.30
CA GLY A 164 48.04 -26.52 1.14
C GLY A 164 47.52 -27.73 1.87
N TRP A 165 46.28 -27.60 2.34
CA TRP A 165 45.53 -28.72 2.85
C TRP A 165 45.37 -29.82 1.83
N ILE A 166 45.02 -29.47 0.60
CA ILE A 166 44.99 -30.46 -0.49
C ILE A 166 46.37 -31.08 -0.65
N THR A 167 47.41 -30.23 -0.64
CA THR A 167 48.76 -30.67 -0.97
C THR A 167 49.19 -31.83 -0.07
N ILE A 168 49.06 -31.66 1.25
CA ILE A 168 49.45 -32.71 2.21
C ILE A 168 48.62 -34.00 2.11
N ASN A 169 47.31 -33.88 1.91
CA ASN A 169 46.43 -35.02 1.87
C ASN A 169 46.65 -35.87 0.62
N TYR A 170 46.93 -35.21 -0.51
CA TYR A 170 47.35 -35.90 -1.72
C TYR A 170 48.57 -36.71 -1.35
N LEU A 171 49.59 -36.01 -0.88
CA LEU A 171 50.88 -36.61 -0.58
C LEU A 171 50.86 -37.70 0.50
N LEU A 172 49.90 -37.62 1.42
CA LEU A 172 49.74 -38.67 2.44
C LEU A 172 48.79 -39.78 1.99
N GLY A 173 48.37 -39.75 0.72
CA GLY A 173 47.42 -40.71 0.13
C GLY A 173 46.03 -40.76 0.76
N ARG A 174 45.58 -39.64 1.33
CA ARG A 174 44.39 -39.60 2.21
C ARG A 174 43.03 -39.60 1.52
N PHE A 175 42.97 -39.37 0.21
CA PHE A 175 41.63 -39.21 -0.41
C PHE A 175 40.77 -40.47 -0.63
N LYS A 176 41.26 -41.64 -0.22
CA LYS A 176 40.70 -42.93 -0.64
C LYS A 176 39.62 -43.47 0.28
N GLY A 180 38.26 -43.72 3.85
CA GLY A 180 39.28 -43.07 4.69
C GLY A 180 38.78 -41.74 5.25
N SER A 181 39.71 -40.81 5.49
CA SER A 181 39.46 -39.37 5.84
C SER A 181 40.78 -38.59 6.16
N THR A 182 40.70 -37.31 6.57
CA THR A 182 41.78 -36.32 6.26
C THR A 182 42.54 -35.57 7.39
N PHE A 183 43.66 -34.94 7.02
CA PHE A 183 44.48 -34.13 7.90
C PHE A 183 44.28 -32.61 7.81
N GLY A 184 44.35 -31.96 8.97
CA GLY A 184 44.32 -30.52 9.03
C GLY A 184 45.66 -29.88 8.62
N ALA A 185 45.62 -28.61 8.21
CA ALA A 185 46.81 -27.98 7.70
C ALA A 185 47.04 -26.67 8.42
N LEU A 186 48.24 -26.56 8.98
CA LEU A 186 48.72 -25.35 9.61
C LEU A 186 49.91 -24.88 8.80
N ASP A 187 49.81 -23.67 8.25
CA ASP A 187 50.89 -23.05 7.49
C ASP A 187 51.25 -21.73 8.13
N LEU A 188 52.55 -21.44 8.22
CA LEU A 188 53.08 -20.15 8.77
C LEU A 188 54.14 -19.64 7.85
N GLY A 189 54.17 -18.32 7.63
CA GLY A 189 55.17 -17.66 6.80
C GLY A 189 55.54 -16.34 7.45
N GLY A 190 56.06 -15.41 6.65
CA GLY A 190 56.51 -14.15 7.21
C GLY A 190 55.37 -13.24 7.62
N SER A 191 54.38 -13.19 6.73
CA SER A 191 53.32 -12.20 6.75
C SER A 191 51.98 -12.80 7.16
N SER A 192 51.70 -14.04 6.75
CA SER A 192 50.46 -14.62 7.19
C SER A 192 50.57 -16.05 7.75
N THR A 193 49.49 -16.50 8.45
CA THR A 193 49.24 -17.88 8.92
C THR A 193 47.83 -18.39 8.64
N GLN A 194 47.72 -19.55 7.99
CA GLN A 194 46.44 -20.21 7.69
C GLN A 194 46.26 -21.41 8.60
N ILE A 195 45.00 -21.80 8.77
CA ILE A 195 44.64 -23.07 9.42
C ILE A 195 43.40 -23.55 8.71
N THR A 196 43.38 -24.84 8.39
CA THR A 196 42.41 -25.41 7.47
C THR A 196 42.13 -26.85 7.90
N PHE A 197 40.87 -27.15 8.22
CA PHE A 197 40.46 -28.51 8.64
C PHE A 197 38.96 -28.74 8.58
N VAL A 198 38.55 -30.01 8.53
CA VAL A 198 37.13 -30.40 8.56
C VAL A 198 36.72 -30.60 10.02
N PRO A 199 35.69 -29.88 10.49
CA PRO A 199 35.13 -30.20 11.81
C PRO A 199 33.98 -31.22 11.71
N LEU A 200 33.78 -32.03 12.77
CA LEU A 200 32.76 -33.12 12.82
C LEU A 200 31.38 -32.66 12.45
N ASN A 201 31.11 -31.42 12.83
CA ASN A 201 29.78 -30.83 12.82
C ASN A 201 29.00 -30.88 11.49
N SER A 202 29.73 -31.03 10.39
CA SER A 202 29.24 -30.69 9.04
C SER A 202 29.31 -29.20 9.01
N THR A 203 28.16 -28.55 8.84
CA THR A 203 28.09 -27.14 8.42
C THR A 203 28.23 -26.04 9.50
N LEU A 204 28.10 -26.44 10.77
CA LEU A 204 27.60 -25.58 11.88
C LEU A 204 27.64 -24.06 11.78
N GLU A 205 28.82 -23.47 11.85
CA GLU A 205 28.85 -22.01 11.91
C GLU A 205 28.49 -21.40 10.57
N ALA A 206 28.86 -22.07 9.48
CA ALA A 206 28.41 -21.67 8.15
C ALA A 206 28.69 -20.19 7.82
N PRO A 207 29.77 -19.60 8.38
CA PRO A 207 30.04 -18.18 8.21
C PRO A 207 30.77 -17.68 6.95
N GLU A 208 31.12 -18.57 6.02
CA GLU A 208 32.06 -18.18 4.95
C GLU A 208 33.51 -18.14 5.51
N THR A 209 33.69 -18.79 6.66
CA THR A 209 34.99 -19.31 7.02
C THR A 209 35.06 -20.69 6.34
N SER A 210 34.04 -21.01 5.54
CA SER A 210 33.82 -22.34 4.95
C SER A 210 33.97 -22.42 3.42
N LEU A 211 34.45 -23.58 2.91
CA LEU A 211 34.46 -23.92 1.48
C LEU A 211 33.67 -25.22 1.17
N GLN A 212 33.40 -25.42 -0.13
CA GLN A 212 33.19 -26.77 -0.71
C GLN A 212 34.31 -27.16 -1.65
N PHE A 213 34.62 -28.44 -1.62
CA PHE A 213 35.68 -28.95 -2.43
C PHE A 213 35.25 -30.38 -2.57
N ARG A 214 34.62 -30.71 -3.69
CA ARG A 214 34.34 -32.11 -4.02
C ARG A 214 35.68 -32.62 -4.55
N LEU A 215 36.14 -33.75 -4.00
CA LEU A 215 37.46 -34.29 -4.34
C LEU A 215 37.59 -35.80 -4.35
N TYR A 216 37.70 -36.31 -5.57
CA TYR A 216 37.61 -37.74 -5.88
C TYR A 216 36.40 -38.41 -5.22
N GLY A 217 35.24 -37.82 -5.47
CA GLY A 217 33.97 -38.36 -5.03
C GLY A 217 33.38 -37.91 -3.70
N THR A 218 34.14 -37.17 -2.91
CA THR A 218 33.60 -36.65 -1.64
C THR A 218 33.52 -35.12 -1.67
N ASP A 219 32.35 -34.59 -1.26
CA ASP A 219 32.19 -33.16 -1.00
C ASP A 219 32.69 -32.86 0.42
N TYR A 220 33.72 -32.02 0.50
CA TYR A 220 34.33 -31.61 1.77
C TYR A 220 33.96 -30.18 2.17
N THR A 221 33.43 -30.08 3.38
CA THR A 221 33.14 -28.82 4.07
C THR A 221 34.37 -28.47 4.93
N VAL A 222 35.24 -27.62 4.37
CA VAL A 222 36.52 -27.27 5.01
C VAL A 222 36.45 -25.87 5.55
N TYR A 223 36.90 -25.70 6.80
CA TYR A 223 36.99 -24.42 7.45
C TYR A 223 38.37 -23.93 7.12
N THR A 224 38.48 -22.71 6.61
CA THR A 224 39.81 -22.11 6.42
C THR A 224 39.85 -20.62 6.60
N HIS A 225 40.92 -20.20 7.19
CA HIS A 225 41.12 -18.80 7.44
C HIS A 225 42.54 -18.43 7.32
N SER A 226 42.80 -17.18 6.99
CA SER A 226 44.14 -16.72 6.88
C SER A 226 44.27 -15.46 7.67
N PHE A 227 45.20 -15.43 8.61
CA PHE A 227 45.38 -14.25 9.49
C PHE A 227 46.49 -13.39 8.94
N LEU A 228 46.09 -12.38 8.17
CA LEU A 228 47.02 -11.43 7.60
C LEU A 228 47.72 -10.67 8.75
N CYS A 229 49.01 -10.43 8.58
CA CYS A 229 49.84 -9.82 9.62
C CYS A 229 50.17 -10.76 10.74
N TYR A 230 49.82 -12.05 10.60
CA TYR A 230 50.14 -13.03 11.66
C TYR A 230 51.18 -14.10 11.28
N GLY A 231 51.78 -13.92 10.10
CA GLY A 231 53.12 -14.46 9.85
C GLY A 231 54.10 -14.04 10.94
N LYS A 232 55.21 -14.79 11.05
CA LYS A 232 56.17 -14.51 12.13
C LYS A 232 56.86 -13.16 12.11
N ASP A 233 57.16 -12.66 10.91
CA ASP A 233 57.78 -11.37 10.78
C ASP A 233 56.86 -10.25 11.05
N GLN A 234 55.65 -10.32 10.52
CA GLN A 234 54.74 -9.21 10.70
C GLN A 234 54.33 -9.19 12.12
N ALA A 235 54.36 -10.34 12.78
CA ALA A 235 54.00 -10.35 14.18
C ALA A 235 55.13 -9.78 15.00
N LEU A 236 56.37 -10.06 14.58
CA LEU A 236 57.49 -9.38 15.20
C LEU A 236 57.31 -7.87 15.12
N TRP A 237 57.09 -7.32 13.92
CA TRP A 237 57.01 -5.87 13.80
CA TRP A 237 56.93 -5.87 13.71
C TRP A 237 55.83 -5.32 14.56
N GLN A 238 54.71 -6.04 14.62
CA GLN A 238 53.60 -5.62 15.48
C GLN A 238 54.04 -5.41 16.91
N LYS A 239 54.79 -6.38 17.43
CA LYS A 239 55.23 -6.42 18.79
C LYS A 239 56.22 -5.29 19.12
N LEU A 240 57.20 -5.06 18.26
CA LEU A 240 58.10 -3.96 18.46
C LEU A 240 57.27 -2.68 18.46
N ALA A 241 56.45 -2.54 17.40
CA ALA A 241 55.62 -1.35 17.23
C ALA A 241 54.77 -1.05 18.45
N GLN A 242 54.32 -2.10 19.12
CA GLN A 242 53.47 -1.88 20.27
C GLN A 242 54.31 -1.43 21.44
N ASP A 243 55.42 -2.12 21.61
CA ASP A 243 56.06 -2.06 22.89
C ASP A 243 57.02 -0.90 22.98
N ILE A 244 57.50 -0.39 21.85
CA ILE A 244 58.31 0.83 21.81
C ILE A 244 57.62 2.01 22.56
N GLN A 245 58.26 2.49 23.61
CA GLN A 245 57.70 3.64 24.24
C GLN A 245 58.41 4.92 23.77
N VAL A 246 57.65 6.01 23.68
CA VAL A 246 58.18 7.33 23.31
C VAL A 246 59.43 7.77 24.11
N SER A 247 59.31 7.62 25.44
CA SER A 247 60.38 7.84 26.45
C SER A 247 61.69 7.06 26.24
N SER A 248 61.64 6.04 25.38
CA SER A 248 62.61 4.93 25.30
C SER A 248 64.07 5.29 25.31
N GLY A 249 64.41 6.53 25.04
CA GLY A 249 65.82 6.83 24.77
C GLY A 249 66.36 6.40 23.41
N GLY A 250 65.65 5.50 22.70
CA GLY A 250 66.06 4.96 21.37
C GLY A 250 66.55 3.51 21.45
N ILE A 251 66.11 2.82 22.50
CA ILE A 251 66.53 1.48 22.89
C ILE A 251 65.22 0.80 23.23
N LEU A 252 65.01 -0.41 22.70
CA LEU A 252 63.96 -1.26 23.22
C LEU A 252 64.56 -2.51 23.85
N LYS A 253 64.36 -2.62 25.15
CA LYS A 253 64.67 -3.85 25.83
C LYS A 253 63.62 -4.86 25.48
N ASP A 254 64.05 -6.02 25.01
CA ASP A 254 63.09 -7.01 24.61
C ASP A 254 63.40 -8.41 25.15
N PRO A 255 62.43 -9.05 25.79
CA PRO A 255 62.72 -10.39 26.28
C PRO A 255 62.58 -11.53 25.27
N CYS A 256 62.17 -11.27 24.04
CA CYS A 256 62.15 -12.37 23.05
C CYS A 256 63.46 -12.51 22.36
N PHE A 257 64.46 -11.73 22.77
CA PHE A 257 65.80 -11.86 22.17
C PHE A 257 66.82 -12.14 23.25
N TYR A 258 67.94 -12.75 22.86
CA TYR A 258 68.88 -13.29 23.85
C TYR A 258 69.66 -12.23 24.54
N PRO A 259 69.95 -12.42 25.87
CA PRO A 259 70.80 -11.42 26.48
C PRO A 259 72.01 -11.08 25.54
N GLY A 260 72.26 -9.79 25.31
CA GLY A 260 73.36 -9.37 24.48
C GLY A 260 73.05 -9.24 23.01
N TYR A 261 71.89 -9.69 22.61
CA TYR A 261 71.45 -9.34 21.25
C TYR A 261 71.19 -7.82 21.07
N LYS A 262 71.69 -7.24 19.98
CA LYS A 262 71.38 -5.85 19.64
C LYS A 262 71.01 -5.81 18.19
N LYS A 263 69.95 -5.10 17.83
CA LYS A 263 69.71 -4.79 16.41
C LYS A 263 69.14 -3.40 16.27
N VAL A 264 69.57 -2.65 15.26
CA VAL A 264 69.05 -1.32 15.06
C VAL A 264 67.91 -1.40 14.08
N VAL A 265 66.82 -0.70 14.38
CA VAL A 265 65.56 -0.78 13.63
C VAL A 265 65.19 0.60 13.20
N ASN A 266 64.93 0.79 11.89
CA ASN A 266 64.51 2.08 11.32
C ASN A 266 62.98 2.23 11.42
N VAL A 267 62.57 3.36 11.99
CA VAL A 267 61.19 3.62 12.29
C VAL A 267 60.29 3.67 11.05
N SER A 268 60.78 4.26 9.98
CA SER A 268 60.05 4.24 8.75
C SER A 268 59.91 2.82 8.14
N GLU A 269 60.77 1.85 8.47
CA GLU A 269 60.48 0.46 8.05
C GLU A 269 59.36 -0.11 8.89
N LEU A 270 59.47 0.09 10.19
CA LEU A 270 58.55 -0.45 11.16
C LEU A 270 57.12 -0.04 10.86
N TYR A 271 56.96 1.24 10.55
CA TYR A 271 55.66 1.81 10.26
C TYR A 271 55.29 1.64 8.79
N GLY A 272 56.24 1.07 8.04
CA GLY A 272 56.11 0.90 6.59
C GLY A 272 55.18 -0.22 6.15
N THR A 273 54.61 -0.94 7.12
CA THR A 273 53.70 -2.01 6.85
C THR A 273 52.34 -1.71 7.47
N PRO A 274 51.25 -2.08 6.75
CA PRO A 274 49.89 -1.94 7.24
C PRO A 274 49.69 -2.56 8.63
N CYS A 275 50.55 -3.52 8.99
CA CYS A 275 50.37 -4.37 10.18
C CYS A 275 50.64 -3.65 11.49
N THR A 276 51.34 -2.51 11.43
CA THR A 276 51.64 -1.71 12.59
C THR A 276 50.89 -0.41 12.47
N LYS A 277 50.15 -0.25 11.39
CA LYS A 277 49.25 0.89 11.30
C LYS A 277 48.54 1.15 12.63
N ARG A 278 47.85 0.17 13.21
CA ARG A 278 47.13 0.38 14.49
C ARG A 278 48.04 0.82 15.63
N PHE A 279 49.34 0.61 15.50
CA PHE A 279 50.29 1.00 16.56
C PHE A 279 51.09 2.29 16.36
N GLU A 280 50.96 2.97 15.23
CA GLU A 280 51.78 4.14 14.90
C GLU A 280 51.78 5.19 16.00
N LYS A 281 52.93 5.78 16.29
CA LYS A 281 53.05 6.85 17.26
C LYS A 281 54.06 7.79 16.71
N LYS A 282 53.98 9.04 17.11
CA LYS A 282 55.02 10.00 16.79
C LYS A 282 56.23 9.60 17.64
N LEU A 283 57.37 9.31 16.99
CA LEU A 283 58.60 9.00 17.72
C LEU A 283 59.70 10.02 17.45
N PRO A 284 60.46 10.39 18.50
CA PRO A 284 61.51 11.44 18.38
C PRO A 284 62.87 10.91 17.87
N PHE A 285 62.86 9.79 17.15
CA PHE A 285 64.06 9.19 16.58
C PHE A 285 63.71 8.39 15.31
N ASN A 286 64.62 8.42 14.32
CA ASN A 286 64.66 7.60 13.09
C ASN A 286 64.86 6.16 13.38
N GLN A 287 65.66 5.84 14.39
CA GLN A 287 65.88 4.43 14.67
C GLN A 287 66.07 4.10 16.09
N PHE A 288 65.97 2.82 16.38
CA PHE A 288 66.25 2.40 17.74
C PHE A 288 66.89 1.04 17.79
N GLN A 289 67.50 0.72 18.93
CA GLN A 289 68.16 -0.54 19.09
C GLN A 289 67.46 -1.58 19.99
N VAL A 290 67.27 -2.79 19.45
CA VAL A 290 66.64 -3.85 20.21
C VAL A 290 67.74 -4.52 21.03
N GLN A 291 67.43 -4.73 22.32
CA GLN A 291 68.35 -5.35 23.25
C GLN A 291 67.67 -6.47 23.95
N GLY A 292 68.12 -7.67 23.66
CA GLY A 292 67.53 -8.85 24.28
C GLY A 292 67.69 -8.85 25.78
N THR A 293 66.63 -9.17 26.52
CA THR A 293 66.83 -9.51 27.91
C THR A 293 66.60 -11.01 28.11
N GLY A 294 66.21 -11.67 27.03
CA GLY A 294 66.22 -13.12 26.92
C GLY A 294 65.45 -13.80 28.03
N ASP A 295 64.16 -13.48 28.16
CA ASP A 295 63.28 -14.13 29.15
C ASP A 295 61.93 -14.61 28.58
N TYR A 296 61.77 -15.92 28.50
CA TYR A 296 60.64 -16.53 27.81
C TYR A 296 59.30 -16.16 28.42
N GLU A 297 59.15 -16.34 29.74
CA GLU A 297 57.99 -15.86 30.50
C GLU A 297 57.42 -14.57 29.92
N GLN A 298 58.27 -13.54 30.00
CA GLN A 298 57.98 -12.18 29.58
C GLN A 298 57.79 -12.03 28.07
N CYS A 299 58.60 -12.72 27.26
CA CYS A 299 58.37 -12.76 25.83
C CYS A 299 56.94 -13.24 25.50
N HIS A 300 56.59 -14.39 26.04
CA HIS A 300 55.20 -14.87 26.05
C HIS A 300 54.24 -13.83 26.50
N GLN A 301 54.36 -13.29 27.71
CA GLN A 301 53.52 -12.15 28.12
C GLN A 301 53.30 -11.20 26.94
N SER A 302 54.39 -10.68 26.39
CA SER A 302 54.33 -9.48 25.55
C SER A 302 53.84 -9.81 24.18
N ILE A 303 53.94 -11.09 23.83
CA ILE A 303 53.44 -11.58 22.55
C ILE A 303 51.93 -11.62 22.65
N LEU A 304 51.41 -12.07 23.78
CA LEU A 304 49.97 -12.23 23.91
C LEU A 304 49.29 -10.92 23.60
N LYS A 305 49.84 -9.83 24.13
CA LYS A 305 49.34 -8.47 23.90
C LYS A 305 49.02 -8.10 22.41
N ILE A 306 49.72 -8.62 21.40
CA ILE A 306 49.26 -8.29 20.06
C ILE A 306 48.08 -9.14 19.57
N PHE A 307 47.50 -9.93 20.47
CA PHE A 307 46.24 -10.64 20.21
C PHE A 307 45.12 -10.09 21.10
N ASN A 308 43.90 -10.14 20.55
CA ASN A 308 42.69 -9.87 21.31
C ASN A 308 42.00 -11.13 21.79
N CYS A 312 34.74 -12.06 20.59
CA CYS A 312 34.32 -13.35 20.05
C CYS A 312 32.80 -13.60 20.13
N PRO A 313 32.05 -13.27 19.05
CA PRO A 313 30.61 -13.59 19.04
C PRO A 313 30.21 -15.07 19.29
N TYR A 314 31.13 -16.01 19.03
CA TYR A 314 30.85 -17.46 18.84
C TYR A 314 31.03 -18.32 20.07
N SER A 315 30.71 -19.61 19.92
CA SER A 315 31.10 -20.61 20.91
C SER A 315 32.60 -20.48 21.15
N GLN A 316 33.38 -20.46 20.07
CA GLN A 316 34.82 -20.24 20.22
C GLN A 316 35.44 -19.50 19.03
N CYS A 317 36.59 -18.89 19.25
CA CYS A 317 37.31 -18.21 18.18
C CYS A 317 38.76 -18.63 18.11
N ALA A 318 39.46 -18.08 17.12
CA ALA A 318 40.88 -18.24 17.03
C ALA A 318 41.36 -17.15 17.97
N PHE A 319 41.60 -15.96 17.42
CA PHE A 319 41.92 -14.71 18.13
C PHE A 319 41.27 -13.59 17.31
N ASN A 320 41.25 -12.35 17.84
CA ASN A 320 40.60 -11.22 17.13
C ASN A 320 39.16 -11.40 16.62
N GLY A 321 38.26 -11.97 17.40
CA GLY A 321 36.87 -12.10 16.98
C GLY A 321 36.63 -13.02 15.80
N VAL A 322 37.67 -13.70 15.31
CA VAL A 322 37.45 -14.66 14.22
C VAL A 322 37.04 -16.06 14.72
N PHE A 323 35.96 -16.60 14.14
CA PHE A 323 35.48 -17.95 14.45
C PHE A 323 36.52 -19.05 14.22
N LEU A 324 36.51 -20.03 15.13
CA LEU A 324 37.24 -21.29 14.94
C LEU A 324 36.36 -22.41 15.43
N PRO A 325 36.12 -23.44 14.60
CA PRO A 325 35.41 -24.60 15.14
C PRO A 325 36.25 -25.34 16.21
N PRO A 326 35.62 -26.34 16.88
CA PRO A 326 36.36 -27.27 17.72
C PRO A 326 37.53 -27.93 16.95
N LEU A 327 38.68 -28.08 17.58
CA LEU A 327 39.75 -28.84 16.95
C LEU A 327 39.28 -30.22 16.73
N GLN A 328 39.72 -30.82 15.64
CA GLN A 328 39.25 -32.12 15.31
C GLN A 328 40.30 -32.89 14.54
N GLY A 329 40.64 -34.08 15.04
CA GLY A 329 41.54 -34.98 14.35
C GLY A 329 42.95 -34.46 14.34
N SER A 330 43.75 -34.96 13.40
CA SER A 330 45.20 -34.65 13.29
C SER A 330 45.61 -33.65 12.22
N PHE A 331 46.81 -33.07 12.40
CA PHE A 331 47.29 -31.90 11.65
C PHE A 331 48.72 -31.99 11.20
N GLY A 332 49.02 -31.45 10.02
CA GLY A 332 50.42 -31.32 9.61
C GLY A 332 50.80 -29.86 9.60
N ALA A 333 51.67 -29.43 10.51
CA ALA A 333 52.12 -28.04 10.49
C ALA A 333 53.37 -27.85 9.62
N PHE A 334 53.38 -26.88 8.72
CA PHE A 334 54.56 -26.80 7.83
C PHE A 334 55.15 -25.40 7.59
N SER A 335 55.94 -25.27 6.51
CA SER A 335 56.75 -24.03 6.28
C SER A 335 57.39 -23.61 7.58
N ALA A 336 57.17 -22.38 8.04
CA ALA A 336 57.87 -21.94 9.25
C ALA A 336 57.52 -22.74 10.51
N PHE A 337 56.38 -23.43 10.53
CA PHE A 337 56.08 -24.30 11.67
C PHE A 337 57.12 -25.41 11.71
N TYR A 338 57.52 -25.85 10.54
CA TYR A 338 58.40 -26.97 10.47
C TYR A 338 59.82 -26.51 10.64
N PHE A 339 60.25 -25.49 9.87
CA PHE A 339 61.66 -25.06 10.05
C PHE A 339 62.06 -24.54 11.40
N VAL A 340 61.13 -23.94 12.12
CA VAL A 340 61.40 -23.50 13.50
C VAL A 340 61.28 -24.59 14.54
N MET A 341 60.22 -25.38 14.47
CA MET A 341 60.04 -26.44 15.48
C MET A 341 61.06 -27.51 15.34
N ASP A 342 61.50 -27.75 14.11
CA ASP A 342 62.48 -28.79 13.85
C ASP A 342 63.79 -28.40 14.47
N PHE A 343 64.18 -27.16 14.30
CA PHE A 343 65.34 -26.63 15.04
C PHE A 343 65.25 -26.97 16.52
N PHE A 344 64.16 -26.64 17.19
CA PHE A 344 64.12 -26.96 18.60
C PHE A 344 64.10 -28.44 18.87
N LYS A 345 63.34 -29.20 18.08
CA LYS A 345 63.26 -30.66 18.26
C LYS A 345 64.66 -31.28 18.34
N LYS A 346 65.58 -30.72 17.57
CA LYS A 346 66.95 -31.26 17.49
C LYS A 346 67.80 -30.92 18.68
N MET A 347 67.27 -30.11 19.59
CA MET A 347 67.88 -30.03 20.93
C MET A 347 67.30 -31.07 21.92
N ALA A 348 66.50 -32.03 21.47
CA ALA A 348 66.20 -33.16 22.35
C ALA A 348 67.05 -34.36 21.97
N SER A 353 59.12 -34.07 21.45
CA SER A 353 57.89 -34.73 21.83
C SER A 353 56.87 -33.71 22.40
N SER A 354 56.54 -33.84 23.70
CA SER A 354 55.47 -33.08 24.37
C SER A 354 55.67 -31.57 24.53
N GLN A 355 54.57 -30.92 24.85
CA GLN A 355 54.52 -29.48 24.89
C GLN A 355 55.21 -28.87 26.09
N GLU A 356 55.11 -29.49 27.26
CA GLU A 356 55.80 -28.94 28.42
C GLU A 356 57.29 -29.03 28.13
N LYS A 357 57.68 -30.05 27.37
CA LYS A 357 59.07 -30.29 26.97
C LYS A 357 59.50 -29.16 26.05
N MET A 358 58.78 -28.93 24.95
CA MET A 358 59.17 -27.87 24.02
C MET A 358 59.15 -26.50 24.66
N THR A 359 58.39 -26.33 25.72
CA THR A 359 58.42 -25.11 26.49
C THR A 359 59.72 -25.03 27.29
N GLU A 360 60.02 -26.04 28.12
CA GLU A 360 61.29 -26.04 28.87
C GLU A 360 62.53 -25.73 27.92
N ILE A 361 62.56 -26.34 26.73
CA ILE A 361 63.62 -26.15 25.74
C ILE A 361 63.67 -24.69 25.25
N THR A 362 62.51 -24.08 25.04
CA THR A 362 62.51 -22.69 24.60
C THR A 362 62.87 -21.71 25.72
N LYS A 363 62.41 -21.96 26.93
CA LYS A 363 62.82 -21.08 28.02
C LYS A 363 64.33 -21.11 28.07
N ASN A 364 64.90 -22.30 27.96
CA ASN A 364 66.31 -22.39 28.17
C ASN A 364 67.09 -21.72 27.03
N PHE A 365 66.70 -22.01 25.80
CA PHE A 365 67.35 -21.45 24.69
C PHE A 365 67.29 -19.92 24.68
N CYS A 366 66.16 -19.33 25.06
CA CYS A 366 66.06 -17.86 25.19
C CYS A 366 67.02 -17.20 26.21
N SER A 367 67.55 -17.95 27.16
CA SER A 367 68.55 -17.39 28.08
C SER A 367 69.99 -17.47 27.62
N LYS A 368 70.27 -18.26 26.59
CA LYS A 368 71.67 -18.43 26.20
C LYS A 368 72.19 -17.10 25.64
N PRO A 369 73.33 -16.54 26.15
CA PRO A 369 73.63 -15.23 25.59
C PRO A 369 73.88 -15.36 24.09
N TRP A 370 73.69 -14.25 23.39
CA TRP A 370 73.80 -14.21 21.94
C TRP A 370 75.20 -14.65 21.45
N GLU A 371 76.22 -14.36 22.22
CA GLU A 371 77.52 -14.82 21.78
C GLU A 371 77.62 -16.35 21.80
N GLU A 372 77.06 -16.91 22.87
CA GLU A 372 77.02 -18.36 23.09
C GLU A 372 76.21 -18.99 21.97
N VAL A 373 75.11 -18.35 21.61
CA VAL A 373 74.19 -18.99 20.73
C VAL A 373 74.83 -19.09 19.38
N LYS A 374 75.39 -17.96 18.94
CA LYS A 374 76.03 -17.87 17.62
C LYS A 374 77.20 -18.82 17.56
N ALA A 375 78.00 -18.88 18.64
CA ALA A 375 79.05 -19.93 18.73
C ALA A 375 78.48 -21.35 18.69
N SER A 376 77.34 -21.60 19.35
CA SER A 376 76.77 -22.95 19.37
C SER A 376 76.30 -23.36 17.99
N TYR A 377 75.77 -22.41 17.21
CA TYR A 377 75.26 -22.75 15.92
C TYR A 377 75.92 -21.92 14.80
N PRO A 378 77.21 -22.18 14.51
CA PRO A 378 77.90 -21.28 13.61
C PRO A 378 77.48 -21.43 12.17
N THR A 379 76.82 -22.52 11.82
CA THR A 379 76.55 -22.76 10.41
C THR A 379 75.23 -22.15 9.96
N VAL A 380 74.50 -21.60 10.91
CA VAL A 380 73.21 -21.01 10.61
C VAL A 380 73.31 -19.50 10.43
N LYS A 381 72.52 -19.05 9.46
CA LYS A 381 72.39 -17.69 9.02
C LYS A 381 71.94 -16.87 10.16
N GLU A 382 72.66 -15.79 10.48
CA GLU A 382 72.32 -15.04 11.71
C GLU A 382 70.92 -14.49 11.63
N LYS A 383 70.42 -14.33 10.40
CA LYS A 383 69.10 -13.75 10.18
C LYS A 383 68.00 -14.69 10.70
N TYR A 384 68.09 -16.00 10.42
CA TYR A 384 67.19 -16.98 11.06
C TYR A 384 67.50 -17.20 12.55
N LEU A 385 68.75 -17.56 12.85
CA LEU A 385 69.21 -17.84 14.22
C LEU A 385 68.83 -16.78 15.22
N SER A 386 68.97 -15.55 14.85
CA SER A 386 68.65 -14.50 15.78
C SER A 386 67.18 -14.46 16.12
N GLU A 387 66.33 -15.11 15.31
CA GLU A 387 64.84 -14.97 15.48
C GLU A 387 64.26 -16.13 16.22
N TYR A 388 65.03 -17.15 16.46
CA TYR A 388 64.42 -18.35 16.95
C TYR A 388 63.74 -18.31 18.30
N CYS A 389 64.25 -17.56 19.27
CA CYS A 389 63.61 -17.51 20.57
C CYS A 389 62.24 -16.93 20.36
N PHE A 390 62.19 -15.93 19.50
CA PHE A 390 60.96 -15.21 19.35
C PHE A 390 59.97 -16.09 18.65
N SER A 391 60.33 -16.58 17.48
CA SER A 391 59.54 -17.57 16.71
C SER A 391 59.04 -18.80 17.49
N GLY A 392 59.92 -19.45 18.24
CA GLY A 392 59.56 -20.54 19.11
C GLY A 392 58.47 -20.13 20.06
N THR A 393 58.65 -18.99 20.73
CA THR A 393 57.64 -18.56 21.68
C THR A 393 56.36 -18.20 20.94
N TYR A 394 56.52 -17.56 19.79
CA TYR A 394 55.38 -17.22 18.97
C TYR A 394 54.58 -18.46 18.62
N ILE A 395 55.22 -19.36 17.90
CA ILE A 395 54.63 -20.61 17.50
C ILE A 395 53.89 -21.29 18.63
N LEU A 396 54.51 -21.31 19.79
CA LEU A 396 53.92 -21.97 20.91
C LEU A 396 52.65 -21.22 21.30
N SER A 397 52.63 -19.90 21.29
CA SER A 397 51.35 -19.21 21.68
C SER A 397 50.30 -19.40 20.64
N LEU A 398 50.71 -19.33 19.37
CA LEU A 398 49.76 -19.46 18.23
C LEU A 398 49.04 -20.78 18.27
N LEU A 399 49.79 -21.85 18.42
CA LEU A 399 49.20 -23.15 18.51
C LEU A 399 48.36 -23.37 19.78
N LEU A 400 48.84 -22.91 20.92
CA LEU A 400 48.16 -23.20 22.17
C LEU A 400 47.02 -22.26 22.48
N GLN A 401 47.25 -20.95 22.45
CA GLN A 401 46.16 -20.00 22.77
C GLN A 401 45.30 -19.63 21.58
N GLY A 402 45.96 -19.43 20.45
CA GLY A 402 45.23 -19.13 19.23
C GLY A 402 44.37 -20.34 18.89
N TYR A 403 45.03 -21.38 18.39
CA TYR A 403 44.33 -22.54 17.87
C TYR A 403 43.83 -23.53 18.94
N ASN A 404 44.10 -23.28 20.23
CA ASN A 404 43.60 -24.09 21.35
C ASN A 404 44.09 -25.53 21.38
N PHE A 405 45.32 -25.72 20.92
CA PHE A 405 45.88 -27.07 20.87
C PHE A 405 46.35 -27.52 22.23
N THR A 406 45.76 -26.93 23.26
CA THR A 406 46.28 -27.11 24.61
C THR A 406 46.11 -28.58 25.08
N GLY A 407 46.96 -28.99 26.02
CA GLY A 407 46.84 -30.30 26.70
C GLY A 407 46.92 -31.47 25.73
N THR A 408 45.97 -32.41 25.89
CA THR A 408 45.70 -33.53 24.95
C THR A 408 45.88 -33.21 23.43
N SER A 409 45.37 -32.06 22.97
CA SER A 409 45.30 -31.73 21.54
C SER A 409 46.68 -31.70 20.92
N TRP A 410 47.69 -31.33 21.71
CA TRP A 410 49.03 -31.01 21.22
C TRP A 410 49.64 -32.03 20.32
N ASP A 411 49.46 -33.29 20.67
CA ASP A 411 50.21 -34.35 20.00
C ASP A 411 49.61 -34.74 18.66
N GLN A 412 48.46 -34.16 18.32
CA GLN A 412 47.87 -34.30 16.97
C GLN A 412 48.65 -33.54 15.87
N ILE A 413 49.62 -32.70 16.25
CA ILE A 413 50.37 -31.92 15.29
C ILE A 413 51.66 -32.64 14.91
N HIS A 414 51.82 -32.89 13.62
CA HIS A 414 53.08 -33.39 13.11
C HIS A 414 53.69 -32.39 12.22
N PHE A 415 54.82 -31.88 12.63
CA PHE A 415 55.55 -30.96 11.83
C PHE A 415 56.18 -31.70 10.68
N MET A 416 56.18 -31.10 9.51
CA MET A 416 56.72 -31.77 8.34
C MET A 416 57.30 -30.77 7.36
N GLY A 417 58.50 -31.07 6.89
CA GLY A 417 59.05 -30.35 5.79
C GLY A 417 58.44 -30.85 4.50
N LYS A 418 58.72 -32.10 4.15
CA LYS A 418 58.34 -32.54 2.83
C LYS A 418 57.86 -34.00 2.77
N ILE A 419 56.80 -34.27 2.02
CA ILE A 419 56.35 -35.65 1.91
C ILE A 419 56.71 -36.24 0.52
N LYS A 420 57.34 -37.42 0.51
CA LYS A 420 57.73 -38.12 -0.73
C LYS A 420 58.63 -37.25 -1.64
N ASP A 421 59.75 -36.83 -1.09
CA ASP A 421 60.61 -35.89 -1.80
C ASP A 421 59.85 -34.66 -2.41
N SER A 422 58.64 -34.34 -1.89
CA SER A 422 57.82 -33.13 -2.27
C SER A 422 57.45 -32.20 -1.09
N ASN A 423 57.57 -30.89 -1.27
CA ASN A 423 57.26 -29.92 -0.20
C ASN A 423 55.82 -29.75 0.27
N ALA A 424 55.63 -29.59 1.58
CA ALA A 424 54.32 -29.14 2.07
C ALA A 424 54.18 -27.65 1.80
N GLY A 425 53.07 -27.29 1.18
CA GLY A 425 53.00 -26.00 0.54
C GLY A 425 51.82 -26.05 -0.36
N TRP A 426 51.40 -24.89 -0.81
CA TRP A 426 50.15 -24.82 -1.53
C TRP A 426 50.35 -25.20 -2.95
N THR A 427 51.61 -25.19 -3.38
CA THR A 427 51.94 -25.13 -4.79
C THR A 427 51.51 -26.40 -5.52
N LEU A 428 51.82 -27.56 -4.93
CA LEU A 428 51.44 -28.82 -5.53
C LEU A 428 49.91 -28.93 -5.59
N GLY A 429 49.25 -28.64 -4.47
CA GLY A 429 47.81 -28.60 -4.44
C GLY A 429 47.23 -27.78 -5.58
N TYR A 430 47.88 -26.66 -5.91
CA TYR A 430 47.48 -25.82 -7.02
C TYR A 430 47.60 -26.57 -8.30
N MET A 431 48.73 -27.26 -8.41
CA MET A 431 49.09 -28.03 -9.59
C MET A 431 48.04 -29.08 -9.97
N LEU A 432 47.48 -29.77 -8.99
CA LEU A 432 46.38 -30.72 -9.23
C LEU A 432 45.09 -30.06 -9.72
N ASN A 433 44.84 -28.85 -9.24
CA ASN A 433 43.75 -28.02 -9.74
C ASN A 433 44.04 -27.60 -11.16
N LEU A 434 45.21 -27.00 -11.38
CA LEU A 434 45.59 -26.48 -12.68
C LEU A 434 45.86 -27.59 -13.72
N THR A 435 45.44 -28.83 -13.43
CA THR A 435 45.22 -29.86 -14.49
C THR A 435 43.92 -30.64 -14.27
N ASN A 436 42.98 -30.05 -13.52
CA ASN A 436 41.63 -30.62 -13.25
C ASN A 436 41.64 -32.15 -13.04
N MET A 437 42.45 -32.61 -12.07
CA MET A 437 42.91 -34.00 -12.02
C MET A 437 41.88 -35.12 -11.85
N VAL B 33 6.35 -20.60 -32.31
CA VAL B 33 6.65 -20.03 -30.95
C VAL B 33 7.04 -21.12 -29.95
N LYS B 34 8.08 -20.87 -29.13
CA LYS B 34 8.60 -21.84 -28.14
C LYS B 34 8.34 -21.34 -26.70
N TYR B 35 8.25 -22.27 -25.74
CA TYR B 35 7.98 -21.95 -24.33
C TYR B 35 8.93 -22.65 -23.40
N GLY B 36 9.14 -22.03 -22.23
CA GLY B 36 9.94 -22.63 -21.18
C GLY B 36 9.44 -22.18 -19.85
N ILE B 37 9.62 -23.04 -18.86
CA ILE B 37 9.14 -22.74 -17.52
C ILE B 37 10.26 -22.89 -16.53
N VAL B 38 10.46 -21.88 -15.69
CA VAL B 38 11.45 -21.94 -14.61
C VAL B 38 10.79 -21.60 -13.28
N LEU B 39 10.98 -22.45 -12.30
CA LEU B 39 10.52 -22.12 -10.94
C LEU B 39 11.68 -21.60 -10.09
N ASP B 40 11.52 -20.42 -9.55
CA ASP B 40 12.47 -19.79 -8.67
C ASP B 40 11.94 -20.12 -7.26
N ALA B 41 12.60 -21.06 -6.63
CA ALA B 41 12.24 -21.54 -5.31
C ALA B 41 13.08 -20.79 -4.28
N GLY B 42 12.62 -19.61 -3.90
CA GLY B 42 13.32 -18.79 -2.96
C GLY B 42 12.76 -19.06 -1.57
N SER B 43 13.40 -18.47 -0.58
CA SER B 43 13.04 -18.80 0.78
C SER B 43 11.68 -18.27 1.28
N SER B 44 11.11 -17.23 0.65
CA SER B 44 9.77 -16.78 1.06
C SER B 44 8.70 -17.20 0.08
N HIS B 45 9.07 -17.39 -1.18
CA HIS B 45 8.10 -17.76 -2.21
CA HIS B 45 8.10 -17.78 -2.19
C HIS B 45 8.72 -18.60 -3.26
N THR B 46 7.91 -19.43 -3.88
CA THR B 46 8.28 -20.10 -5.13
C THR B 46 7.52 -19.33 -6.24
N ASN B 47 8.28 -18.82 -7.21
CA ASN B 47 7.66 -18.08 -8.28
C ASN B 47 7.92 -18.88 -9.53
N LEU B 48 6.88 -19.05 -10.34
CA LEU B 48 6.97 -19.82 -11.57
C LEU B 48 6.90 -18.82 -12.69
N TYR B 49 7.85 -18.91 -13.62
CA TYR B 49 7.86 -18.06 -14.81
C TYR B 49 7.68 -18.88 -16.07
N ILE B 50 6.80 -18.42 -16.97
CA ILE B 50 6.71 -18.97 -18.28
C ILE B 50 7.34 -17.99 -19.25
N TYR B 51 8.37 -18.45 -19.97
CA TYR B 51 8.97 -17.67 -21.05
C TYR B 51 8.50 -18.15 -22.40
N LYS B 52 8.54 -17.28 -23.40
CA LYS B 52 8.27 -17.68 -24.78
C LYS B 52 9.12 -16.88 -25.78
N TRP B 53 9.35 -17.41 -26.98
CA TRP B 53 10.18 -16.74 -27.98
C TRP B 53 9.86 -17.19 -29.38
N PRO B 54 9.62 -16.25 -30.33
CA PRO B 54 9.40 -16.65 -31.73
C PRO B 54 10.58 -17.40 -32.33
N VAL B 63 14.17 -12.58 -29.57
CA VAL B 63 14.22 -12.13 -28.18
C VAL B 63 13.15 -12.88 -27.35
N VAL B 64 13.54 -13.27 -26.14
CA VAL B 64 12.72 -14.03 -25.21
C VAL B 64 11.98 -13.09 -24.28
N GLN B 65 10.71 -13.41 -24.00
CA GLN B 65 9.87 -12.57 -23.14
C GLN B 65 9.18 -13.41 -22.09
N GLN B 66 8.88 -12.77 -20.96
CA GLN B 66 8.11 -13.43 -19.94
C GLN B 66 6.69 -13.42 -20.44
N LEU B 67 6.07 -14.60 -20.50
CA LEU B 67 4.67 -14.66 -20.87
C LEU B 67 3.79 -14.42 -19.65
N GLU B 68 4.09 -15.10 -18.57
CA GLU B 68 3.32 -14.94 -17.37
C GLU B 68 4.14 -15.38 -16.20
N GLU B 69 3.73 -14.91 -15.02
CA GLU B 69 4.31 -15.32 -13.76
C GLU B 69 3.23 -15.79 -12.83
N CYS B 70 3.56 -16.69 -11.92
CA CYS B 70 2.61 -17.20 -10.93
C CYS B 70 3.30 -17.29 -9.57
N GLN B 71 2.72 -16.76 -8.51
CA GLN B 71 3.38 -16.89 -7.22
C GLN B 71 2.65 -17.97 -6.47
N VAL B 72 3.39 -18.98 -6.08
CA VAL B 72 2.81 -20.10 -5.35
C VAL B 72 2.47 -19.57 -3.96
N LYS B 73 1.24 -19.79 -3.52
CA LYS B 73 0.84 -19.37 -2.17
C LYS B 73 1.62 -20.19 -1.14
N GLY B 74 1.86 -19.60 0.02
CA GLY B 74 2.69 -20.24 1.04
C GLY B 74 4.15 -19.76 1.13
N PRO B 75 4.95 -20.44 1.95
CA PRO B 75 6.36 -20.06 2.04
C PRO B 75 7.18 -20.82 1.04
N GLY B 76 8.50 -20.81 1.21
CA GLY B 76 9.36 -21.53 0.30
C GLY B 76 9.34 -23.00 0.61
N ILE B 77 9.82 -23.80 -0.35
CA ILE B 77 9.75 -25.24 -0.22
C ILE B 77 10.48 -25.86 0.99
N SER B 78 11.49 -25.16 1.51
CA SER B 78 12.25 -25.71 2.62
C SER B 78 11.33 -25.89 3.83
N LYS B 79 10.25 -25.10 3.89
CA LYS B 79 9.31 -25.23 5.02
C LYS B 79 8.51 -26.53 4.96
N TYR B 80 8.73 -27.29 3.89
CA TYR B 80 8.08 -28.58 3.72
C TYR B 80 8.85 -29.81 4.18
N ALA B 81 10.01 -29.57 4.80
CA ALA B 81 10.94 -30.61 5.19
C ALA B 81 10.26 -31.80 5.84
N GLN B 82 9.26 -31.58 6.70
CA GLN B 82 8.53 -32.71 7.28
C GLN B 82 7.50 -33.27 6.32
N LYS B 83 6.72 -32.36 5.75
CA LYS B 83 5.48 -32.68 5.12
C LYS B 83 5.58 -32.57 3.61
N THR B 84 6.55 -33.30 3.08
CA THR B 84 6.84 -33.28 1.66
C THR B 84 5.69 -33.80 0.82
N ASP B 85 4.86 -34.68 1.40
CA ASP B 85 3.69 -35.16 0.64
C ASP B 85 2.68 -34.06 0.31
N GLU B 86 2.72 -32.97 1.06
CA GLU B 86 1.90 -31.79 0.77
C GLU B 86 2.38 -30.91 -0.38
N ILE B 87 3.63 -31.09 -0.78
CA ILE B 87 4.22 -30.29 -1.89
C ILE B 87 3.40 -30.31 -3.19
N ALA B 88 2.97 -31.49 -3.61
CA ALA B 88 2.13 -31.65 -4.81
C ALA B 88 0.99 -30.62 -4.91
N ALA B 89 0.16 -30.58 -3.86
CA ALA B 89 -0.96 -29.66 -3.82
C ALA B 89 -0.45 -28.20 -3.76
N TYR B 90 0.63 -27.96 -3.01
CA TYR B 90 1.21 -26.64 -2.92
C TYR B 90 1.58 -26.06 -4.29
N LEU B 91 2.09 -26.91 -5.16
CA LEU B 91 2.48 -26.46 -6.46
C LEU B 91 1.33 -26.49 -7.42
N ALA B 92 0.24 -27.15 -7.06
CA ALA B 92 -0.84 -27.42 -8.03
C ALA B 92 -1.40 -26.19 -8.78
N GLU B 93 -1.78 -25.14 -8.06
CA GLU B 93 -2.38 -23.95 -8.69
C GLU B 93 -1.50 -23.33 -9.79
N CYS B 94 -0.22 -23.08 -9.48
CA CYS B 94 0.65 -22.46 -10.49
C CYS B 94 0.97 -23.38 -11.65
N MET B 95 0.94 -24.68 -11.40
CA MET B 95 1.21 -25.65 -12.43
C MET B 95 0.01 -25.82 -13.35
N LYS B 96 -1.19 -25.85 -12.76
CA LYS B 96 -2.43 -25.91 -13.53
C LYS B 96 -2.61 -24.66 -14.41
N MET B 97 -2.23 -23.50 -13.88
CA MET B 97 -2.24 -22.28 -14.68
C MET B 97 -1.44 -22.47 -15.96
N SER B 98 -0.28 -23.10 -15.86
CA SER B 98 0.63 -23.29 -16.99
C SER B 98 0.09 -24.28 -18.05
N THR B 99 -0.56 -25.35 -17.59
CA THR B 99 -1.19 -26.29 -18.50
C THR B 99 -2.42 -25.69 -19.18
N GLU B 100 -3.05 -24.71 -18.53
CA GLU B 100 -4.20 -24.02 -19.14
C GLU B 100 -3.69 -22.90 -20.07
N ARG B 101 -2.41 -22.54 -19.95
CA ARG B 101 -1.88 -21.36 -20.60
C ARG B 101 -1.10 -21.65 -21.84
N ILE B 102 -0.30 -22.71 -21.82
CA ILE B 102 0.48 -23.13 -22.98
C ILE B 102 -0.38 -24.05 -23.85
N PRO B 103 -0.38 -23.88 -25.20
CA PRO B 103 -1.21 -24.78 -26.01
C PRO B 103 -0.76 -26.23 -25.85
N ALA B 104 -1.73 -27.15 -25.77
CA ALA B 104 -1.47 -28.57 -25.51
C ALA B 104 -0.41 -29.20 -26.42
N SER B 105 -0.39 -28.80 -27.70
CA SER B 105 0.57 -29.33 -28.67
C SER B 105 2.01 -28.95 -28.32
N LYS B 106 2.17 -27.76 -27.76
CA LYS B 106 3.48 -27.25 -27.40
C LYS B 106 3.98 -27.81 -26.05
N GLN B 107 3.14 -28.58 -25.36
CA GLN B 107 3.43 -28.94 -23.96
C GLN B 107 4.51 -29.98 -23.66
N HIS B 108 4.55 -31.07 -24.44
CA HIS B 108 5.59 -32.09 -24.26
C HIS B 108 6.98 -31.65 -24.67
N GLN B 109 7.05 -30.71 -25.61
CA GLN B 109 8.30 -30.07 -26.02
C GLN B 109 8.78 -28.95 -25.05
N THR B 110 7.95 -28.58 -24.07
CA THR B 110 8.28 -27.46 -23.17
C THR B 110 9.09 -27.83 -21.91
N PRO B 111 10.31 -27.27 -21.75
CA PRO B 111 11.14 -27.67 -20.65
C PRO B 111 10.70 -27.00 -19.34
N VAL B 112 10.92 -27.71 -18.23
CA VAL B 112 10.57 -27.23 -16.91
C VAL B 112 11.72 -27.42 -15.93
N TYR B 113 12.12 -26.32 -15.31
CA TYR B 113 13.26 -26.29 -14.38
C TYR B 113 12.83 -25.70 -13.04
N LEU B 114 13.38 -26.28 -11.96
CA LEU B 114 13.30 -25.62 -10.67
C LEU B 114 14.70 -25.34 -10.22
N GLY B 115 14.98 -24.07 -9.95
CA GLY B 115 16.24 -23.67 -9.35
C GLY B 115 15.91 -23.14 -7.96
N ALA B 116 16.54 -23.73 -6.96
CA ALA B 116 16.33 -23.32 -5.55
C ALA B 116 17.53 -22.52 -5.07
N THR B 117 17.26 -21.54 -4.22
CA THR B 117 18.30 -20.63 -3.79
C THR B 117 18.64 -20.78 -2.30
N ALA B 118 18.81 -19.64 -1.60
CA ALA B 118 19.42 -19.65 -0.28
C ALA B 118 18.63 -20.41 0.76
N GLY B 119 17.31 -20.44 0.62
CA GLY B 119 16.46 -21.10 1.61
C GLY B 119 16.89 -22.56 1.67
N MET B 120 17.03 -23.13 0.51
CA MET B 120 17.38 -24.51 0.38
C MET B 120 18.87 -24.75 0.65
N ARG B 121 19.71 -23.76 0.38
CA ARG B 121 21.10 -23.85 0.81
C ARG B 121 21.13 -24.09 2.34
N LEU B 122 20.40 -23.27 3.08
CA LEU B 122 20.32 -23.43 4.50
C LEU B 122 19.72 -24.78 4.93
N LEU B 123 18.67 -25.24 4.27
CA LEU B 123 18.12 -26.52 4.63
C LEU B 123 19.15 -27.62 4.43
N ARG B 124 19.84 -27.60 3.30
CA ARG B 124 20.89 -28.59 3.03
C ARG B 124 21.94 -28.58 4.13
N MET B 125 22.31 -27.39 4.53
CA MET B 125 23.27 -27.21 5.58
C MET B 125 22.83 -27.95 6.83
N GLU B 126 21.54 -27.87 7.15
CA GLU B 126 20.99 -28.51 8.34
C GLU B 126 20.83 -30.01 8.17
N SER B 127 20.27 -30.41 7.04
CA SER B 127 20.11 -31.80 6.74
C SER B 127 20.09 -32.02 5.24
N LYS B 128 21.21 -32.53 4.74
CA LYS B 128 21.37 -33.04 3.38
C LYS B 128 20.17 -33.89 2.99
N GLN B 129 19.73 -34.69 3.95
CA GLN B 129 18.70 -35.69 3.74
C GLN B 129 17.39 -34.98 3.45
N SER B 130 17.05 -34.04 4.32
CA SER B 130 15.81 -33.29 4.18
C SER B 130 15.73 -32.60 2.85
N ALA B 131 16.81 -31.88 2.50
CA ALA B 131 16.85 -31.09 1.29
C ALA B 131 16.63 -31.99 0.09
N ASP B 132 17.30 -33.14 0.07
CA ASP B 132 17.10 -34.13 -0.96
C ASP B 132 15.66 -34.59 -1.03
N GLU B 133 15.03 -34.89 0.12
CA GLU B 133 13.63 -35.33 0.16
C GLU B 133 12.70 -34.29 -0.42
N VAL B 134 12.95 -33.04 -0.06
CA VAL B 134 12.17 -31.95 -0.62
C VAL B 134 12.36 -31.88 -2.14
N LEU B 135 13.61 -31.86 -2.60
CA LEU B 135 13.86 -31.84 -4.04
C LEU B 135 13.24 -33.00 -4.79
N ALA B 136 13.23 -34.17 -4.18
CA ALA B 136 12.61 -35.35 -4.81
C ALA B 136 11.10 -35.21 -4.91
N ALA B 137 10.48 -34.72 -3.83
CA ALA B 137 9.03 -34.54 -3.77
C ALA B 137 8.59 -33.52 -4.81
N VAL B 138 9.33 -32.42 -4.90
CA VAL B 138 9.16 -31.44 -5.98
C VAL B 138 9.26 -32.15 -7.33
N SER B 139 10.30 -32.95 -7.50
CA SER B 139 10.55 -33.64 -8.75
C SER B 139 9.39 -34.53 -9.16
N ARG B 140 8.95 -35.41 -8.26
CA ARG B 140 7.83 -36.33 -8.53
C ARG B 140 6.62 -35.53 -8.98
N SER B 141 6.40 -34.40 -8.30
CA SER B 141 5.25 -33.56 -8.55
C SER B 141 5.34 -32.91 -9.95
N LEU B 142 6.48 -32.31 -10.28
CA LEU B 142 6.65 -31.68 -11.59
C LEU B 142 6.69 -32.73 -12.70
N LYS B 143 7.32 -33.86 -12.42
CA LYS B 143 7.44 -34.96 -13.42
C LYS B 143 6.06 -35.39 -13.98
N SER B 144 5.04 -35.21 -13.14
CA SER B 144 3.68 -35.72 -13.42
C SER B 144 2.88 -34.85 -14.40
N TYR B 145 3.31 -33.61 -14.59
CA TYR B 145 2.64 -32.74 -15.55
C TYR B 145 3.07 -33.08 -16.98
N PRO B 146 2.33 -32.60 -18.00
CA PRO B 146 2.75 -33.06 -19.31
C PRO B 146 3.89 -32.26 -19.96
N PHE B 147 4.86 -31.79 -19.18
CA PHE B 147 5.98 -31.05 -19.74
C PHE B 147 7.26 -31.83 -19.73
N ASP B 148 8.31 -31.24 -20.30
CA ASP B 148 9.61 -31.91 -20.39
C ASP B 148 10.43 -31.60 -19.13
N PHE B 149 10.35 -32.49 -18.14
CA PHE B 149 10.98 -32.21 -16.87
C PHE B 149 12.49 -32.18 -17.01
N GLN B 150 13.11 -31.09 -16.54
CA GLN B 150 14.53 -30.88 -16.75
C GLN B 150 15.40 -30.79 -15.51
N GLY B 151 14.82 -31.06 -14.36
CA GLY B 151 15.60 -31.10 -13.15
C GLY B 151 15.16 -30.08 -12.13
N ALA B 152 15.35 -30.45 -10.88
CA ALA B 152 15.16 -29.52 -9.75
C ALA B 152 16.49 -29.53 -9.02
N LYS B 153 17.10 -28.38 -8.85
CA LYS B 153 18.37 -28.34 -8.10
C LYS B 153 18.56 -27.06 -7.33
N ILE B 154 19.51 -27.08 -6.40
CA ILE B 154 19.88 -25.88 -5.65
C ILE B 154 20.95 -25.21 -6.48
N ILE B 155 20.74 -23.99 -6.95
CA ILE B 155 21.77 -23.35 -7.76
C ILE B 155 22.72 -22.66 -6.79
N THR B 156 23.96 -22.44 -7.20
CA THR B 156 24.93 -21.74 -6.34
C THR B 156 24.66 -20.24 -6.31
N GLY B 157 25.23 -19.53 -5.34
CA GLY B 157 25.08 -18.08 -5.25
C GLY B 157 25.86 -17.39 -6.36
N GLN B 158 27.04 -17.95 -6.65
CA GLN B 158 27.85 -17.49 -7.73
C GLN B 158 27.07 -17.59 -9.07
N GLU B 159 26.36 -18.70 -9.33
CA GLU B 159 25.46 -18.77 -10.51
C GLU B 159 24.37 -17.73 -10.47
N GLU B 160 23.59 -17.79 -9.40
CA GLU B 160 22.45 -16.92 -9.20
C GLU B 160 22.76 -15.44 -9.45
N GLY B 161 23.78 -14.92 -8.79
CA GLY B 161 24.17 -13.54 -8.99
C GLY B 161 24.56 -13.32 -10.44
N ALA B 162 25.24 -14.29 -11.06
CA ALA B 162 25.58 -14.15 -12.46
C ALA B 162 24.33 -14.01 -13.26
N TYR B 163 23.51 -15.07 -13.33
CA TYR B 163 22.25 -14.99 -14.10
C TYR B 163 21.42 -13.73 -13.96
N GLY B 164 21.30 -13.17 -12.76
CA GLY B 164 20.49 -11.96 -12.60
C GLY B 164 21.11 -10.74 -13.26
N TRP B 165 22.43 -10.72 -13.26
CA TRP B 165 23.18 -9.75 -13.98
C TRP B 165 22.93 -9.90 -15.46
N ILE B 166 22.79 -11.14 -15.93
CA ILE B 166 22.44 -11.44 -17.33
C ILE B 166 21.02 -10.97 -17.64
N THR B 167 20.03 -11.50 -16.94
CA THR B 167 18.68 -10.99 -17.03
C THR B 167 18.65 -9.46 -17.17
N ILE B 168 19.15 -8.70 -16.20
CA ILE B 168 19.04 -7.24 -16.36
C ILE B 168 19.71 -6.76 -17.64
N ASN B 169 21.00 -7.04 -17.81
CA ASN B 169 21.68 -6.53 -19.00
C ASN B 169 21.07 -6.96 -20.30
N TYR B 170 20.50 -8.14 -20.34
CA TYR B 170 19.72 -8.56 -21.48
C TYR B 170 18.56 -7.60 -21.63
N LEU B 171 17.76 -7.49 -20.57
CA LEU B 171 16.50 -6.76 -20.61
C LEU B 171 16.58 -5.30 -21.04
N LEU B 172 17.64 -4.60 -20.62
CA LEU B 172 17.85 -3.21 -21.00
C LEU B 172 18.30 -3.11 -22.44
N GLY B 173 18.51 -4.27 -23.04
CA GLY B 173 19.04 -4.34 -24.37
C GLY B 173 20.51 -4.02 -24.33
N ARG B 174 21.06 -3.81 -23.13
CA ARG B 174 22.49 -3.57 -22.98
C ARG B 174 23.37 -4.67 -23.65
N PHE B 175 22.76 -5.72 -24.24
CA PHE B 175 23.50 -6.62 -25.13
C PHE B 175 23.23 -6.38 -26.61
N LYS B 176 22.70 -5.20 -26.96
CA LYS B 176 22.43 -4.88 -28.35
C LYS B 176 23.27 -3.70 -28.79
N GLY B 180 29.50 -1.19 -26.20
CA GLY B 180 28.47 -0.90 -25.21
C GLY B 180 29.01 -1.02 -23.80
N SER B 181 28.14 -0.93 -22.80
CA SER B 181 28.55 -1.12 -21.38
C SER B 181 27.35 -1.39 -20.42
N THR B 182 27.63 -1.93 -19.24
CA THR B 182 26.61 -2.73 -18.55
C THR B 182 26.31 -2.38 -17.08
N PHE B 183 25.19 -2.93 -16.63
CA PHE B 183 24.61 -2.62 -15.36
C PHE B 183 24.95 -3.65 -14.34
N GLY B 184 25.30 -3.19 -13.15
CA GLY B 184 25.46 -4.08 -12.02
C GLY B 184 24.12 -4.62 -11.57
N ALA B 185 24.18 -5.79 -10.96
CA ALA B 185 22.99 -6.46 -10.48
C ALA B 185 23.06 -6.65 -8.97
N LEU B 186 22.13 -6.01 -8.26
CA LEU B 186 21.92 -6.19 -6.81
C LEU B 186 20.63 -6.92 -6.47
N ASP B 187 20.76 -8.07 -5.81
CA ASP B 187 19.60 -8.88 -5.47
C ASP B 187 19.49 -9.04 -3.93
N LEU B 188 18.27 -9.11 -3.41
CA LEU B 188 18.10 -9.32 -1.98
C LEU B 188 16.81 -10.01 -1.78
N GLY B 189 16.84 -11.20 -1.18
CA GLY B 189 15.66 -12.00 -0.79
C GLY B 189 15.55 -12.25 0.72
N GLY B 190 14.74 -13.21 1.12
CA GLY B 190 14.66 -13.50 2.54
C GLY B 190 15.97 -13.93 3.17
N SER B 191 16.78 -14.71 2.43
CA SER B 191 17.92 -15.47 2.99
C SER B 191 19.33 -15.04 2.61
N SER B 192 19.52 -14.63 1.36
CA SER B 192 20.84 -14.15 0.90
C SER B 192 20.73 -12.89 0.11
N THR B 193 21.87 -12.26 -0.13
CA THR B 193 21.92 -11.06 -0.97
C THR B 193 23.12 -11.17 -1.92
N GLN B 194 22.93 -10.83 -3.20
CA GLN B 194 24.00 -10.95 -4.22
C GLN B 194 24.34 -9.58 -4.80
N ILE B 195 25.57 -9.46 -5.29
CA ILE B 195 26.01 -8.28 -6.06
C ILE B 195 26.93 -8.71 -7.22
N THR B 196 26.60 -8.26 -8.42
CA THR B 196 27.28 -8.72 -9.62
C THR B 196 27.43 -7.58 -10.58
N PHE B 197 28.68 -7.27 -10.92
CA PHE B 197 29.03 -6.18 -11.82
C PHE B 197 30.46 -6.35 -12.39
N VAL B 198 30.78 -5.62 -13.46
CA VAL B 198 32.12 -5.62 -14.07
C VAL B 198 32.96 -4.45 -13.51
N PRO B 199 34.13 -4.73 -12.90
CA PRO B 199 35.07 -3.63 -12.57
C PRO B 199 36.04 -3.34 -13.72
N LEU B 200 36.76 -2.22 -13.68
CA LEU B 200 37.85 -2.00 -14.64
C LEU B 200 38.94 -3.08 -14.47
N ASN B 201 39.63 -3.43 -15.56
CA ASN B 201 40.72 -4.44 -15.53
C ASN B 201 41.49 -4.51 -14.21
N ALA B 206 41.26 -10.97 -7.30
CA ALA B 206 40.91 -12.03 -6.36
C ALA B 206 40.11 -13.18 -7.03
N PRO B 207 40.79 -14.01 -7.84
CA PRO B 207 40.20 -14.89 -8.87
C PRO B 207 39.10 -15.83 -8.38
N GLU B 208 39.30 -16.40 -7.19
CA GLU B 208 38.30 -17.24 -6.54
C GLU B 208 36.88 -16.70 -6.68
N THR B 209 36.74 -15.39 -6.54
CA THR B 209 35.42 -14.72 -6.55
C THR B 209 34.91 -14.30 -7.96
N SER B 210 35.75 -14.30 -9.00
CA SER B 210 35.26 -13.79 -10.31
C SER B 210 34.65 -14.84 -11.23
N LEU B 211 33.98 -14.37 -12.28
CA LEU B 211 33.63 -15.22 -13.40
C LEU B 211 34.10 -14.64 -14.74
N GLN B 212 34.78 -15.43 -15.58
CA GLN B 212 34.96 -15.04 -17.01
C GLN B 212 33.81 -15.63 -17.84
N PHE B 213 33.34 -14.90 -18.84
CA PHE B 213 32.17 -15.29 -19.62
C PHE B 213 32.18 -14.54 -20.97
N ARG B 214 32.24 -15.25 -22.10
CA ARG B 214 32.18 -14.59 -23.42
C ARG B 214 30.73 -14.54 -23.93
N LEU B 215 30.28 -13.38 -24.39
CA LEU B 215 28.86 -13.16 -24.74
C LEU B 215 28.75 -12.14 -25.85
N TYR B 216 28.28 -12.61 -27.00
CA TYR B 216 28.30 -11.83 -28.23
C TYR B 216 29.73 -11.30 -28.58
N GLY B 217 30.72 -12.19 -28.59
CA GLY B 217 32.07 -11.85 -29.09
C GLY B 217 32.98 -11.14 -28.09
N THR B 218 32.42 -10.77 -26.95
CA THR B 218 33.12 -10.07 -25.86
C THR B 218 33.40 -11.06 -24.73
N ASP B 219 34.63 -11.06 -24.24
CA ASP B 219 35.04 -11.79 -23.03
C ASP B 219 34.82 -10.90 -21.77
N TYR B 220 33.99 -11.35 -20.82
CA TYR B 220 33.66 -10.55 -19.61
C TYR B 220 34.19 -11.14 -18.31
N THR B 221 34.85 -10.30 -17.52
CA THR B 221 35.20 -10.72 -16.19
C THR B 221 34.22 -10.02 -15.26
N VAL B 222 33.36 -10.81 -14.62
CA VAL B 222 32.31 -10.29 -13.74
C VAL B 222 32.53 -10.73 -12.29
N TYR B 223 32.51 -9.74 -11.40
CA TYR B 223 32.57 -9.98 -9.97
C TYR B 223 31.19 -10.31 -9.41
N THR B 224 31.08 -11.49 -8.80
CA THR B 224 29.85 -11.86 -8.13
C THR B 224 30.13 -12.44 -6.75
N HIS B 225 29.26 -12.14 -5.80
CA HIS B 225 29.36 -12.77 -4.49
C HIS B 225 27.99 -12.83 -3.85
N SER B 226 27.79 -13.89 -3.07
CA SER B 226 26.53 -14.12 -2.39
C SER B 226 26.70 -14.21 -0.87
N PHE B 227 25.94 -13.43 -0.10
CA PHE B 227 26.09 -13.38 1.36
C PHE B 227 24.93 -14.10 1.98
N LEU B 228 25.16 -15.37 2.26
CA LEU B 228 24.15 -16.25 2.76
C LEU B 228 23.92 -15.81 4.18
N CYS B 229 22.66 -15.75 4.61
CA CYS B 229 22.30 -15.27 5.93
C CYS B 229 22.13 -13.77 5.94
N TYR B 230 22.35 -13.16 4.79
CA TYR B 230 22.10 -11.72 4.65
C TYR B 230 20.90 -11.23 3.83
N GLY B 231 19.98 -12.15 3.53
CA GLY B 231 18.70 -11.75 3.01
C GLY B 231 17.98 -11.11 4.18
N LYS B 232 16.91 -10.40 3.87
CA LYS B 232 16.35 -9.53 4.85
C LYS B 232 15.80 -10.30 6.05
N ASP B 233 15.30 -11.52 5.83
CA ASP B 233 14.71 -12.30 6.91
C ASP B 233 15.71 -12.95 7.84
N GLN B 234 16.77 -13.52 7.27
CA GLN B 234 17.80 -14.13 8.07
C GLN B 234 18.50 -13.07 8.84
N ALA B 235 18.64 -11.87 8.27
CA ALA B 235 19.23 -10.82 9.05
C ALA B 235 18.37 -10.53 10.27
N LEU B 236 17.07 -10.50 10.10
CA LEU B 236 16.21 -10.21 11.21
C LEU B 236 16.40 -11.29 12.28
N TRP B 237 16.41 -12.55 11.86
CA TRP B 237 16.70 -13.59 12.81
C TRP B 237 17.99 -13.35 13.51
N GLN B 238 19.03 -12.98 12.76
CA GLN B 238 20.35 -12.87 13.35
C GLN B 238 20.27 -11.81 14.41
N LYS B 239 19.66 -10.69 14.06
CA LYS B 239 19.48 -9.57 14.96
C LYS B 239 18.72 -9.91 16.25
N LEU B 240 17.63 -10.66 16.16
CA LEU B 240 16.91 -11.10 17.37
C LEU B 240 17.72 -12.04 18.27
N ALA B 241 18.18 -13.15 17.71
CA ALA B 241 19.15 -14.01 18.40
C ALA B 241 20.17 -13.22 19.20
N GLN B 242 20.77 -12.22 18.58
CA GLN B 242 21.93 -11.56 19.14
C GLN B 242 21.54 -10.63 20.26
N ASP B 243 20.32 -10.15 20.17
CA ASP B 243 19.88 -9.09 21.02
C ASP B 243 19.16 -9.71 22.21
N ILE B 244 18.57 -10.88 22.01
CA ILE B 244 17.89 -11.55 23.13
C ILE B 244 18.90 -11.94 24.21
N GLN B 245 18.89 -11.25 25.33
CA GLN B 245 19.66 -11.73 26.44
C GLN B 245 18.80 -12.66 27.32
N VAL B 246 19.50 -13.47 28.12
CA VAL B 246 18.89 -14.45 29.02
C VAL B 246 17.92 -13.81 29.99
N SER B 247 18.35 -12.67 30.50
CA SER B 247 17.56 -11.79 31.35
C SER B 247 16.33 -11.20 30.67
N SER B 248 16.12 -11.49 29.39
CA SER B 248 15.08 -10.78 28.64
C SER B 248 13.71 -10.82 29.28
N GLY B 249 13.38 -11.93 29.94
CA GLY B 249 12.08 -12.03 30.59
C GLY B 249 11.00 -12.51 29.65
N GLY B 250 11.42 -12.89 28.44
CA GLY B 250 10.49 -13.24 27.37
C GLY B 250 9.94 -12.01 26.66
N ILE B 251 10.49 -10.84 26.98
CA ILE B 251 10.10 -9.58 26.36
C ILE B 251 11.33 -9.06 25.65
N LEU B 252 11.17 -8.79 24.36
CA LEU B 252 12.22 -8.08 23.62
C LEU B 252 11.70 -6.74 23.12
N LYS B 253 12.04 -5.71 23.88
CA LYS B 253 11.98 -4.34 23.40
C LYS B 253 12.90 -4.21 22.19
N ASP B 254 12.35 -3.77 21.07
CA ASP B 254 13.12 -3.59 19.83
C ASP B 254 12.86 -2.29 19.11
N PRO B 255 13.92 -1.53 18.76
CA PRO B 255 13.67 -0.32 18.00
C PRO B 255 13.33 -0.54 16.50
N CYS B 256 13.55 -1.73 15.94
CA CYS B 256 13.15 -1.90 14.52
C CYS B 256 11.67 -2.09 14.23
N PHE B 257 10.81 -2.06 15.22
CA PHE B 257 9.41 -2.28 14.96
C PHE B 257 8.61 -1.14 15.62
N TYR B 258 7.40 -0.90 15.10
CA TYR B 258 6.66 0.33 15.42
C TYR B 258 6.21 0.38 16.84
N PRO B 259 6.24 1.59 17.46
CA PRO B 259 5.66 1.62 18.78
C PRO B 259 4.29 0.89 18.76
N GLY B 260 4.12 -0.06 19.69
CA GLY B 260 2.89 -0.80 19.80
C GLY B 260 2.77 -2.09 19.02
N TYR B 261 3.62 -2.34 18.03
CA TYR B 261 3.73 -3.71 17.51
C TYR B 261 4.02 -4.78 18.61
N LYS B 262 3.43 -5.96 18.46
CA LYS B 262 3.82 -7.15 19.22
C LYS B 262 3.95 -8.33 18.23
N LYS B 263 4.99 -9.11 18.36
CA LYS B 263 4.99 -10.35 17.62
C LYS B 263 5.62 -11.37 18.50
N VAL B 264 5.04 -12.57 18.44
CA VAL B 264 5.53 -13.64 19.25
C VAL B 264 6.49 -14.48 18.41
N VAL B 265 7.63 -14.85 19.01
CA VAL B 265 8.73 -15.55 18.33
C VAL B 265 9.10 -16.83 19.05
N ASN B 266 9.19 -17.93 18.30
CA ASN B 266 9.49 -19.25 18.91
C ASN B 266 10.97 -19.70 18.89
N VAL B 267 11.54 -19.86 20.08
CA VAL B 267 12.97 -20.12 20.23
C VAL B 267 13.48 -21.27 19.35
N SER B 268 12.71 -22.34 19.24
CA SER B 268 13.16 -23.48 18.46
C SER B 268 13.15 -23.16 16.95
N GLU B 269 12.21 -22.32 16.52
CA GLU B 269 12.19 -21.87 15.14
C GLU B 269 13.38 -20.96 14.89
N LEU B 270 13.58 -20.01 15.82
CA LEU B 270 14.67 -19.04 15.76
C LEU B 270 16.02 -19.71 15.71
N TYR B 271 16.19 -20.78 16.51
CA TYR B 271 17.41 -21.58 16.50
C TYR B 271 17.26 -22.67 15.49
N GLY B 272 16.19 -22.58 14.72
CA GLY B 272 15.86 -23.58 13.72
C GLY B 272 16.68 -23.38 12.46
N THR B 273 17.35 -22.23 12.34
CA THR B 273 18.12 -21.89 11.16
C THR B 273 19.61 -21.76 11.44
N PRO B 274 20.46 -22.18 10.49
CA PRO B 274 21.93 -22.11 10.65
C PRO B 274 22.49 -20.71 10.86
N CYS B 275 21.75 -19.71 10.43
CA CYS B 275 22.18 -18.33 10.47
C CYS B 275 22.30 -17.75 11.88
N THR B 276 21.71 -18.44 12.85
CA THR B 276 21.73 -17.99 14.22
C THR B 276 22.54 -18.90 15.11
N LYS B 277 23.07 -19.99 14.56
CA LYS B 277 23.90 -20.92 15.33
C LYS B 277 24.87 -20.11 16.19
N ARG B 278 25.42 -19.05 15.60
CA ARG B 278 26.47 -18.26 16.24
C ARG B 278 26.03 -17.45 17.46
N PHE B 279 24.73 -17.22 17.60
CA PHE B 279 24.24 -16.46 18.74
C PHE B 279 23.50 -17.34 19.72
N GLU B 280 23.41 -18.64 19.42
CA GLU B 280 22.64 -19.57 20.22
C GLU B 280 22.98 -19.52 21.70
N LYS B 281 21.94 -19.48 22.53
CA LYS B 281 22.10 -19.61 23.97
C LYS B 281 21.06 -20.65 24.41
N LYS B 282 21.27 -21.25 25.57
CA LYS B 282 20.22 -22.08 26.14
C LYS B 282 19.23 -21.13 26.85
N LEU B 283 17.98 -21.03 26.38
CA LEU B 283 17.10 -20.02 26.97
C LEU B 283 16.08 -20.57 27.97
N PRO B 284 15.77 -19.80 29.04
CA PRO B 284 14.83 -20.25 30.07
C PRO B 284 13.32 -20.14 29.72
N PHE B 285 13.01 -19.84 28.48
CA PHE B 285 11.63 -19.78 28.01
C PHE B 285 11.62 -20.36 26.60
N ASN B 286 10.47 -20.89 26.19
CA ASN B 286 10.36 -21.57 24.90
C ASN B 286 9.97 -20.60 23.75
N GLN B 287 9.49 -19.41 24.13
CA GLN B 287 9.38 -18.25 23.24
C GLN B 287 9.35 -16.92 23.97
N PHE B 288 9.33 -15.85 23.18
CA PHE B 288 9.23 -14.51 23.70
C PHE B 288 8.47 -13.60 22.74
N GLN B 289 8.16 -12.41 23.26
CA GLN B 289 7.44 -11.41 22.50
C GLN B 289 8.27 -10.14 22.24
N VAL B 290 8.40 -9.84 20.95
CA VAL B 290 9.01 -8.61 20.47
C VAL B 290 8.07 -7.45 20.67
N GLN B 291 8.56 -6.39 21.28
CA GLN B 291 7.75 -5.21 21.42
C GLN B 291 8.44 -4.01 20.73
N GLY B 292 7.76 -3.42 19.75
CA GLY B 292 8.25 -2.22 19.01
C GLY B 292 8.52 -1.02 19.89
N THR B 293 9.70 -0.43 19.77
CA THR B 293 9.95 0.88 20.39
C THR B 293 10.12 1.93 19.30
N GLY B 294 10.19 1.48 18.06
CA GLY B 294 10.28 2.37 16.90
C GLY B 294 11.25 3.51 16.99
N ASP B 295 12.51 3.21 16.97
CA ASP B 295 13.50 4.28 17.02
C ASP B 295 14.52 3.86 15.97
N TYR B 296 14.61 4.67 14.92
CA TYR B 296 15.38 4.31 13.76
C TYR B 296 16.85 4.25 14.14
N GLU B 297 17.29 5.27 14.88
CA GLU B 297 18.69 5.40 15.34
C GLU B 297 19.19 4.07 15.83
N GLN B 298 18.56 3.62 16.91
CA GLN B 298 18.95 2.41 17.62
C GLN B 298 18.81 1.17 16.77
N CYS B 299 17.74 1.11 16.00
CA CYS B 299 17.51 -0.03 15.14
C CYS B 299 18.65 -0.17 14.13
N HIS B 300 19.11 0.96 13.59
CA HIS B 300 20.35 1.01 12.80
C HIS B 300 21.51 0.47 13.58
N GLN B 301 21.79 1.06 14.74
CA GLN B 301 22.91 0.65 15.59
C GLN B 301 22.89 -0.83 15.71
N SER B 302 21.78 -1.33 16.20
CA SER B 302 21.63 -2.74 16.45
C SER B 302 21.73 -3.61 15.18
N ILE B 303 21.39 -3.06 14.01
CA ILE B 303 21.54 -3.81 12.75
C ILE B 303 23.01 -3.90 12.37
N LEU B 304 23.78 -2.87 12.71
CA LEU B 304 25.22 -2.88 12.38
C LEU B 304 25.97 -4.01 13.06
N LYS B 305 25.58 -4.30 14.29
CA LYS B 305 26.11 -5.42 15.09
C LYS B 305 26.16 -6.81 14.43
N ILE B 306 25.21 -7.13 13.54
CA ILE B 306 25.23 -8.45 12.84
C ILE B 306 26.23 -8.52 11.67
N PHE B 307 26.98 -7.45 11.49
CA PHE B 307 28.07 -7.41 10.53
C PHE B 307 29.38 -7.15 11.26
N ASN B 308 30.40 -7.96 10.92
CA ASN B 308 31.75 -7.80 11.45
C ASN B 308 32.61 -6.97 10.50
N HIS B 311 38.12 -5.41 10.51
CA HIS B 311 39.15 -5.09 9.53
C HIS B 311 38.91 -5.85 8.27
N CYS B 312 39.61 -5.48 7.19
CA CYS B 312 39.44 -6.04 5.83
C CYS B 312 40.81 -6.29 5.11
N PRO B 313 41.05 -7.53 4.59
CA PRO B 313 42.36 -7.84 3.99
C PRO B 313 42.61 -7.24 2.60
N TYR B 314 41.72 -6.38 2.13
CA TYR B 314 41.80 -5.85 0.77
C TYR B 314 41.86 -4.34 0.73
N SER B 315 41.69 -3.79 -0.49
CA SER B 315 41.53 -2.35 -0.76
C SER B 315 40.24 -1.80 -0.14
N GLN B 316 39.14 -2.54 -0.32
CA GLN B 316 37.87 -2.27 0.34
C GLN B 316 37.07 -3.56 0.46
N CYS B 317 36.15 -3.62 1.42
CA CYS B 317 35.33 -4.80 1.57
C CYS B 317 33.84 -4.52 1.59
N ALA B 318 33.09 -5.57 1.30
CA ALA B 318 31.68 -5.60 1.61
C ALA B 318 31.58 -5.54 3.14
N PHE B 319 31.49 -6.72 3.75
CA PHE B 319 31.51 -6.87 5.19
C PHE B 319 32.13 -8.23 5.39
N ASN B 320 32.33 -8.58 6.65
CA ASN B 320 32.87 -9.88 6.99
C ASN B 320 34.13 -10.23 6.22
N GLY B 321 35.04 -9.27 6.10
CA GLY B 321 36.30 -9.51 5.43
C GLY B 321 36.22 -9.84 3.96
N VAL B 322 35.02 -9.95 3.41
CA VAL B 322 34.89 -10.26 1.98
C VAL B 322 35.33 -9.12 1.06
N PHE B 323 36.17 -9.42 0.08
CA PHE B 323 36.62 -8.44 -0.90
C PHE B 323 35.45 -7.76 -1.58
N LEU B 324 35.58 -6.46 -1.83
CA LEU B 324 34.68 -5.75 -2.76
C LEU B 324 35.50 -4.81 -3.64
N PRO B 325 35.38 -4.94 -4.98
CA PRO B 325 36.12 -3.95 -5.77
C PRO B 325 35.49 -2.55 -5.60
N PRO B 326 36.22 -1.51 -6.05
CA PRO B 326 35.63 -0.17 -6.04
C PRO B 326 34.31 -0.17 -6.82
N LEU B 327 33.37 0.70 -6.48
CA LEU B 327 32.13 0.70 -7.25
C LEU B 327 32.34 1.25 -8.68
N GLN B 328 31.59 0.70 -9.65
CA GLN B 328 31.67 1.13 -11.08
C GLN B 328 30.35 1.05 -11.87
N GLY B 329 29.94 2.19 -12.42
CA GLY B 329 28.84 2.23 -13.36
C GLY B 329 27.51 2.12 -12.66
N SER B 330 26.47 1.78 -13.44
CA SER B 330 25.09 1.72 -12.93
C SER B 330 24.74 0.35 -12.41
N PHE B 331 23.78 0.36 -11.50
CA PHE B 331 23.24 -0.84 -10.94
C PHE B 331 21.71 -0.85 -11.02
N GLY B 332 21.16 -2.04 -11.22
CA GLY B 332 19.74 -2.26 -10.96
C GLY B 332 19.62 -3.13 -9.70
N ALA B 333 18.78 -2.66 -8.76
CA ALA B 333 18.45 -3.34 -7.49
C ALA B 333 17.02 -3.84 -7.53
N PHE B 334 16.85 -5.17 -7.46
CA PHE B 334 15.54 -5.80 -7.64
C PHE B 334 15.23 -6.74 -6.53
N SER B 335 14.16 -7.51 -6.70
CA SER B 335 13.45 -8.20 -5.60
C SER B 335 13.24 -7.37 -4.36
N ALA B 336 13.58 -7.91 -3.19
CA ALA B 336 13.23 -7.21 -1.96
C ALA B 336 13.73 -5.78 -1.99
N PHE B 337 14.86 -5.56 -2.68
CA PHE B 337 15.42 -4.20 -2.82
C PHE B 337 14.35 -3.31 -3.41
N TYR B 338 13.83 -3.74 -4.56
CA TYR B 338 12.80 -3.07 -5.24
C TYR B 338 11.57 -2.82 -4.39
N PHE B 339 10.98 -3.89 -3.84
CA PHE B 339 9.67 -3.82 -3.23
C PHE B 339 9.71 -2.98 -2.01
N VAL B 340 10.80 -3.10 -1.28
CA VAL B 340 10.96 -2.31 -0.09
C VAL B 340 11.19 -0.86 -0.45
N MET B 341 12.17 -0.58 -1.31
CA MET B 341 12.55 0.79 -1.56
C MET B 341 11.33 1.46 -2.20
N ASP B 342 10.66 0.68 -3.01
CA ASP B 342 9.53 1.16 -3.71
C ASP B 342 8.49 1.64 -2.73
N PHE B 343 8.20 0.86 -1.70
CA PHE B 343 7.27 1.35 -0.67
C PHE B 343 7.72 2.70 -0.07
N PHE B 344 9.00 2.88 0.20
CA PHE B 344 9.47 4.15 0.76
C PHE B 344 9.46 5.29 -0.24
N LYS B 345 10.04 5.06 -1.42
CA LYS B 345 9.94 5.97 -2.57
C LYS B 345 8.54 6.52 -2.76
N LYS B 346 7.52 5.69 -2.56
CA LYS B 346 6.13 6.14 -2.76
C LYS B 346 5.54 6.95 -1.60
N MET B 347 6.33 7.21 -0.57
CA MET B 347 6.03 8.32 0.34
C MET B 347 6.89 9.55 -0.04
N ALA B 348 7.86 9.41 -0.95
CA ALA B 348 8.63 10.59 -1.47
C ALA B 348 8.24 11.08 -2.90
N ASN B 349 6.93 11.21 -3.15
CA ASN B 349 6.42 11.57 -4.48
C ASN B 349 6.98 10.68 -5.61
N ASP B 350 6.52 9.42 -5.63
CA ASP B 350 7.19 8.32 -6.38
C ASP B 350 8.29 8.75 -7.33
N SER B 353 14.62 9.49 -4.21
CA SER B 353 15.44 10.66 -3.97
C SER B 353 16.70 10.28 -3.21
N SER B 354 17.29 11.24 -2.49
CA SER B 354 18.60 11.07 -1.87
C SER B 354 18.64 10.18 -0.64
N GLN B 355 19.84 9.74 -0.31
CA GLN B 355 20.13 9.01 0.91
C GLN B 355 19.80 9.78 2.20
N GLU B 356 20.12 11.08 2.23
CA GLU B 356 19.67 11.96 3.32
C GLU B 356 18.11 11.91 3.43
N LYS B 357 17.41 12.08 2.31
CA LYS B 357 15.93 12.05 2.35
C LYS B 357 15.30 10.67 2.63
N MET B 358 15.83 9.60 2.02
CA MET B 358 15.35 8.24 2.36
C MET B 358 15.49 7.91 3.86
N THR B 359 16.65 8.25 4.42
CA THR B 359 16.90 7.98 5.83
C THR B 359 15.87 8.75 6.62
N GLU B 360 15.60 9.98 6.23
CA GLU B 360 14.68 10.80 7.00
C GLU B 360 13.26 10.25 6.96
N ILE B 361 12.84 9.84 5.77
CA ILE B 361 11.57 9.13 5.58
C ILE B 361 11.47 7.89 6.51
N THR B 362 12.51 7.07 6.56
CA THR B 362 12.52 5.91 7.46
C THR B 362 12.42 6.22 8.96
N LYS B 363 13.20 7.20 9.43
CA LYS B 363 13.20 7.63 10.85
C LYS B 363 11.78 8.00 11.25
N ASN B 364 11.17 8.87 10.45
CA ASN B 364 9.80 9.30 10.61
C ASN B 364 8.88 8.07 10.71
N PHE B 365 9.01 7.17 9.74
CA PHE B 365 8.07 6.07 9.57
C PHE B 365 8.15 5.11 10.74
N CYS B 366 9.37 4.85 11.23
CA CYS B 366 9.62 3.82 12.25
C CYS B 366 8.94 4.15 13.56
N SER B 367 8.63 5.44 13.75
CA SER B 367 8.01 5.95 15.00
C SER B 367 6.49 6.02 14.92
N LYS B 368 5.92 5.89 13.73
CA LYS B 368 4.45 5.77 13.59
C LYS B 368 3.92 4.54 14.37
N PRO B 369 3.05 4.76 15.39
CA PRO B 369 2.50 3.59 16.08
C PRO B 369 1.78 2.63 15.13
N TRP B 370 1.84 1.37 15.51
CA TRP B 370 1.40 0.28 14.70
C TRP B 370 -0.03 0.40 14.18
N GLU B 371 -0.93 0.80 15.09
CA GLU B 371 -2.31 0.99 14.70
C GLU B 371 -2.45 2.01 13.58
N GLU B 372 -1.65 3.09 13.68
CA GLU B 372 -1.58 4.16 12.70
C GLU B 372 -1.06 3.60 11.40
N VAL B 373 -0.03 2.77 11.47
CA VAL B 373 0.62 2.30 10.26
C VAL B 373 -0.37 1.48 9.48
N LYS B 374 -0.99 0.52 10.18
CA LYS B 374 -2.08 -0.29 9.60
C LYS B 374 -3.16 0.56 8.95
N ALA B 375 -3.77 1.44 9.76
CA ALA B 375 -4.80 2.36 9.29
C ALA B 375 -4.37 3.23 8.11
N SER B 376 -3.17 3.81 8.22
CA SER B 376 -2.54 4.51 7.08
C SER B 376 -2.37 3.73 5.78
N TYR B 377 -2.15 2.41 5.83
CA TYR B 377 -1.87 1.64 4.57
C TYR B 377 -2.76 0.43 4.56
N PRO B 378 -4.07 0.64 4.48
CA PRO B 378 -4.93 -0.48 4.76
C PRO B 378 -4.90 -1.58 3.72
N THR B 379 -4.43 -1.32 2.50
CA THR B 379 -4.51 -2.34 1.47
C THR B 379 -3.27 -3.23 1.38
N VAL B 380 -2.29 -2.97 2.24
CA VAL B 380 -1.00 -3.71 2.25
C VAL B 380 -1.02 -4.91 3.25
N LYS B 381 -0.51 -6.09 2.84
CA LYS B 381 -0.58 -7.28 3.73
C LYS B 381 0.14 -6.95 5.01
N GLU B 382 -0.49 -7.33 6.12
CA GLU B 382 -0.01 -7.01 7.48
C GLU B 382 1.44 -7.55 7.63
N LYS B 383 1.70 -8.66 6.93
CA LYS B 383 2.98 -9.34 6.99
C LYS B 383 4.14 -8.54 6.40
N TYR B 384 3.85 -7.73 5.38
CA TYR B 384 4.91 -6.93 4.78
C TYR B 384 5.02 -5.70 5.58
N LEU B 385 3.88 -5.07 5.79
CA LEU B 385 3.80 -3.79 6.37
C LEU B 385 4.59 -3.78 7.64
N SER B 386 4.42 -4.79 8.48
CA SER B 386 5.22 -4.86 9.73
C SER B 386 6.75 -4.92 9.64
N GLU B 387 7.27 -5.55 8.59
CA GLU B 387 8.72 -5.65 8.29
C GLU B 387 9.35 -4.32 7.88
N TYR B 388 8.53 -3.39 7.41
CA TYR B 388 9.05 -2.27 6.63
C TYR B 388 10.06 -1.39 7.34
N CYS B 389 9.79 -1.03 8.59
CA CYS B 389 10.77 -0.23 9.28
C CYS B 389 12.11 -1.01 9.35
N PHE B 390 12.03 -2.25 9.79
CA PHE B 390 13.22 -3.04 9.81
C PHE B 390 13.86 -3.14 8.43
N SER B 391 13.09 -3.59 7.44
CA SER B 391 13.62 -3.82 6.11
C SER B 391 14.30 -2.62 5.53
N GLY B 392 13.66 -1.46 5.67
CA GLY B 392 14.17 -0.25 5.08
C GLY B 392 15.46 0.12 5.75
N THR B 393 15.45 0.13 7.07
CA THR B 393 16.63 0.44 7.81
C THR B 393 17.72 -0.51 7.36
N TYR B 394 17.35 -1.78 7.24
CA TYR B 394 18.33 -2.81 6.89
C TYR B 394 18.91 -2.52 5.56
N ILE B 395 18.05 -2.27 4.57
CA ILE B 395 18.46 -2.06 3.19
C ILE B 395 19.35 -0.85 3.04
N LEU B 396 19.00 0.22 3.73
CA LEU B 396 19.87 1.36 3.71
C LEU B 396 21.28 0.99 4.14
N SER B 397 21.43 0.30 5.28
CA SER B 397 22.75 -0.07 5.78
C SER B 397 23.44 -1.00 4.85
N LEU B 398 22.75 -2.04 4.41
CA LEU B 398 23.39 -2.95 3.48
C LEU B 398 23.97 -2.24 2.25
N LEU B 399 23.25 -1.28 1.70
CA LEU B 399 23.79 -0.60 0.52
C LEU B 399 24.89 0.40 0.82
N LEU B 400 24.77 1.11 1.92
CA LEU B 400 25.76 2.14 2.22
C LEU B 400 27.04 1.69 2.95
N GLN B 401 26.90 1.03 4.10
CA GLN B 401 28.05 0.47 4.81
C GLN B 401 28.48 -0.83 4.14
N GLY B 402 27.50 -1.64 3.73
CA GLY B 402 27.75 -2.94 3.14
C GLY B 402 28.39 -2.79 1.79
N TYR B 403 27.60 -2.46 0.79
CA TYR B 403 28.10 -2.32 -0.56
C TYR B 403 28.79 -0.98 -0.82
N ASN B 404 28.87 -0.16 0.23
CA ASN B 404 29.64 1.09 0.20
C ASN B 404 29.10 2.11 -0.76
N PHE B 405 27.78 2.11 -0.94
CA PHE B 405 27.19 3.05 -1.87
C PHE B 405 27.09 4.45 -1.30
N THR B 406 28.08 4.86 -0.52
CA THR B 406 28.05 6.22 0.03
C THR B 406 28.53 7.27 -0.97
N GLY B 407 28.20 8.52 -0.64
CA GLY B 407 28.65 9.70 -1.38
C GLY B 407 28.06 9.80 -2.78
N THR B 408 28.95 10.06 -3.73
CA THR B 408 28.60 10.15 -5.16
C THR B 408 27.88 8.87 -5.67
N SER B 409 28.18 7.73 -5.05
CA SER B 409 27.74 6.42 -5.53
C SER B 409 26.20 6.17 -5.41
N TRP B 410 25.56 6.77 -4.42
CA TRP B 410 24.13 6.48 -4.14
C TRP B 410 23.15 6.56 -5.30
N ASP B 411 23.25 7.60 -6.15
CA ASP B 411 22.22 7.74 -7.18
C ASP B 411 22.40 6.80 -8.35
N GLN B 412 23.49 6.04 -8.40
CA GLN B 412 23.71 5.20 -9.58
C GLN B 412 22.90 3.88 -9.49
N ILE B 413 22.22 3.72 -8.35
CA ILE B 413 21.32 2.61 -8.11
C ILE B 413 19.93 2.96 -8.56
N HIS B 414 19.42 2.16 -9.51
CA HIS B 414 18.05 2.25 -9.98
C HIS B 414 17.29 1.01 -9.62
N PHE B 415 16.24 1.17 -8.81
CA PHE B 415 15.42 0.07 -8.29
C PHE B 415 14.32 -0.36 -9.26
N MET B 416 14.24 -1.64 -9.61
CA MET B 416 13.27 -2.01 -10.62
C MET B 416 12.62 -3.29 -10.24
N GLY B 417 11.33 -3.38 -10.51
CA GLY B 417 10.69 -4.68 -10.50
C GLY B 417 10.89 -5.31 -11.86
N LYS B 418 10.33 -4.70 -12.89
CA LYS B 418 10.27 -5.27 -14.23
C LYS B 418 11.02 -4.39 -15.21
N ILE B 419 11.63 -5.03 -16.22
CA ILE B 419 12.14 -4.33 -17.41
C ILE B 419 11.41 -4.86 -18.61
N LYS B 420 10.78 -3.95 -19.37
CA LYS B 420 10.00 -4.30 -20.57
C LYS B 420 8.91 -5.28 -20.19
N ASP B 421 8.21 -4.96 -19.11
CA ASP B 421 7.17 -5.84 -18.58
C ASP B 421 7.69 -7.29 -18.24
N SER B 422 9.01 -7.46 -18.01
CA SER B 422 9.60 -8.75 -17.57
C SER B 422 10.35 -8.64 -16.25
N ASN B 423 10.03 -9.52 -15.28
CA ASN B 423 10.60 -9.47 -13.94
C ASN B 423 12.12 -9.43 -13.96
N ALA B 424 12.74 -8.43 -13.34
CA ALA B 424 14.19 -8.55 -13.06
C ALA B 424 14.35 -9.65 -12.00
N GLY B 425 15.15 -10.68 -12.31
CA GLY B 425 15.42 -11.83 -11.43
C GLY B 425 16.50 -12.57 -12.16
N TRP B 426 16.81 -13.79 -11.74
CA TRP B 426 17.84 -14.64 -12.37
C TRP B 426 17.30 -15.68 -13.30
N THR B 427 15.99 -15.89 -13.31
CA THR B 427 15.42 -17.06 -13.98
C THR B 427 15.42 -16.93 -15.49
N LEU B 428 15.48 -15.70 -15.98
CA LEU B 428 15.57 -15.48 -17.40
C LEU B 428 16.99 -15.83 -17.85
N GLY B 429 17.97 -15.12 -17.31
CA GLY B 429 19.36 -15.57 -17.44
C GLY B 429 19.55 -17.09 -17.42
N TYR B 430 19.08 -17.77 -16.36
CA TYR B 430 19.13 -19.24 -16.29
C TYR B 430 18.50 -19.87 -17.54
N MET B 431 17.31 -19.36 -17.90
CA MET B 431 16.61 -19.77 -19.10
C MET B 431 17.48 -19.63 -20.33
N LEU B 432 18.13 -18.48 -20.44
CA LEU B 432 18.92 -18.12 -21.60
C LEU B 432 20.01 -19.12 -21.86
N ASN B 433 21.02 -19.09 -21.02
CA ASN B 433 22.09 -20.10 -20.99
C ASN B 433 21.59 -21.54 -21.18
N LEU B 434 20.50 -21.90 -20.50
CA LEU B 434 19.94 -23.23 -20.61
C LEU B 434 19.39 -23.54 -22.03
N THR B 435 18.70 -22.59 -22.67
CA THR B 435 18.23 -22.80 -24.07
C THR B 435 19.33 -22.60 -25.12
N ASN B 436 20.34 -21.80 -24.77
CA ASN B 436 21.32 -21.29 -25.73
C ASN B 436 20.67 -20.29 -26.69
N MET B 437 19.54 -19.72 -26.30
CA MET B 437 18.92 -18.72 -27.16
C MET B 437 19.67 -17.41 -26.96
N VAL C 33 -4.05 20.96 26.23
CA VAL C 33 -4.60 20.10 25.18
C VAL C 33 -6.05 19.69 25.45
N LYS C 34 -6.84 19.51 24.36
CA LYS C 34 -8.14 18.84 24.39
C LYS C 34 -8.18 17.69 23.34
N TYR C 35 -9.05 16.71 23.57
CA TYR C 35 -9.14 15.52 22.73
C TYR C 35 -10.58 15.14 22.40
N GLY C 36 -10.78 14.54 21.24
CA GLY C 36 -12.09 14.03 20.90
C GLY C 36 -11.90 12.77 20.09
N ILE C 37 -12.87 11.88 20.19
CA ILE C 37 -12.81 10.62 19.43
C ILE C 37 -14.09 10.50 18.60
N VAL C 38 -13.90 10.21 17.31
CA VAL C 38 -15.01 9.90 16.48
C VAL C 38 -14.79 8.56 15.78
N LEU C 39 -15.80 7.69 15.88
CA LEU C 39 -15.79 6.45 15.13
C LEU C 39 -16.61 6.65 13.85
N ASP C 40 -15.98 6.32 12.74
CA ASP C 40 -16.61 6.34 11.47
C ASP C 40 -16.98 4.88 11.18
N ALA C 41 -18.27 4.54 11.32
CA ALA C 41 -18.80 3.18 11.09
C ALA C 41 -19.34 3.05 9.65
N GLY C 42 -18.43 2.79 8.71
CA GLY C 42 -18.76 2.60 7.35
C GLY C 42 -19.00 1.16 7.05
N SER C 43 -19.40 0.87 5.82
CA SER C 43 -19.86 -0.47 5.53
C SER C 43 -18.77 -1.49 5.35
N SER C 44 -17.51 -1.07 5.15
CA SER C 44 -16.41 -2.05 5.09
C SER C 44 -15.57 -2.01 6.35
N HIS C 45 -15.41 -0.82 6.91
CA HIS C 45 -14.52 -0.66 8.06
C HIS C 45 -15.21 0.21 9.04
N THR C 46 -14.88 0.02 10.31
CA THR C 46 -15.11 1.05 11.32
C THR C 46 -13.74 1.68 11.56
N ASN C 47 -13.64 2.99 11.43
CA ASN C 47 -12.37 3.67 11.71
C ASN C 47 -12.56 4.59 12.90
N LEU C 48 -11.57 4.63 13.76
CA LEU C 48 -11.64 5.46 14.90
C LEU C 48 -10.61 6.52 14.69
N TYR C 49 -11.00 7.74 14.96
CA TYR C 49 -10.09 8.85 14.95
C TYR C 49 -10.00 9.55 16.29
N ILE C 50 -8.77 9.86 16.67
CA ILE C 50 -8.54 10.76 17.79
C ILE C 50 -8.07 12.14 17.33
N TYR C 51 -8.85 13.16 17.64
CA TYR C 51 -8.45 14.52 17.36
C TYR C 51 -7.96 15.23 18.60
N LYS C 52 -7.12 16.23 18.40
CA LYS C 52 -6.66 17.03 19.52
C LYS C 52 -6.41 18.45 19.10
N TRP C 53 -6.44 19.39 20.05
CA TRP C 53 -6.32 20.82 19.75
C TRP C 53 -5.83 21.70 20.90
N PRO C 54 -4.93 22.67 20.57
CA PRO C 54 -4.41 23.68 21.53
C PRO C 54 -5.25 24.97 21.62
N VAL C 63 -6.17 25.43 15.87
CA VAL C 63 -6.46 24.46 14.80
C VAL C 63 -6.45 23.02 15.36
N VAL C 64 -7.42 22.21 14.90
CA VAL C 64 -7.60 20.81 15.27
C VAL C 64 -6.81 19.87 14.30
N GLN C 65 -6.18 18.83 14.86
CA GLN C 65 -5.37 17.86 14.12
C GLN C 65 -5.75 16.45 14.49
N GLN C 66 -5.67 15.55 13.50
CA GLN C 66 -5.79 14.14 13.82
C GLN C 66 -4.53 13.74 14.60
N LEU C 67 -4.72 13.19 15.80
CA LEU C 67 -3.62 12.64 16.58
C LEU C 67 -3.22 11.24 16.08
N GLU C 68 -4.23 10.39 15.90
CA GLU C 68 -4.07 9.00 15.52
C GLU C 68 -5.37 8.41 14.97
N GLU C 69 -5.22 7.36 14.16
CA GLU C 69 -6.33 6.63 13.60
C GLU C 69 -6.16 5.16 13.84
N CYS C 70 -7.26 4.44 13.89
CA CYS C 70 -7.19 3.01 14.16
C CYS C 70 -8.25 2.29 13.31
N GLN C 71 -7.86 1.25 12.58
CA GLN C 71 -8.85 0.59 11.76
C GLN C 71 -9.24 -0.68 12.46
N VAL C 72 -10.48 -0.70 12.96
CA VAL C 72 -11.04 -1.91 13.53
C VAL C 72 -11.00 -3.08 12.52
N LYS C 73 -10.44 -4.20 12.95
CA LYS C 73 -10.39 -5.39 12.11
C LYS C 73 -11.79 -5.93 11.88
N GLY C 74 -12.04 -6.47 10.69
CA GLY C 74 -13.35 -7.00 10.39
C GLY C 74 -14.13 -6.11 9.46
N PRO C 75 -15.40 -6.48 9.23
CA PRO C 75 -16.26 -5.67 8.38
C PRO C 75 -16.93 -4.57 9.20
N GLY C 76 -17.97 -3.94 8.63
CA GLY C 76 -18.66 -2.85 9.28
C GLY C 76 -19.67 -3.41 10.26
N ILE C 77 -20.20 -2.56 11.13
CA ILE C 77 -21.01 -3.07 12.26
C ILE C 77 -22.32 -3.73 11.84
N SER C 78 -22.86 -3.34 10.69
CA SER C 78 -24.08 -3.96 10.21
C SER C 78 -23.98 -5.48 10.08
N LYS C 79 -22.77 -5.99 9.84
CA LYS C 79 -22.55 -7.45 9.76
C LYS C 79 -22.69 -8.17 11.12
N TYR C 80 -22.90 -7.39 12.16
CA TYR C 80 -23.11 -7.91 13.49
C TYR C 80 -24.56 -8.07 13.90
N ALA C 81 -25.46 -7.76 12.98
CA ALA C 81 -26.89 -7.84 13.21
C ALA C 81 -27.35 -9.05 14.02
N GLN C 82 -26.78 -10.24 13.81
CA GLN C 82 -27.13 -11.40 14.64
C GLN C 82 -26.40 -11.39 15.96
N LYS C 83 -25.11 -11.11 15.86
CA LYS C 83 -24.14 -11.46 16.86
C LYS C 83 -23.62 -10.21 17.51
N THR C 84 -24.56 -9.41 17.98
CA THR C 84 -24.25 -8.16 18.64
C THR C 84 -23.40 -8.32 19.91
N ASP C 85 -23.53 -9.43 20.62
CA ASP C 85 -22.71 -9.63 21.81
C ASP C 85 -21.20 -9.77 21.51
N GLU C 86 -20.84 -9.99 20.24
CA GLU C 86 -19.44 -9.97 19.79
C GLU C 86 -18.93 -8.57 19.49
N ILE C 87 -19.82 -7.60 19.41
CA ILE C 87 -19.40 -6.23 19.14
C ILE C 87 -18.35 -5.69 20.10
N ALA C 88 -18.55 -5.91 21.40
CA ALA C 88 -17.60 -5.45 22.42
C ALA C 88 -16.13 -5.77 22.11
N ALA C 89 -15.87 -7.03 21.80
CA ALA C 89 -14.53 -7.48 21.50
C ALA C 89 -14.04 -6.90 20.16
N TYR C 90 -14.95 -6.81 19.21
CA TYR C 90 -14.66 -6.26 17.88
C TYR C 90 -14.06 -4.84 17.98
N LEU C 91 -14.58 -4.09 18.95
CA LEU C 91 -14.16 -2.72 19.14
C LEU C 91 -12.96 -2.63 20.05
N ALA C 92 -12.73 -3.69 20.81
CA ALA C 92 -11.76 -3.62 21.91
C ALA C 92 -10.36 -3.08 21.56
N GLU C 93 -9.71 -3.66 20.54
CA GLU C 93 -8.38 -3.22 20.13
C GLU C 93 -8.23 -1.69 19.93
N CYS C 94 -9.11 -1.09 19.11
CA CYS C 94 -8.99 0.33 18.81
C CYS C 94 -9.35 1.18 20.01
N MET C 95 -10.24 0.67 20.85
CA MET C 95 -10.63 1.41 22.05
C MET C 95 -9.54 1.41 23.09
N LYS C 96 -8.86 0.27 23.24
CA LYS C 96 -7.74 0.16 24.17
C LYS C 96 -6.58 1.03 23.67
N MET C 97 -6.37 1.06 22.37
CA MET C 97 -5.35 1.93 21.84
C MET C 97 -5.57 3.36 22.32
N SER C 98 -6.82 3.79 22.33
CA SER C 98 -7.19 5.14 22.73
C SER C 98 -7.00 5.41 24.21
N THR C 99 -7.28 4.42 25.03
CA THR C 99 -7.06 4.56 26.46
C THR C 99 -5.57 4.53 26.80
N GLU C 100 -4.75 3.93 25.91
CA GLU C 100 -3.29 3.88 26.11
C GLU C 100 -2.69 5.14 25.52
N ARG C 101 -3.48 5.86 24.76
CA ARG C 101 -2.93 6.96 23.99
C ARG C 101 -3.19 8.34 24.60
N ILE C 102 -4.40 8.55 25.09
CA ILE C 102 -4.80 9.82 25.71
C ILE C 102 -4.42 9.78 27.18
N PRO C 103 -3.83 10.86 27.72
CA PRO C 103 -3.49 10.83 29.17
C PRO C 103 -4.74 10.64 30.06
N ALA C 104 -4.63 9.74 31.04
CA ALA C 104 -5.71 9.39 31.99
C ALA C 104 -6.49 10.58 32.57
N SER C 105 -5.80 11.68 32.88
CA SER C 105 -6.45 12.90 33.39
C SER C 105 -7.40 13.53 32.34
N LYS C 106 -7.00 13.41 31.08
CA LYS C 106 -7.78 13.98 29.99
C LYS C 106 -8.98 13.12 29.59
N GLN C 107 -9.05 11.89 30.08
CA GLN C 107 -10.03 10.90 29.59
C GLN C 107 -11.54 11.10 29.85
N HIS C 108 -11.90 11.47 31.07
CA HIS C 108 -13.33 11.64 31.39
C HIS C 108 -13.92 12.85 30.72
N GLN C 109 -13.07 13.83 30.42
CA GLN C 109 -13.47 15.04 29.69
C GLN C 109 -13.57 14.80 28.15
N THR C 110 -13.15 13.65 27.68
CA THR C 110 -12.99 13.47 26.25
C THR C 110 -14.21 12.86 25.55
N PRO C 111 -14.82 13.62 24.62
CA PRO C 111 -16.06 13.12 24.07
C PRO C 111 -15.79 12.02 23.05
N VAL C 112 -16.74 11.08 22.96
CA VAL C 112 -16.67 9.95 22.03
C VAL C 112 -17.99 9.83 21.29
N TYR C 113 -17.89 9.71 19.96
CA TYR C 113 -19.02 9.74 19.03
C TYR C 113 -18.90 8.61 18.04
N LEU C 114 -19.99 7.92 17.78
CA LEU C 114 -20.02 7.05 16.60
C LEU C 114 -21.04 7.55 15.58
N GLY C 115 -20.54 7.76 14.35
CA GLY C 115 -21.37 8.11 13.24
C GLY C 115 -21.32 6.94 12.29
N ALA C 116 -22.49 6.37 12.03
CA ALA C 116 -22.63 5.30 11.07
C ALA C 116 -23.21 5.81 9.75
N THR C 117 -22.74 5.26 8.63
CA THR C 117 -23.11 5.76 7.33
C THR C 117 -23.92 4.72 6.53
N ALA C 118 -23.63 4.52 5.23
CA ALA C 118 -24.55 3.84 4.33
C ALA C 118 -24.84 2.38 4.70
N GLY C 119 -23.85 1.69 5.25
CA GLY C 119 -24.00 0.30 5.61
C GLY C 119 -25.18 0.17 6.56
N MET C 120 -25.18 1.01 7.58
CA MET C 120 -26.25 1.00 8.55
C MET C 120 -27.56 1.58 8.00
N ARG C 121 -27.47 2.56 7.13
CA ARG C 121 -28.67 2.96 6.41
C ARG C 121 -29.33 1.74 5.74
N LEU C 122 -28.59 0.97 4.95
CA LEU C 122 -29.13 -0.29 4.45
C LEU C 122 -29.67 -1.29 5.50
N LEU C 123 -28.99 -1.46 6.62
CA LEU C 123 -29.49 -2.39 7.63
C LEU C 123 -30.79 -1.89 8.24
N ARG C 124 -30.89 -0.60 8.51
CA ARG C 124 -32.11 0.02 9.01
C ARG C 124 -33.25 -0.20 8.05
N MET C 125 -32.97 -0.04 6.78
CA MET C 125 -33.95 -0.28 5.73
C MET C 125 -34.54 -1.70 5.80
N GLU C 126 -33.66 -2.69 6.05
CA GLU C 126 -34.05 -4.11 6.18
C GLU C 126 -34.76 -4.43 7.48
N SER C 127 -34.21 -3.92 8.59
CA SER C 127 -34.82 -4.07 9.90
C SER C 127 -34.39 -2.94 10.83
N LYS C 128 -35.29 -1.98 10.99
CA LYS C 128 -35.25 -1.02 12.08
C LYS C 128 -34.75 -1.63 13.38
N GLN C 129 -35.30 -2.80 13.73
CA GLN C 129 -35.02 -3.47 15.00
C GLN C 129 -33.55 -3.82 15.08
N SER C 130 -33.05 -4.49 14.03
CA SER C 130 -31.64 -4.90 13.96
C SER C 130 -30.68 -3.72 14.14
N ALA C 131 -30.97 -2.64 13.45
CA ALA C 131 -30.09 -1.51 13.45
C ALA C 131 -30.03 -0.93 14.86
N ASP C 132 -31.20 -0.80 15.49
CA ASP C 132 -31.29 -0.36 16.87
C ASP C 132 -30.51 -1.26 17.82
N GLU C 133 -30.60 -2.57 17.63
CA GLU C 133 -29.88 -3.52 18.45
C GLU C 133 -28.39 -3.33 18.28
N VAL C 134 -27.96 -3.21 17.03
CA VAL C 134 -26.56 -2.94 16.72
C VAL C 134 -26.08 -1.63 17.38
N LEU C 135 -26.79 -0.54 17.12
CA LEU C 135 -26.47 0.72 17.77
C LEU C 135 -26.47 0.65 19.31
N ALA C 136 -27.40 -0.10 19.90
CA ALA C 136 -27.40 -0.29 21.37
C ALA C 136 -26.20 -1.06 21.87
N ALA C 137 -25.85 -2.15 21.19
CA ALA C 137 -24.69 -2.95 21.56
C ALA C 137 -23.38 -2.14 21.48
N VAL C 138 -23.21 -1.42 20.38
CA VAL C 138 -22.13 -0.43 20.24
C VAL C 138 -22.11 0.53 21.41
N SER C 139 -23.29 1.05 21.76
CA SER C 139 -23.43 2.01 22.83
C SER C 139 -22.98 1.48 24.16
N ARG C 140 -23.49 0.30 24.55
CA ARG C 140 -23.13 -0.35 25.83
C ARG C 140 -21.60 -0.53 25.91
N SER C 141 -21.00 -0.94 24.78
CA SER C 141 -19.58 -1.21 24.69
C SER C 141 -18.76 0.09 24.88
N LEU C 142 -19.10 1.14 24.15
CA LEU C 142 -18.38 2.41 24.27
C LEU C 142 -18.62 3.04 25.64
N LYS C 143 -19.86 2.94 26.12
CA LYS C 143 -20.25 3.54 27.39
C LYS C 143 -19.29 3.06 28.48
N SER C 144 -18.80 1.84 28.33
CA SER C 144 -18.03 1.19 29.39
C SER C 144 -16.58 1.69 29.51
N TYR C 145 -16.06 2.37 28.48
CA TYR C 145 -14.73 2.96 28.54
C TYR C 145 -14.72 4.24 29.35
N PRO C 146 -13.54 4.74 29.74
CA PRO C 146 -13.66 5.90 30.63
C PRO C 146 -13.74 7.24 29.89
N PHE C 147 -14.47 7.28 28.77
CA PHE C 147 -14.69 8.55 28.07
C PHE C 147 -16.10 9.11 28.24
N ASP C 148 -16.27 10.33 27.77
CA ASP C 148 -17.54 11.01 27.80
C ASP C 148 -18.38 10.60 26.58
N PHE C 149 -19.16 9.54 26.78
CA PHE C 149 -19.98 9.00 25.72
C PHE C 149 -21.01 9.99 25.17
N GLN C 150 -20.97 10.23 23.87
CA GLN C 150 -21.83 11.29 23.33
C GLN C 150 -22.87 10.81 22.31
N GLY C 151 -22.97 9.50 22.13
CA GLY C 151 -23.95 8.94 21.24
C GLY C 151 -23.40 8.14 20.08
N ALA C 152 -24.22 7.19 19.64
CA ALA C 152 -23.98 6.42 18.42
C ALA C 152 -25.23 6.58 17.58
N LYS C 153 -25.09 7.08 16.36
CA LYS C 153 -26.20 7.26 15.47
C LYS C 153 -25.81 7.09 14.00
N ILE C 154 -26.83 6.90 13.15
CA ILE C 154 -26.68 6.83 11.71
C ILE C 154 -26.81 8.26 11.22
N ILE C 155 -25.77 8.79 10.54
CA ILE C 155 -25.82 10.17 10.12
C ILE C 155 -26.44 10.13 8.74
N THR C 156 -27.17 11.19 8.36
CA THR C 156 -27.76 11.30 7.02
C THR C 156 -26.68 11.45 5.92
N GLY C 157 -27.05 11.20 4.67
CA GLY C 157 -26.13 11.35 3.57
C GLY C 157 -25.75 12.80 3.43
N GLN C 158 -26.65 13.67 3.86
CA GLN C 158 -26.38 15.07 3.66
C GLN C 158 -25.42 15.55 4.71
N GLU C 159 -25.59 15.08 5.95
CA GLU C 159 -24.59 15.36 7.00
C GLU C 159 -23.21 14.90 6.55
N GLU C 160 -23.17 13.75 5.90
CA GLU C 160 -21.92 13.06 5.57
C GLU C 160 -21.23 13.82 4.44
N GLY C 161 -21.97 14.36 3.47
CA GLY C 161 -21.38 15.20 2.41
C GLY C 161 -20.99 16.61 2.85
N ALA C 162 -21.87 17.26 3.58
CA ALA C 162 -21.64 18.58 4.19
C ALA C 162 -20.32 18.56 4.97
N TYR C 163 -20.12 17.46 5.71
CA TYR C 163 -19.09 17.39 6.73
C TYR C 163 -17.76 17.04 6.15
N GLY C 164 -17.74 16.26 5.08
CA GLY C 164 -16.48 16.04 4.31
C GLY C 164 -16.10 17.38 3.69
N TRP C 165 -17.11 18.09 3.20
CA TRP C 165 -16.88 19.38 2.53
C TRP C 165 -16.29 20.33 3.56
N ILE C 166 -16.94 20.42 4.71
CA ILE C 166 -16.31 21.14 5.79
C ILE C 166 -14.90 20.73 6.16
N THR C 167 -14.71 19.41 6.35
CA THR C 167 -13.43 18.88 6.78
C THR C 167 -12.34 19.41 5.83
N ILE C 168 -12.47 19.19 4.53
CA ILE C 168 -11.31 19.55 3.74
C ILE C 168 -11.09 21.05 3.61
N ASN C 169 -12.18 21.81 3.76
CA ASN C 169 -12.06 23.25 3.51
C ASN C 169 -11.38 23.84 4.72
N TYR C 170 -11.66 23.20 5.86
CA TYR C 170 -11.03 23.52 7.10
C TYR C 170 -9.56 23.27 6.96
N LEU C 171 -9.21 22.01 6.69
CA LEU C 171 -7.79 21.60 6.59
C LEU C 171 -6.97 22.32 5.52
N LEU C 172 -7.61 22.79 4.44
CA LEU C 172 -6.93 23.66 3.49
C LEU C 172 -6.99 25.18 3.76
N GLY C 173 -7.33 25.60 4.99
CA GLY C 173 -7.30 27.00 5.39
C GLY C 173 -8.35 27.79 4.67
N ARG C 174 -9.19 27.08 3.94
CA ARG C 174 -10.04 27.76 3.00
C ARG C 174 -11.11 28.68 3.53
N PHE C 175 -11.33 28.74 4.85
CA PHE C 175 -12.40 29.62 5.31
C PHE C 175 -11.91 30.97 5.73
N LYS C 176 -10.61 31.14 5.98
CA LYS C 176 -10.12 32.42 6.57
C LYS C 176 -9.64 33.44 5.54
N GLY C 180 -12.53 34.48 -0.86
CA GLY C 180 -11.76 33.42 -1.50
C GLY C 180 -12.72 32.34 -1.96
N SER C 181 -12.23 31.11 -2.16
CA SER C 181 -13.18 30.04 -2.47
C SER C 181 -12.74 28.62 -2.19
N THR C 182 -13.76 27.77 -2.14
CA THR C 182 -13.68 26.52 -1.44
C THR C 182 -13.59 25.35 -2.38
N PHE C 183 -13.07 24.23 -1.91
CA PHE C 183 -12.97 23.07 -2.72
C PHE C 183 -14.28 22.27 -2.63
N GLY C 184 -14.64 21.57 -3.69
CA GLY C 184 -15.74 20.62 -3.56
C GLY C 184 -15.26 19.29 -2.96
N ALA C 185 -16.20 18.45 -2.49
CA ALA C 185 -15.87 17.18 -1.84
C ALA C 185 -16.50 16.03 -2.59
N LEU C 186 -15.67 15.04 -2.91
CA LEU C 186 -16.12 13.83 -3.63
C LEU C 186 -15.69 12.65 -2.75
N ASP C 187 -16.67 11.86 -2.31
CA ASP C 187 -16.37 10.81 -1.32
C ASP C 187 -16.84 9.51 -1.90
N LEU C 188 -16.21 8.37 -1.55
CA LEU C 188 -16.68 7.05 -2.07
C LEU C 188 -16.41 5.91 -1.11
N GLY C 189 -17.45 5.15 -0.77
CA GLY C 189 -17.25 4.03 0.18
C GLY C 189 -17.77 2.75 -0.46
N GLY C 190 -18.02 1.73 0.34
CA GLY C 190 -18.58 0.49 -0.22
C GLY C 190 -20.04 0.63 -0.65
N SER C 191 -20.74 1.52 0.03
CA SER C 191 -22.19 1.56 -0.02
C SER C 191 -22.81 2.84 -0.64
N SER C 192 -22.14 3.97 -0.48
CA SER C 192 -22.63 5.15 -1.15
C SER C 192 -21.52 6.05 -1.47
N THR C 193 -21.82 7.09 -2.23
CA THR C 193 -20.86 8.02 -2.76
C THR C 193 -21.56 9.35 -2.63
N GLN C 194 -20.84 10.41 -2.23
CA GLN C 194 -21.38 11.79 -2.02
C GLN C 194 -20.59 12.78 -2.85
N ILE C 195 -21.23 13.88 -3.23
CA ILE C 195 -20.58 15.01 -3.90
C ILE C 195 -21.19 16.28 -3.40
N THR C 196 -20.35 17.26 -3.12
CA THR C 196 -20.75 18.41 -2.30
C THR C 196 -19.89 19.56 -2.70
N PHE C 197 -20.52 20.67 -3.14
CA PHE C 197 -19.76 21.84 -3.57
C PHE C 197 -20.60 23.11 -3.67
N VAL C 198 -19.98 24.25 -3.93
CA VAL C 198 -20.70 25.51 -4.01
C VAL C 198 -20.74 25.89 -5.48
N PRO C 199 -21.94 25.81 -6.11
CA PRO C 199 -22.04 26.08 -7.58
C PRO C 199 -22.24 27.55 -7.82
N LEU C 200 -22.04 28.03 -9.06
CA LEU C 200 -22.50 29.39 -9.42
C LEU C 200 -23.98 29.66 -9.07
N ASN C 201 -24.25 30.78 -8.41
CA ASN C 201 -25.65 31.19 -8.07
C ASN C 201 -26.70 31.07 -9.18
N SER C 202 -26.22 31.21 -10.41
CA SER C 202 -27.05 31.27 -11.58
C SER C 202 -27.56 29.90 -12.04
N THR C 203 -27.14 28.83 -11.39
CA THR C 203 -27.41 27.50 -11.95
C THR C 203 -28.20 26.60 -10.96
N LEU C 204 -28.89 27.21 -9.99
CA LEU C 204 -29.54 26.56 -8.84
C LEU C 204 -30.92 26.06 -9.19
N GLU C 205 -30.96 25.04 -10.04
CA GLU C 205 -32.18 24.57 -10.64
C GLU C 205 -32.93 23.58 -9.78
N ALA C 206 -32.46 23.21 -8.58
CA ALA C 206 -33.30 22.33 -7.71
C ALA C 206 -33.10 22.62 -6.22
N PRO C 207 -33.81 23.61 -5.68
CA PRO C 207 -33.52 24.00 -4.30
C PRO C 207 -33.66 22.86 -3.26
N GLU C 208 -34.43 21.80 -3.58
CA GLU C 208 -34.43 20.62 -2.70
C GLU C 208 -33.02 20.04 -2.52
N THR C 209 -32.10 20.28 -3.43
CA THR C 209 -30.75 19.69 -3.23
C THR C 209 -29.69 20.65 -2.64
N SER C 210 -30.09 21.82 -2.19
CA SER C 210 -29.06 22.64 -1.62
C SER C 210 -29.30 22.93 -0.14
N LEU C 211 -28.20 23.23 0.55
CA LEU C 211 -28.16 23.56 1.97
C LEU C 211 -27.47 24.90 2.07
N GLN C 212 -27.75 25.57 3.18
CA GLN C 212 -27.38 26.93 3.39
C GLN C 212 -26.64 26.98 4.64
N PHE C 213 -25.50 27.64 4.72
CA PHE C 213 -25.05 28.01 6.09
C PHE C 213 -23.96 29.00 6.14
N ARG C 214 -23.95 29.71 7.26
CA ARG C 214 -23.02 30.76 7.55
C ARG C 214 -21.84 30.11 8.25
N LEU C 215 -20.63 30.40 7.78
CA LEU C 215 -19.39 29.88 8.34
C LEU C 215 -18.30 30.94 8.37
N TYR C 216 -18.00 31.40 9.57
CA TYR C 216 -17.01 32.47 9.77
C TYR C 216 -17.56 33.77 9.22
N GLY C 217 -18.86 33.97 9.43
CA GLY C 217 -19.51 35.17 8.97
C GLY C 217 -19.73 35.16 7.47
N THR C 218 -19.40 34.04 6.81
CA THR C 218 -19.66 33.87 5.38
C THR C 218 -20.84 32.92 5.10
N ASP C 219 -21.60 33.24 4.04
CA ASP C 219 -22.83 32.56 3.73
C ASP C 219 -22.59 31.69 2.54
N TYR C 220 -22.85 30.38 2.70
CA TYR C 220 -22.61 29.37 1.68
C TYR C 220 -23.90 28.68 1.27
N THR C 221 -24.10 28.60 -0.03
CA THR C 221 -25.14 27.74 -0.60
C THR C 221 -24.40 26.57 -1.29
N VAL C 222 -24.63 25.38 -0.77
CA VAL C 222 -23.91 24.17 -1.10
C VAL C 222 -24.90 23.14 -1.63
N TYR C 223 -24.55 22.61 -2.80
CA TYR C 223 -25.19 21.42 -3.30
C TYR C 223 -24.56 20.25 -2.61
N THR C 224 -25.40 19.39 -2.03
CA THR C 224 -24.91 18.09 -1.65
C THR C 224 -25.88 16.98 -1.92
N HIS C 225 -25.38 15.91 -2.50
CA HIS C 225 -26.21 14.72 -2.63
C HIS C 225 -25.43 13.47 -2.30
N SER C 226 -26.16 12.46 -1.80
CA SER C 226 -25.66 11.12 -1.52
C SER C 226 -26.35 9.99 -2.31
N PHE C 227 -25.59 9.28 -3.11
CA PHE C 227 -26.17 8.15 -3.89
C PHE C 227 -26.06 6.76 -3.22
N LEU C 228 -27.05 6.44 -2.39
CA LEU C 228 -27.13 5.19 -1.66
C LEU C 228 -27.11 3.99 -2.63
N CYS C 229 -26.41 2.93 -2.29
CA CYS C 229 -26.21 1.84 -3.25
C CYS C 229 -25.26 2.11 -4.37
N TYR C 230 -24.58 3.24 -4.37
CA TYR C 230 -23.62 3.53 -5.48
C TYR C 230 -22.18 3.66 -5.05
N GLY C 231 -21.95 3.22 -3.81
CA GLY C 231 -20.59 2.91 -3.37
C GLY C 231 -20.03 1.76 -4.20
N LYS C 232 -18.75 1.43 -4.07
CA LYS C 232 -18.17 0.59 -5.11
C LYS C 232 -18.57 -0.87 -4.87
N ASP C 233 -18.92 -1.24 -3.64
CA ASP C 233 -19.30 -2.63 -3.32
C ASP C 233 -20.72 -2.90 -3.77
N GLN C 234 -21.64 -2.00 -3.41
CA GLN C 234 -23.03 -2.22 -3.68
C GLN C 234 -23.23 -2.12 -5.16
N ALA C 235 -22.35 -1.37 -5.84
CA ALA C 235 -22.46 -1.30 -7.31
C ALA C 235 -22.16 -2.66 -7.90
N LEU C 236 -21.17 -3.35 -7.35
CA LEU C 236 -20.80 -4.63 -7.87
C LEU C 236 -21.95 -5.59 -7.66
N TRP C 237 -22.55 -5.56 -6.47
CA TRP C 237 -23.68 -6.47 -6.26
CA TRP C 237 -23.71 -6.43 -6.20
C TRP C 237 -24.80 -6.15 -7.21
N GLN C 238 -25.07 -4.87 -7.43
CA GLN C 238 -26.10 -4.51 -8.38
C GLN C 238 -25.80 -5.10 -9.76
N LYS C 239 -24.55 -4.91 -10.20
CA LYS C 239 -24.17 -5.30 -11.56
C LYS C 239 -24.26 -6.80 -11.76
N LEU C 240 -23.75 -7.56 -10.81
CA LEU C 240 -23.80 -9.00 -10.95
C LEU C 240 -25.26 -9.48 -10.95
N ALA C 241 -26.07 -8.86 -10.09
CA ALA C 241 -27.50 -9.25 -9.94
C ALA C 241 -28.28 -8.96 -11.21
N GLN C 242 -27.92 -7.83 -11.81
CA GLN C 242 -28.44 -7.45 -13.10
C GLN C 242 -27.95 -8.45 -14.13
N ASP C 243 -26.66 -8.77 -14.13
CA ASP C 243 -26.04 -9.61 -15.18
C ASP C 243 -26.38 -11.08 -15.18
N ILE C 244 -26.54 -11.67 -14.00
CA ILE C 244 -26.79 -13.11 -13.89
C ILE C 244 -28.12 -13.46 -14.57
N GLN C 245 -28.05 -14.40 -15.50
CA GLN C 245 -29.21 -14.79 -16.28
C GLN C 245 -29.59 -16.16 -15.77
N VAL C 246 -30.81 -16.58 -16.07
CA VAL C 246 -31.25 -17.91 -15.67
C VAL C 246 -30.52 -18.98 -16.46
N SER C 247 -30.28 -18.68 -17.73
CA SER C 247 -29.52 -19.47 -18.68
C SER C 247 -28.06 -19.66 -18.28
N SER C 248 -27.62 -18.86 -17.30
CA SER C 248 -26.20 -18.74 -16.95
C SER C 248 -25.50 -20.05 -16.61
N GLY C 249 -26.26 -20.99 -16.08
CA GLY C 249 -25.81 -22.35 -15.87
C GLY C 249 -24.91 -22.45 -14.67
N GLY C 250 -24.92 -21.43 -13.79
CA GLY C 250 -24.02 -21.37 -12.62
C GLY C 250 -22.68 -20.74 -12.95
N ILE C 251 -22.55 -20.29 -14.21
CA ILE C 251 -21.36 -19.62 -14.73
C ILE C 251 -21.75 -18.20 -15.09
N LEU C 252 -20.99 -17.21 -14.63
CA LEU C 252 -21.13 -15.84 -15.13
C LEU C 252 -19.76 -15.33 -15.55
N LYS C 253 -19.50 -15.39 -16.86
CA LYS C 253 -18.29 -14.80 -17.43
C LYS C 253 -18.34 -13.31 -17.15
N ASP C 254 -17.28 -12.72 -16.61
CA ASP C 254 -17.30 -11.24 -16.33
C ASP C 254 -16.10 -10.40 -16.86
N PRO C 255 -16.39 -9.35 -17.65
CA PRO C 255 -15.30 -8.58 -18.23
C PRO C 255 -14.61 -7.67 -17.23
N CYS C 256 -15.21 -7.49 -16.05
CA CYS C 256 -14.62 -6.64 -15.05
C CYS C 256 -13.63 -7.35 -14.17
N PHE C 257 -13.29 -8.59 -14.51
CA PHE C 257 -12.26 -9.34 -13.78
C PHE C 257 -11.26 -9.94 -14.80
N TYR C 258 -10.05 -10.17 -14.31
CA TYR C 258 -8.90 -10.49 -15.13
C TYR C 258 -9.16 -11.85 -15.62
N PRO C 259 -8.63 -12.18 -16.80
CA PRO C 259 -8.71 -13.53 -17.32
C PRO C 259 -8.22 -14.43 -16.21
N GLY C 260 -9.03 -15.44 -15.90
CA GLY C 260 -8.68 -16.51 -15.00
C GLY C 260 -9.00 -16.23 -13.54
N TYR C 261 -9.56 -15.05 -13.23
CA TYR C 261 -10.13 -14.88 -11.93
C TYR C 261 -11.39 -15.72 -11.85
N LYS C 262 -11.55 -16.48 -10.77
CA LYS C 262 -12.78 -17.22 -10.56
C LYS C 262 -13.18 -17.04 -9.11
N LYS C 263 -14.37 -16.49 -8.87
CA LYS C 263 -14.92 -16.39 -7.52
C LYS C 263 -16.36 -16.97 -7.47
N VAL C 264 -16.68 -17.69 -6.41
CA VAL C 264 -18.02 -18.23 -6.23
C VAL C 264 -18.90 -17.20 -5.52
N VAL C 265 -20.07 -16.89 -6.05
CA VAL C 265 -21.00 -16.05 -5.28
C VAL C 265 -22.28 -16.78 -4.86
N ASN C 266 -22.66 -16.55 -3.60
CA ASN C 266 -23.89 -17.11 -3.04
C ASN C 266 -25.07 -16.19 -3.24
N VAL C 267 -26.10 -16.74 -3.86
CA VAL C 267 -27.27 -15.97 -4.24
C VAL C 267 -27.93 -15.30 -3.04
N SER C 268 -28.05 -16.00 -1.92
CA SER C 268 -28.65 -15.40 -0.74
C SER C 268 -27.88 -14.17 -0.19
N GLU C 269 -26.57 -14.12 -0.42
CA GLU C 269 -25.75 -13.00 0.02
C GLU C 269 -26.03 -11.83 -0.91
N LEU C 270 -26.14 -12.18 -2.17
CA LEU C 270 -26.37 -11.21 -3.22
C LEU C 270 -27.75 -10.60 -3.06
N TYR C 271 -28.74 -11.42 -2.78
CA TYR C 271 -30.08 -10.94 -2.58
C TYR C 271 -30.32 -10.54 -1.14
N GLY C 272 -29.27 -10.51 -0.33
CA GLY C 272 -29.36 -10.15 1.09
C GLY C 272 -29.11 -8.67 1.33
N THR C 273 -28.91 -7.91 0.23
CA THR C 273 -28.74 -6.44 0.21
C THR C 273 -29.93 -5.79 -0.48
N PRO C 274 -30.41 -4.62 0.05
CA PRO C 274 -31.49 -3.88 -0.58
C PRO C 274 -31.15 -3.49 -1.97
N CYS C 275 -29.86 -3.37 -2.24
CA CYS C 275 -29.41 -2.76 -3.49
C CYS C 275 -29.61 -3.65 -4.70
N THR C 276 -29.95 -4.90 -4.46
CA THR C 276 -30.20 -5.79 -5.56
C THR C 276 -31.65 -6.13 -5.66
N LYS C 277 -32.46 -5.63 -4.74
CA LYS C 277 -33.87 -6.01 -4.68
C LYS C 277 -34.56 -5.77 -5.99
N ARG C 278 -34.09 -4.81 -6.77
CA ARG C 278 -34.76 -4.39 -7.99
C ARG C 278 -34.32 -5.22 -9.14
N PHE C 279 -33.46 -6.21 -8.91
CA PHE C 279 -32.99 -7.17 -9.93
C PHE C 279 -33.25 -8.61 -9.56
N GLU C 280 -34.02 -8.81 -8.49
CA GLU C 280 -34.23 -10.14 -7.94
C GLU C 280 -34.93 -11.03 -8.95
N LYS C 281 -34.63 -12.33 -8.88
CA LYS C 281 -35.22 -13.39 -9.71
C LYS C 281 -35.28 -14.65 -8.84
N LYS C 282 -36.12 -15.60 -9.18
CA LYS C 282 -35.98 -16.90 -8.55
C LYS C 282 -34.96 -17.67 -9.44
N LEU C 283 -33.93 -18.32 -8.85
CA LEU C 283 -32.88 -18.98 -9.66
C LEU C 283 -32.76 -20.48 -9.44
N PRO C 284 -32.39 -21.21 -10.51
CA PRO C 284 -32.28 -22.68 -10.40
C PRO C 284 -31.02 -23.17 -9.70
N PHE C 285 -30.29 -22.25 -9.06
CA PHE C 285 -28.98 -22.49 -8.42
C PHE C 285 -28.72 -21.58 -7.21
N ASN C 286 -28.14 -22.17 -6.16
CA ASN C 286 -27.89 -21.49 -4.90
C ASN C 286 -26.63 -20.62 -4.95
N GLN C 287 -25.74 -20.94 -5.89
CA GLN C 287 -24.45 -20.27 -6.02
C GLN C 287 -24.00 -20.29 -7.48
N PHE C 288 -23.04 -19.43 -7.81
CA PHE C 288 -22.50 -19.37 -9.15
C PHE C 288 -21.10 -18.77 -9.18
N GLN C 289 -20.40 -19.07 -10.26
CA GLN C 289 -19.00 -18.69 -10.37
C GLN C 289 -18.73 -17.61 -11.39
N VAL C 290 -18.27 -16.47 -10.88
CA VAL C 290 -17.69 -15.44 -11.71
C VAL C 290 -16.41 -15.86 -12.39
N GLN C 291 -16.38 -15.69 -13.69
CA GLN C 291 -15.17 -15.95 -14.39
C GLN C 291 -14.69 -14.72 -15.16
N GLY C 292 -13.61 -14.09 -14.72
CA GLY C 292 -13.04 -12.98 -15.45
C GLY C 292 -12.83 -13.37 -16.89
N THR C 293 -13.22 -12.49 -17.81
CA THR C 293 -12.86 -12.62 -19.23
C THR C 293 -12.05 -11.38 -19.65
N GLY C 294 -11.88 -10.50 -18.64
CA GLY C 294 -10.94 -9.38 -18.62
C GLY C 294 -10.93 -8.37 -19.73
N ASP C 295 -12.00 -7.61 -19.90
CA ASP C 295 -11.98 -6.52 -20.88
C ASP C 295 -12.59 -5.22 -20.33
N TYR C 296 -11.78 -4.17 -20.25
CA TYR C 296 -12.25 -2.82 -19.89
C TYR C 296 -13.55 -2.26 -20.56
N GLU C 297 -13.60 -2.25 -21.88
CA GLU C 297 -14.76 -1.70 -22.61
C GLU C 297 -16.07 -2.31 -22.11
N GLN C 298 -16.18 -3.64 -22.20
CA GLN C 298 -17.42 -4.33 -21.91
C GLN C 298 -17.69 -4.21 -20.46
N CYS C 299 -16.63 -4.10 -19.65
CA CYS C 299 -16.77 -3.91 -18.20
C CYS C 299 -17.49 -2.61 -18.05
N HIS C 300 -16.91 -1.55 -18.61
CA HIS C 300 -17.57 -0.29 -18.76
C HIS C 300 -19.02 -0.31 -19.21
N GLN C 301 -19.27 -0.93 -20.37
CA GLN C 301 -20.62 -0.98 -20.94
C GLN C 301 -21.51 -1.56 -19.88
N SER C 302 -21.01 -2.56 -19.15
CA SER C 302 -21.85 -3.32 -18.25
C SER C 302 -22.09 -2.56 -16.97
N ILE C 303 -21.16 -1.65 -16.64
CA ILE C 303 -21.24 -0.77 -15.48
C ILE C 303 -22.22 0.34 -15.76
N LEU C 304 -22.19 0.88 -16.98
CA LEU C 304 -23.16 1.86 -17.38
C LEU C 304 -24.59 1.35 -17.16
N LYS C 305 -24.83 0.06 -17.34
CA LYS C 305 -26.21 -0.46 -17.27
C LYS C 305 -26.91 -0.36 -15.92
N ILE C 306 -26.18 -0.19 -14.81
CA ILE C 306 -26.86 0.01 -13.51
C ILE C 306 -27.21 1.47 -13.26
N PHE C 307 -26.91 2.30 -14.25
CA PHE C 307 -27.22 3.73 -14.16
C PHE C 307 -28.28 4.08 -15.18
N ASN C 308 -29.23 4.94 -14.78
CA ASN C 308 -30.14 5.50 -15.78
C ASN C 308 -29.63 6.91 -16.22
N ASN C 309 -29.49 7.12 -17.54
CA ASN C 309 -28.80 8.30 -18.10
C ASN C 309 -29.49 8.94 -19.30
N SER C 310 -30.76 8.65 -19.46
CA SER C 310 -31.41 8.86 -20.74
C SER C 310 -32.35 10.04 -20.67
N HIS C 311 -32.83 10.40 -19.47
CA HIS C 311 -33.73 11.56 -19.31
C HIS C 311 -33.31 12.38 -18.14
N CYS C 312 -33.11 13.66 -18.35
CA CYS C 312 -32.62 14.55 -17.30
C CYS C 312 -33.39 15.85 -17.50
N PRO C 313 -34.37 16.12 -16.61
CA PRO C 313 -35.17 17.26 -16.93
C PRO C 313 -34.49 18.58 -16.60
N TYR C 314 -33.25 18.55 -16.09
CA TYR C 314 -32.50 19.79 -15.83
C TYR C 314 -31.48 20.04 -16.91
N SER C 315 -30.72 21.10 -16.72
CA SER C 315 -29.70 21.44 -17.67
C SER C 315 -28.66 20.32 -17.73
N GLN C 316 -28.33 19.77 -16.57
CA GLN C 316 -27.53 18.58 -16.42
C GLN C 316 -27.87 17.80 -15.11
N CYS C 317 -27.62 16.49 -15.14
CA CYS C 317 -27.86 15.59 -14.00
C CYS C 317 -26.66 14.81 -13.57
N ALA C 318 -26.73 14.27 -12.36
CA ALA C 318 -25.72 13.29 -11.93
C ALA C 318 -26.01 12.04 -12.78
N PHE C 319 -27.01 11.30 -12.31
CA PHE C 319 -27.56 10.14 -13.00
C PHE C 319 -28.87 9.90 -12.27
N ASN C 320 -29.61 8.93 -12.79
CA ASN C 320 -30.90 8.64 -12.24
C ASN C 320 -31.87 9.83 -12.10
N GLY C 321 -31.79 10.82 -13.01
CA GLY C 321 -32.72 11.97 -13.01
C GLY C 321 -32.47 13.01 -11.95
N VAL C 322 -31.40 12.82 -11.18
CA VAL C 322 -31.03 13.65 -10.05
C VAL C 322 -30.19 14.81 -10.56
N PHE C 323 -30.56 16.02 -10.12
CA PHE C 323 -29.99 17.26 -10.59
C PHE C 323 -28.53 17.24 -10.23
N LEU C 324 -27.69 17.86 -11.07
CA LEU C 324 -26.31 18.22 -10.61
C LEU C 324 -25.92 19.57 -11.21
N PRO C 325 -25.47 20.57 -10.40
CA PRO C 325 -25.20 21.83 -11.08
C PRO C 325 -24.03 21.69 -12.04
N PRO C 326 -23.79 22.67 -12.91
CA PRO C 326 -22.46 22.59 -13.53
C PRO C 326 -21.37 22.67 -12.46
N LEU C 327 -20.25 22.04 -12.78
CA LEU C 327 -19.20 21.86 -11.78
C LEU C 327 -18.54 23.21 -11.60
N GLN C 328 -18.26 23.64 -10.37
CA GLN C 328 -17.50 24.87 -10.20
C GLN C 328 -16.30 24.56 -9.34
N GLY C 329 -15.12 25.10 -9.65
CA GLY C 329 -13.94 25.05 -8.78
C GLY C 329 -13.20 23.74 -8.77
N SER C 330 -12.13 23.70 -7.98
CA SER C 330 -11.45 22.48 -7.66
C SER C 330 -12.21 21.59 -6.70
N PHE C 331 -11.91 20.29 -6.78
CA PHE C 331 -12.42 19.27 -5.89
C PHE C 331 -11.33 18.41 -5.27
N GLY C 332 -11.58 17.86 -4.07
CA GLY C 332 -10.71 16.87 -3.46
C GLY C 332 -11.55 15.63 -3.35
N ALA C 333 -10.98 14.52 -3.86
CA ALA C 333 -11.62 13.17 -3.93
C ALA C 333 -10.91 12.27 -2.93
N PHE C 334 -11.65 11.65 -2.01
CA PHE C 334 -10.99 10.93 -0.90
C PHE C 334 -11.60 9.57 -0.62
N SER C 335 -11.21 8.90 0.46
CA SER C 335 -11.59 7.50 0.64
C SER C 335 -11.37 6.72 -0.61
N ALA C 336 -12.35 5.93 -1.05
CA ALA C 336 -12.03 4.91 -2.02
C ALA C 336 -11.56 5.62 -3.26
N PHE C 337 -11.86 6.91 -3.37
CA PHE C 337 -11.48 7.57 -4.63
C PHE C 337 -9.99 7.63 -4.60
N TYR C 338 -9.47 7.92 -3.42
CA TYR C 338 -8.08 8.07 -3.26
C TYR C 338 -7.35 6.72 -3.35
N PHE C 339 -7.78 5.73 -2.58
CA PHE C 339 -7.00 4.49 -2.50
CA PHE C 339 -7.01 4.48 -2.49
C PHE C 339 -6.98 3.79 -3.86
N VAL C 340 -8.10 3.80 -4.56
CA VAL C 340 -8.11 3.22 -5.92
C VAL C 340 -7.30 4.04 -7.00
N MET C 341 -7.46 5.37 -6.98
CA MET C 341 -6.84 6.18 -8.04
C MET C 341 -5.36 6.16 -7.74
N ASP C 342 -5.05 6.13 -6.46
CA ASP C 342 -3.63 5.93 -6.13
C ASP C 342 -2.93 4.66 -6.68
N PHE C 343 -3.65 3.53 -6.61
CA PHE C 343 -3.08 2.30 -7.09
C PHE C 343 -2.76 2.43 -8.57
N PHE C 344 -3.67 3.05 -9.33
CA PHE C 344 -3.45 3.20 -10.77
C PHE C 344 -2.45 4.28 -11.11
N LYS C 345 -2.43 5.34 -10.34
CA LYS C 345 -1.60 6.47 -10.60
C LYS C 345 -0.18 6.02 -10.44
N LYS C 346 -0.01 5.03 -9.55
CA LYS C 346 1.25 4.32 -9.27
C LYS C 346 1.69 3.52 -10.47
N MET C 347 0.82 3.23 -11.41
CA MET C 347 1.31 2.50 -12.57
C MET C 347 1.81 3.45 -13.63
N ALA C 348 1.55 4.76 -13.49
CA ALA C 348 1.96 5.78 -14.49
C ALA C 348 3.47 5.98 -14.68
N SER C 353 -2.35 11.57 -13.87
CA SER C 353 -2.37 12.28 -15.11
C SER C 353 -3.82 12.35 -15.67
N SER C 354 -3.88 12.38 -17.02
CA SER C 354 -5.07 12.69 -17.80
C SER C 354 -6.05 11.54 -17.78
N GLN C 355 -7.32 11.89 -17.92
CA GLN C 355 -8.37 10.94 -18.12
C GLN C 355 -8.08 9.87 -19.25
N GLU C 356 -7.41 10.27 -20.34
CA GLU C 356 -7.03 9.34 -21.43
C GLU C 356 -6.00 8.35 -20.90
N LYS C 357 -5.07 8.87 -20.11
CA LYS C 357 -3.96 8.11 -19.65
C LYS C 357 -4.50 7.05 -18.69
N MET C 358 -5.24 7.53 -17.69
CA MET C 358 -5.90 6.65 -16.72
C MET C 358 -6.73 5.50 -17.35
N THR C 359 -7.44 5.79 -18.44
CA THR C 359 -8.12 4.78 -19.24
C THR C 359 -7.16 3.81 -19.93
N GLU C 360 -6.08 4.26 -20.61
CA GLU C 360 -5.14 3.27 -21.21
C GLU C 360 -4.61 2.39 -20.10
N ILE C 361 -4.32 3.00 -18.95
CA ILE C 361 -3.71 2.26 -17.86
C ILE C 361 -4.64 1.12 -17.33
N THR C 362 -5.93 1.44 -17.21
CA THR C 362 -6.95 0.54 -16.65
C THR C 362 -7.33 -0.52 -17.69
N LYS C 363 -7.33 -0.12 -18.96
CA LYS C 363 -7.60 -1.08 -20.03
C LYS C 363 -6.57 -2.18 -19.96
N ASN C 364 -5.32 -1.79 -19.82
CA ASN C 364 -4.28 -2.77 -19.91
C ASN C 364 -4.30 -3.65 -18.67
N PHE C 365 -4.33 -3.04 -17.51
CA PHE C 365 -4.50 -3.77 -16.29
C PHE C 365 -5.57 -4.86 -16.31
N CYS C 366 -6.75 -4.50 -16.80
CA CYS C 366 -7.88 -5.39 -16.73
C CYS C 366 -7.64 -6.67 -17.51
N SER C 367 -6.82 -6.66 -18.58
CA SER C 367 -6.56 -7.90 -19.34
C SER C 367 -5.44 -8.72 -18.83
N LYS C 368 -4.85 -8.33 -17.70
CA LYS C 368 -3.73 -9.08 -17.18
C LYS C 368 -4.30 -10.33 -16.49
N PRO C 369 -3.87 -11.55 -16.91
CA PRO C 369 -4.40 -12.70 -16.18
C PRO C 369 -4.18 -12.52 -14.68
N TRP C 370 -5.11 -13.05 -13.90
CA TRP C 370 -5.14 -12.95 -12.43
C TRP C 370 -3.88 -13.37 -11.76
N GLU C 371 -3.25 -14.43 -12.28
CA GLU C 371 -2.00 -14.89 -11.71
C GLU C 371 -0.84 -13.89 -11.95
N GLU C 372 -0.73 -13.29 -13.14
CA GLU C 372 0.20 -12.14 -13.35
C GLU C 372 -0.09 -10.96 -12.40
N VAL C 373 -1.37 -10.73 -12.13
CA VAL C 373 -1.76 -9.58 -11.33
C VAL C 373 -1.26 -9.80 -9.89
N LYS C 374 -1.66 -10.91 -9.28
CA LYS C 374 -1.15 -11.29 -7.96
C LYS C 374 0.39 -11.30 -7.86
N ALA C 375 1.09 -11.89 -8.82
CA ALA C 375 2.56 -11.91 -8.79
C ALA C 375 3.15 -10.51 -8.96
N SER C 376 2.55 -9.68 -9.81
CA SER C 376 3.05 -8.32 -10.00
C SER C 376 2.92 -7.39 -8.79
N TYR C 377 1.96 -7.70 -7.91
CA TYR C 377 1.62 -6.87 -6.77
C TYR C 377 1.58 -7.66 -5.45
N PRO C 378 2.69 -8.33 -5.11
CA PRO C 378 2.61 -9.30 -4.04
C PRO C 378 2.26 -8.68 -2.67
N THR C 379 2.39 -7.36 -2.49
CA THR C 379 2.23 -6.82 -1.13
C THR C 379 0.81 -6.38 -0.87
N VAL C 380 -0.03 -6.45 -1.90
CA VAL C 380 -1.40 -5.94 -1.83
C VAL C 380 -2.38 -7.07 -1.45
N LYS C 381 -3.21 -6.82 -0.43
CA LYS C 381 -4.25 -7.76 0.02
C LYS C 381 -5.11 -8.10 -1.17
N GLU C 382 -5.22 -9.41 -1.46
CA GLU C 382 -6.02 -9.94 -2.57
C GLU C 382 -7.48 -9.53 -2.61
N LYS C 383 -8.07 -9.30 -1.45
CA LYS C 383 -9.39 -8.77 -1.38
C LYS C 383 -9.53 -7.46 -2.13
N TYR C 384 -8.56 -6.55 -1.97
CA TYR C 384 -8.60 -5.30 -2.73
C TYR C 384 -8.09 -5.59 -4.19
N LEU C 385 -6.92 -6.24 -4.28
CA LEU C 385 -6.35 -6.46 -5.61
C LEU C 385 -7.32 -7.09 -6.64
N SER C 386 -7.99 -8.12 -6.14
CA SER C 386 -9.19 -8.70 -6.69
C SER C 386 -10.08 -7.73 -7.47
N GLU C 387 -10.48 -6.63 -6.82
CA GLU C 387 -11.48 -5.68 -7.34
C GLU C 387 -10.95 -4.52 -8.20
N TYR C 388 -9.64 -4.38 -8.29
CA TYR C 388 -9.13 -3.21 -8.99
C TYR C 388 -9.52 -2.94 -10.45
N CYS C 389 -9.75 -3.99 -11.25
CA CYS C 389 -10.22 -3.74 -12.61
C CYS C 389 -11.59 -3.17 -12.51
N PHE C 390 -12.42 -3.80 -11.71
CA PHE C 390 -13.78 -3.30 -11.52
C PHE C 390 -13.87 -1.87 -10.92
N SER C 391 -13.22 -1.64 -9.77
CA SER C 391 -13.30 -0.33 -9.08
C SER C 391 -12.70 0.79 -9.88
N GLY C 392 -11.59 0.53 -10.55
CA GLY C 392 -11.04 1.53 -11.42
C GLY C 392 -12.07 1.86 -12.45
N THR C 393 -12.67 0.85 -13.08
CA THR C 393 -13.51 1.19 -14.21
C THR C 393 -14.71 1.89 -13.67
N TYR C 394 -15.22 1.32 -12.63
CA TYR C 394 -16.29 1.96 -11.91
C TYR C 394 -16.03 3.45 -11.68
N ILE C 395 -14.92 3.75 -11.00
CA ILE C 395 -14.63 5.09 -10.53
C ILE C 395 -14.50 6.06 -11.72
N LEU C 396 -13.84 5.61 -12.80
CA LEU C 396 -13.87 6.39 -14.05
C LEU C 396 -15.28 6.75 -14.47
N SER C 397 -16.19 5.80 -14.72
CA SER C 397 -17.47 6.24 -15.25
C SER C 397 -18.21 7.02 -14.20
N LEU C 398 -18.06 6.64 -12.94
CA LEU C 398 -18.75 7.42 -11.91
C LEU C 398 -18.31 8.84 -12.05
N LEU C 399 -17.01 9.10 -12.17
CA LEU C 399 -16.57 10.50 -12.33
C LEU C 399 -16.92 11.20 -13.66
N LEU C 400 -16.71 10.50 -14.78
CA LEU C 400 -17.01 11.08 -16.08
C LEU C 400 -18.49 11.17 -16.47
N GLN C 401 -19.19 10.04 -16.42
CA GLN C 401 -20.61 10.05 -16.86
C GLN C 401 -21.48 10.54 -15.71
N GLY C 402 -21.05 10.23 -14.50
CA GLY C 402 -21.85 10.42 -13.30
C GLY C 402 -21.86 11.86 -12.90
N TYR C 403 -20.77 12.24 -12.24
CA TYR C 403 -20.49 13.63 -11.87
C TYR C 403 -20.06 14.56 -13.03
N ASN C 404 -19.90 14.02 -14.23
CA ASN C 404 -19.61 14.93 -15.33
C ASN C 404 -18.23 15.59 -15.35
N PHE C 405 -17.20 15.00 -14.76
CA PHE C 405 -15.83 15.59 -14.87
C PHE C 405 -15.20 15.34 -16.21
N THR C 406 -15.93 15.63 -17.27
CA THR C 406 -15.34 15.49 -18.57
C THR C 406 -14.59 16.79 -18.97
N GLY C 407 -13.79 16.71 -20.04
CA GLY C 407 -13.02 17.82 -20.54
C GLY C 407 -11.98 18.33 -19.55
N THR C 408 -11.93 19.63 -19.44
CA THR C 408 -10.97 20.25 -18.58
C THR C 408 -11.37 20.15 -17.10
N SER C 409 -12.59 19.71 -16.81
CA SER C 409 -13.02 19.56 -15.46
C SER C 409 -12.25 18.49 -14.77
N TRP C 410 -11.70 17.56 -15.57
CA TRP C 410 -10.98 16.41 -15.03
C TRP C 410 -9.85 16.83 -14.14
N ASP C 411 -9.06 17.79 -14.62
CA ASP C 411 -7.89 18.25 -13.92
C ASP C 411 -8.14 19.02 -12.66
N GLN C 412 -9.38 19.23 -12.28
CA GLN C 412 -9.67 20.05 -11.10
C GLN C 412 -9.92 19.13 -9.93
N ILE C 413 -9.77 17.82 -10.20
CA ILE C 413 -9.87 16.73 -9.17
C ILE C 413 -8.50 16.46 -8.55
N HIS C 414 -8.43 16.68 -7.25
CA HIS C 414 -7.23 16.40 -6.47
C HIS C 414 -7.53 15.28 -5.56
N PHE C 415 -6.89 14.13 -5.82
CA PHE C 415 -7.08 12.92 -5.03
C PHE C 415 -6.22 13.03 -3.82
N MET C 416 -6.80 12.82 -2.64
CA MET C 416 -6.05 13.10 -1.38
C MET C 416 -6.44 12.14 -0.28
N GLY C 417 -5.50 11.74 0.56
CA GLY C 417 -5.88 10.86 1.64
C GLY C 417 -5.98 11.68 2.90
N LYS C 418 -4.88 12.37 3.16
CA LYS C 418 -4.71 13.13 4.38
C LYS C 418 -4.29 14.50 3.94
N ILE C 419 -4.72 15.50 4.69
CA ILE C 419 -4.20 16.84 4.57
C ILE C 419 -3.61 17.16 5.95
N LYS C 420 -2.37 17.65 5.95
CA LYS C 420 -1.65 17.92 7.17
C LYS C 420 -1.82 16.79 8.19
N ASP C 421 -1.59 15.56 7.79
CA ASP C 421 -1.66 14.43 8.72
C ASP C 421 -3.08 14.18 9.27
N SER C 422 -4.08 14.87 8.71
CA SER C 422 -5.44 14.55 9.07
C SER C 422 -6.14 14.11 7.83
N ASN C 423 -6.79 12.96 7.95
CA ASN C 423 -7.54 12.29 6.92
C ASN C 423 -8.73 12.99 6.35
N ALA C 424 -8.90 12.91 5.04
CA ALA C 424 -10.07 13.53 4.50
C ALA C 424 -11.23 12.55 4.69
N GLY C 425 -12.29 13.06 5.30
CA GLY C 425 -13.56 12.35 5.32
C GLY C 425 -14.37 13.33 6.11
N TRP C 426 -15.35 12.84 6.84
CA TRP C 426 -16.36 13.68 7.42
C TRP C 426 -16.30 13.80 8.91
N THR C 427 -15.46 12.98 9.52
CA THR C 427 -15.40 12.90 10.94
C THR C 427 -14.88 14.22 11.51
N LEU C 428 -13.90 14.83 10.82
CA LEU C 428 -13.32 16.07 11.39
C LEU C 428 -14.39 17.14 11.42
N GLY C 429 -15.01 17.33 10.25
CA GLY C 429 -16.22 18.12 10.12
C GLY C 429 -17.18 17.88 11.32
N TYR C 430 -17.50 16.60 11.53
CA TYR C 430 -18.52 16.24 12.49
C TYR C 430 -18.14 16.75 13.86
N MET C 431 -16.85 16.65 14.15
CA MET C 431 -16.45 16.91 15.50
C MET C 431 -16.36 18.40 15.75
N LEU C 432 -15.77 19.14 14.80
CA LEU C 432 -15.74 20.59 14.92
C LEU C 432 -17.14 21.07 15.15
N ASN C 433 -18.08 20.49 14.40
CA ASN C 433 -19.42 20.95 14.52
C ASN C 433 -19.96 20.65 15.90
N LEU C 434 -19.84 19.41 16.36
CA LEU C 434 -20.53 19.05 17.59
C LEU C 434 -19.84 19.60 18.80
N THR C 435 -18.54 19.82 18.72
CA THR C 435 -17.82 20.55 19.77
C THR C 435 -17.93 22.07 19.58
N ASN C 436 -18.83 22.50 18.68
CA ASN C 436 -19.12 23.92 18.38
C ASN C 436 -17.88 24.73 18.02
N MET C 437 -17.10 24.31 17.05
CA MET C 437 -15.81 24.95 16.83
C MET C 437 -15.65 25.65 15.49
N ILE C 438 -16.74 26.21 15.00
CA ILE C 438 -16.79 26.90 13.71
C ILE C 438 -17.77 28.05 13.94
N PRO C 439 -17.28 29.31 13.93
CA PRO C 439 -18.21 30.34 14.39
C PRO C 439 -19.24 30.77 13.32
N ALA C 440 -20.36 31.28 13.83
CA ALA C 440 -21.37 32.04 13.07
C ALA C 440 -20.80 32.80 11.86
N ASN D 32 -56.73 37.72 28.21
CA ASN D 32 -56.32 36.28 28.25
C ASN D 32 -55.66 35.68 26.97
N VAL D 33 -56.22 35.96 25.79
CA VAL D 33 -56.03 35.23 24.51
C VAL D 33 -54.81 35.71 23.71
N LYS D 34 -54.17 34.80 22.98
CA LYS D 34 -53.06 35.19 22.10
C LYS D 34 -53.39 35.05 20.62
N TYR D 35 -52.69 35.79 19.75
CA TYR D 35 -52.95 35.81 18.29
C TYR D 35 -51.67 35.72 17.49
N GLY D 36 -51.72 35.26 16.26
CA GLY D 36 -50.52 35.15 15.43
C GLY D 36 -51.02 35.25 14.02
N ILE D 37 -50.18 35.76 13.12
CA ILE D 37 -50.60 35.93 11.71
C ILE D 37 -49.53 35.30 10.86
N VAL D 38 -49.96 34.46 9.91
CA VAL D 38 -49.03 33.87 8.91
C VAL D 38 -49.60 34.12 7.55
N LEU D 39 -48.77 34.67 6.68
CA LEU D 39 -49.17 34.84 5.29
C LEU D 39 -48.56 33.66 4.53
N ASP D 40 -49.38 32.99 3.75
CA ASP D 40 -48.96 31.95 2.85
C ASP D 40 -48.86 32.60 1.46
N ALA D 41 -47.65 32.84 1.00
CA ALA D 41 -47.43 33.54 -0.27
C ALA D 41 -47.21 32.48 -1.32
N GLY D 42 -48.29 32.13 -1.99
CA GLY D 42 -48.24 31.07 -2.95
C GLY D 42 -48.21 31.66 -4.34
N SER D 43 -48.01 30.80 -5.34
CA SER D 43 -47.80 31.36 -6.65
C SER D 43 -49.07 31.96 -7.27
N SER D 44 -50.25 31.49 -6.92
CA SER D 44 -51.45 32.08 -7.48
C SER D 44 -52.08 33.03 -6.48
N HIS D 45 -51.88 32.81 -5.18
CA HIS D 45 -52.50 33.67 -4.19
CA HIS D 45 -52.51 33.67 -4.20
C HIS D 45 -51.68 33.84 -2.96
N THR D 46 -51.88 34.96 -2.29
CA THR D 46 -51.29 35.19 -0.98
C THR D 46 -52.49 35.06 -0.05
N ASN D 47 -52.45 34.10 0.86
CA ASN D 47 -53.54 34.00 1.81
C ASN D 47 -52.96 34.40 3.15
N LEU D 48 -53.70 35.23 3.89
CA LEU D 48 -53.34 35.55 5.27
C LEU D 48 -54.25 34.79 6.23
N TYR D 49 -53.62 34.23 7.26
CA TYR D 49 -54.37 33.55 8.33
C TYR D 49 -54.10 34.19 9.66
N ILE D 50 -55.14 34.30 10.47
CA ILE D 50 -54.96 34.77 11.81
C ILE D 50 -55.34 33.63 12.72
N TYR D 51 -54.42 33.25 13.57
CA TYR D 51 -54.68 32.18 14.53
C TYR D 51 -54.86 32.76 15.91
N LYS D 52 -55.60 32.05 16.76
CA LYS D 52 -55.72 32.46 18.16
C LYS D 52 -55.78 31.27 19.11
N TRP D 53 -55.36 31.48 20.35
CA TRP D 53 -55.32 30.38 21.32
C TRP D 53 -55.29 30.82 22.76
N PRO D 54 -55.62 29.90 23.67
CA PRO D 54 -55.54 30.35 25.04
C PRO D 54 -54.11 30.68 25.51
N ALA D 55 -54.01 31.75 26.30
CA ALA D 55 -52.85 32.14 27.17
C ALA D 55 -51.69 31.12 27.28
N VAL D 63 -55.53 24.56 22.66
CA VAL D 63 -55.61 24.26 21.26
C VAL D 63 -55.75 25.60 20.49
N VAL D 64 -55.07 25.66 19.35
CA VAL D 64 -55.02 26.82 18.47
C VAL D 64 -56.08 26.67 17.35
N GLN D 65 -56.71 27.78 16.98
CA GLN D 65 -57.77 27.77 16.00
C GLN D 65 -57.56 28.86 15.03
N GLN D 66 -58.12 28.71 13.83
CA GLN D 66 -57.99 29.73 12.82
C GLN D 66 -59.09 30.67 13.21
N LEU D 67 -58.76 31.92 13.40
CA LEU D 67 -59.77 32.92 13.68
C LEU D 67 -60.39 33.37 12.35
N GLU D 68 -59.56 33.67 11.37
CA GLU D 68 -60.08 34.17 10.10
C GLU D 68 -59.03 34.04 9.04
N GLU D 69 -59.49 34.06 7.80
CA GLU D 69 -58.58 34.00 6.68
C GLU D 69 -58.94 35.10 5.69
N CYS D 70 -57.99 35.59 4.93
CA CYS D 70 -58.25 36.61 3.94
C CYS D 70 -57.44 36.24 2.68
N GLN D 71 -58.03 36.33 1.51
CA GLN D 71 -57.29 36.05 0.29
C GLN D 71 -56.96 37.39 -0.39
N VAL D 72 -55.69 37.72 -0.47
CA VAL D 72 -55.26 38.93 -1.12
C VAL D 72 -55.66 38.85 -2.59
N LYS D 73 -56.35 39.89 -3.07
CA LYS D 73 -56.71 39.93 -4.47
C LYS D 73 -55.43 40.08 -5.33
N GLY D 74 -55.45 39.45 -6.50
CA GLY D 74 -54.32 39.44 -7.43
C GLY D 74 -53.59 38.12 -7.45
N PRO D 75 -52.42 38.11 -8.10
CA PRO D 75 -51.63 36.91 -8.15
C PRO D 75 -50.61 36.87 -6.99
N GLY D 76 -49.66 35.94 -7.07
CA GLY D 76 -48.68 35.83 -6.03
C GLY D 76 -47.66 36.95 -6.16
N ILE D 77 -46.79 37.05 -5.15
CA ILE D 77 -45.90 38.18 -5.03
C ILE D 77 -44.79 38.11 -6.04
N SER D 78 -44.39 36.92 -6.47
CA SER D 78 -43.39 36.90 -7.59
C SER D 78 -43.79 37.74 -8.79
N LYS D 79 -45.10 37.89 -9.05
CA LYS D 79 -45.53 38.69 -10.22
C LYS D 79 -45.20 40.18 -10.08
N TYR D 80 -44.71 40.54 -8.91
CA TYR D 80 -44.38 41.92 -8.58
C TYR D 80 -42.91 42.29 -8.77
N ALA D 81 -42.15 41.32 -9.26
CA ALA D 81 -40.74 41.46 -9.53
C ALA D 81 -40.35 42.84 -10.11
N GLN D 82 -41.13 43.40 -11.03
CA GLN D 82 -40.78 44.78 -11.49
C GLN D 82 -41.26 45.86 -10.56
N LYS D 83 -42.49 45.67 -10.14
CA LYS D 83 -43.30 46.74 -9.63
C LYS D 83 -43.51 46.56 -8.14
N THR D 84 -42.41 46.34 -7.46
CA THR D 84 -42.44 46.10 -6.02
C THR D 84 -43.05 47.25 -5.22
N ASP D 85 -43.00 48.46 -5.76
CA ASP D 85 -43.63 49.57 -5.04
C ASP D 85 -45.16 49.44 -4.92
N GLU D 86 -45.75 48.65 -5.82
CA GLU D 86 -47.18 48.30 -5.71
C GLU D 86 -47.58 47.26 -4.63
N ILE D 87 -46.62 46.50 -4.16
CA ILE D 87 -46.83 45.53 -3.12
C ILE D 87 -47.55 46.09 -1.90
N ALA D 88 -47.16 47.23 -1.37
CA ALA D 88 -47.82 47.74 -0.19
C ALA D 88 -49.37 47.70 -0.31
N ALA D 89 -49.89 48.19 -1.43
CA ALA D 89 -51.30 48.44 -1.59
C ALA D 89 -51.94 47.07 -1.87
N TYR D 90 -51.22 46.23 -2.62
CA TYR D 90 -51.70 44.91 -2.85
C TYR D 90 -52.03 44.16 -1.53
N LEU D 91 -51.23 44.39 -0.50
CA LEU D 91 -51.36 43.68 0.75
C LEU D 91 -52.31 44.45 1.68
N ALA D 92 -52.72 45.63 1.27
CA ALA D 92 -53.36 46.56 2.22
C ALA D 92 -54.69 46.08 2.78
N GLU D 93 -55.55 45.56 1.91
CA GLU D 93 -56.90 45.08 2.36
C GLU D 93 -56.80 43.97 3.44
N CYS D 94 -56.05 42.91 3.16
CA CYS D 94 -55.99 41.83 4.15
C CYS D 94 -55.26 42.23 5.43
N MET D 95 -54.29 43.12 5.32
CA MET D 95 -53.62 43.61 6.52
C MET D 95 -54.50 44.52 7.37
N LYS D 96 -55.28 45.42 6.73
CA LYS D 96 -56.23 46.25 7.44
C LYS D 96 -57.27 45.40 8.10
N MET D 97 -57.71 44.36 7.40
CA MET D 97 -58.71 43.48 7.99
C MET D 97 -58.22 42.96 9.34
N SER D 98 -56.93 42.70 9.45
CA SER D 98 -56.36 42.13 10.67
C SER D 98 -56.22 43.14 11.76
N THR D 99 -55.94 44.40 11.41
CA THR D 99 -55.86 45.45 12.40
C THR D 99 -57.24 45.77 12.89
N GLU D 100 -58.27 45.43 12.13
CA GLU D 100 -59.66 45.77 12.48
C GLU D 100 -60.20 44.62 13.28
N ARG D 101 -59.52 43.48 13.16
CA ARG D 101 -60.00 42.23 13.72
C ARG D 101 -59.41 41.83 15.08
N ILE D 102 -58.12 42.08 15.28
CA ILE D 102 -57.43 41.82 16.53
C ILE D 102 -57.56 43.03 17.47
N PRO D 103 -57.93 42.82 18.74
CA PRO D 103 -58.00 44.02 19.59
C PRO D 103 -56.66 44.80 19.60
N ALA D 104 -56.74 46.14 19.60
CA ALA D 104 -55.54 47.00 19.54
C ALA D 104 -54.50 46.67 20.63
N SER D 105 -54.98 46.38 21.85
CA SER D 105 -54.12 46.05 22.97
C SER D 105 -53.31 44.82 22.69
N LYS D 106 -53.85 43.90 21.92
CA LYS D 106 -53.16 42.65 21.58
C LYS D 106 -52.18 42.78 20.41
N GLN D 107 -52.15 43.91 19.73
CA GLN D 107 -51.51 43.96 18.40
C GLN D 107 -49.99 44.01 18.31
N HIS D 108 -49.36 44.71 19.26
CA HIS D 108 -47.90 44.82 19.27
C HIS D 108 -47.23 43.54 19.68
N GLN D 109 -47.92 42.75 20.52
CA GLN D 109 -47.46 41.43 20.93
C GLN D 109 -47.71 40.37 19.83
N THR D 110 -48.40 40.73 18.75
CA THR D 110 -48.84 39.72 17.78
C THR D 110 -47.87 39.41 16.66
N PRO D 111 -47.33 38.20 16.63
CA PRO D 111 -46.32 37.99 15.57
C PRO D 111 -46.94 37.86 14.16
N VAL D 112 -46.14 38.29 13.20
CA VAL D 112 -46.50 38.26 11.83
C VAL D 112 -45.38 37.62 11.03
N TYR D 113 -45.72 36.62 10.22
CA TYR D 113 -44.73 35.88 9.44
C TYR D 113 -45.25 35.76 8.04
N LEU D 114 -44.34 35.87 7.08
CA LEU D 114 -44.68 35.45 5.74
C LEU D 114 -43.79 34.27 5.35
N GLY D 115 -44.44 33.22 4.88
CA GLY D 115 -43.71 32.15 4.24
C GLY D 115 -44.11 32.08 2.79
N ALA D 116 -43.12 32.08 1.91
CA ALA D 116 -43.35 32.00 0.49
C ALA D 116 -42.88 30.61 -0.03
N THR D 117 -43.59 30.14 -1.04
CA THR D 117 -43.45 28.78 -1.50
C THR D 117 -42.93 28.77 -2.96
N ALA D 118 -43.52 27.93 -3.81
CA ALA D 118 -42.84 27.49 -5.01
C ALA D 118 -42.72 28.57 -6.02
N GLY D 119 -43.72 29.45 -6.08
CA GLY D 119 -43.67 30.66 -6.95
C GLY D 119 -42.39 31.48 -6.72
N MET D 120 -42.06 31.75 -5.46
CA MET D 120 -40.89 32.49 -5.14
C MET D 120 -39.64 31.62 -5.29
N ARG D 121 -39.75 30.32 -5.15
CA ARG D 121 -38.62 29.44 -5.47
C ARG D 121 -38.19 29.71 -6.89
N LEU D 122 -39.18 29.71 -7.77
CA LEU D 122 -38.89 29.86 -9.19
C LEU D 122 -38.39 31.25 -9.48
N LEU D 123 -38.92 32.26 -8.80
CA LEU D 123 -38.38 33.62 -9.01
C LEU D 123 -36.90 33.70 -8.60
N ARG D 124 -36.58 33.13 -7.42
CA ARG D 124 -35.19 33.10 -6.91
C ARG D 124 -34.29 32.45 -7.92
N MET D 125 -34.76 31.37 -8.49
CA MET D 125 -34.00 30.61 -9.45
C MET D 125 -33.70 31.51 -10.68
N GLU D 126 -34.66 32.37 -11.05
CA GLU D 126 -34.47 33.27 -12.20
C GLU D 126 -33.56 34.46 -11.87
N SER D 127 -33.79 35.04 -10.70
CA SER D 127 -33.00 36.16 -10.24
C SER D 127 -33.09 36.26 -8.74
N LYS D 128 -31.99 35.84 -8.10
CA LYS D 128 -31.74 36.10 -6.68
C LYS D 128 -32.10 37.53 -6.25
N GLN D 129 -31.68 38.48 -7.05
CA GLN D 129 -31.84 39.90 -6.77
C GLN D 129 -33.31 40.25 -6.73
N SER D 130 -34.06 39.83 -7.76
CA SER D 130 -35.49 40.11 -7.81
C SER D 130 -36.19 39.59 -6.56
N ALA D 131 -35.88 38.34 -6.23
CA ALA D 131 -36.57 37.64 -5.17
C ALA D 131 -36.33 38.43 -3.90
N ASP D 132 -35.07 38.82 -3.71
CA ASP D 132 -34.67 39.61 -2.54
C ASP D 132 -35.38 40.97 -2.47
N GLU D 133 -35.54 41.60 -3.64
CA GLU D 133 -36.26 42.88 -3.70
C GLU D 133 -37.72 42.67 -3.33
N VAL D 134 -38.33 41.61 -3.85
CA VAL D 134 -39.72 41.32 -3.57
C VAL D 134 -39.87 41.09 -2.05
N LEU D 135 -39.03 40.23 -1.50
CA LEU D 135 -39.08 39.95 -0.05
C LEU D 135 -38.82 41.18 0.82
N ALA D 136 -37.98 42.08 0.33
CA ALA D 136 -37.73 43.31 1.03
C ALA D 136 -38.95 44.25 0.97
N ALA D 137 -39.61 44.30 -0.18
CA ALA D 137 -40.71 45.25 -0.36
C ALA D 137 -41.88 44.77 0.51
N VAL D 138 -42.17 43.44 0.49
CA VAL D 138 -43.09 42.80 1.44
C VAL D 138 -42.75 43.18 2.88
N SER D 139 -41.45 43.16 3.20
CA SER D 139 -41.01 43.37 4.54
C SER D 139 -41.28 44.75 5.03
N ARG D 140 -40.96 45.74 4.22
CA ARG D 140 -41.14 47.14 4.59
C ARG D 140 -42.63 47.35 4.79
N SER D 141 -43.41 46.63 3.98
CA SER D 141 -44.81 46.84 3.96
C SER D 141 -45.41 46.23 5.22
N LEU D 142 -45.02 45.01 5.59
CA LEU D 142 -45.56 44.39 6.81
C LEU D 142 -45.00 45.03 8.10
N LYS D 143 -43.72 45.46 8.05
CA LYS D 143 -43.06 46.08 9.17
C LYS D 143 -43.87 47.29 9.63
N SER D 144 -44.56 47.95 8.69
CA SER D 144 -45.16 49.21 8.98
C SER D 144 -46.48 49.07 9.78
N TYR D 145 -47.10 47.90 9.77
CA TYR D 145 -48.33 47.66 10.53
C TYR D 145 -48.02 47.57 12.00
N PRO D 146 -49.05 47.58 12.87
CA PRO D 146 -48.61 47.61 14.28
C PRO D 146 -48.37 46.23 14.91
N PHE D 147 -47.88 45.27 14.14
CA PHE D 147 -47.63 43.98 14.73
C PHE D 147 -46.16 43.70 14.97
N ASP D 148 -45.88 42.53 15.54
CA ASP D 148 -44.53 42.14 15.80
C ASP D 148 -43.97 41.41 14.56
N PHE D 149 -43.40 42.18 13.65
CA PHE D 149 -42.94 41.58 12.42
C PHE D 149 -41.84 40.53 12.64
N GLN D 150 -42.03 39.34 12.11
CA GLN D 150 -41.12 38.26 12.47
C GLN D 150 -40.34 37.72 11.32
N GLY D 151 -40.59 38.19 10.11
CA GLY D 151 -39.74 37.81 9.01
C GLY D 151 -40.57 37.42 7.82
N ALA D 152 -39.99 37.58 6.65
CA ALA D 152 -40.59 37.10 5.43
C ALA D 152 -39.52 36.22 4.82
N LYS D 153 -39.80 34.98 4.43
CA LYS D 153 -38.78 34.18 3.85
C LYS D 153 -39.37 33.14 2.96
N ILE D 154 -38.54 32.45 2.16
CA ILE D 154 -39.02 31.42 1.19
C ILE D 154 -38.80 30.13 1.94
N ILE D 155 -39.85 29.34 2.17
CA ILE D 155 -39.66 28.17 3.04
C ILE D 155 -39.34 27.05 2.07
N THR D 156 -38.61 26.03 2.53
CA THR D 156 -38.28 24.90 1.67
C THR D 156 -39.49 23.99 1.37
N GLY D 157 -39.39 23.13 0.34
CA GLY D 157 -40.42 22.19 0.02
C GLY D 157 -40.66 21.24 1.18
N GLN D 158 -39.60 20.78 1.83
CA GLN D 158 -39.79 19.81 2.84
C GLN D 158 -40.49 20.39 4.08
N GLU D 159 -40.13 21.64 4.45
CA GLU D 159 -40.85 22.38 5.50
C GLU D 159 -42.24 22.56 5.03
N GLU D 160 -42.38 22.76 3.73
CA GLU D 160 -43.75 22.99 3.32
C GLU D 160 -44.65 21.76 3.42
N GLY D 161 -44.11 20.60 3.01
CA GLY D 161 -44.84 19.31 3.07
C GLY D 161 -45.09 18.99 4.54
N ALA D 162 -44.05 19.15 5.37
CA ALA D 162 -44.09 18.64 6.74
C ALA D 162 -45.09 19.38 7.60
N TYR D 163 -45.18 20.67 7.39
CA TYR D 163 -46.11 21.52 8.12
C TYR D 163 -47.54 21.22 7.74
N GLY D 164 -47.79 20.90 6.46
CA GLY D 164 -49.18 20.52 6.06
C GLY D 164 -49.64 19.27 6.81
N TRP D 165 -48.71 18.33 6.92
CA TRP D 165 -48.89 17.07 7.58
C TRP D 165 -49.06 17.29 9.05
N ILE D 166 -48.29 18.22 9.61
CA ILE D 166 -48.48 18.54 10.99
C ILE D 166 -49.90 19.10 11.15
N THR D 167 -50.29 19.99 10.23
CA THR D 167 -51.56 20.76 10.33
C THR D 167 -52.75 19.80 10.39
N ILE D 168 -52.91 19.03 9.34
CA ILE D 168 -53.97 18.06 9.30
C ILE D 168 -53.95 17.10 10.47
N ASN D 169 -52.79 16.59 10.82
CA ASN D 169 -52.73 15.68 11.94
C ASN D 169 -53.09 16.33 13.25
N TYR D 170 -52.68 17.60 13.39
CA TYR D 170 -53.02 18.31 14.62
C TYR D 170 -54.54 18.56 14.69
N LEU D 171 -55.14 18.94 13.58
CA LEU D 171 -56.59 19.25 13.55
C LEU D 171 -57.49 18.04 13.69
N LEU D 172 -56.96 16.84 13.50
CA LEU D 172 -57.79 15.68 13.67
C LEU D 172 -57.46 15.09 14.99
N GLY D 173 -56.81 15.86 15.84
CA GLY D 173 -56.33 15.37 17.13
C GLY D 173 -55.47 14.11 17.10
N ARG D 174 -54.88 13.80 15.94
CA ARG D 174 -54.11 12.54 15.76
C ARG D 174 -52.84 12.42 16.55
N PHE D 175 -52.55 13.45 17.33
CA PHE D 175 -51.30 13.43 18.06
C PHE D 175 -51.47 12.94 19.49
N LYS D 176 -52.71 12.85 19.99
CA LYS D 176 -52.94 12.18 21.30
C LYS D 176 -54.14 11.27 21.26
N GLY D 180 -53.11 5.78 18.64
CA GLY D 180 -53.73 6.12 17.37
C GLY D 180 -52.64 6.20 16.32
N SER D 181 -52.96 6.79 15.16
CA SER D 181 -52.00 6.95 14.05
C SER D 181 -52.43 8.07 13.08
N THR D 182 -51.57 8.43 12.12
CA THR D 182 -51.69 9.67 11.38
C THR D 182 -51.99 9.54 9.86
N PHE D 183 -52.45 10.65 9.26
CA PHE D 183 -52.89 10.81 7.88
C PHE D 183 -51.76 11.43 7.10
N GLY D 184 -51.72 11.16 5.81
CA GLY D 184 -50.76 11.76 4.92
C GLY D 184 -51.40 13.00 4.32
N ALA D 185 -50.57 13.87 3.74
CA ALA D 185 -51.01 15.14 3.24
C ALA D 185 -50.62 15.21 1.77
N LEU D 186 -51.61 15.48 0.94
CA LEU D 186 -51.41 15.74 -0.48
C LEU D 186 -51.76 17.17 -0.76
N ASP D 187 -50.80 17.91 -1.27
CA ASP D 187 -50.99 19.31 -1.51
C ASP D 187 -50.67 19.77 -2.94
N LEU D 188 -51.43 20.75 -3.46
CA LEU D 188 -51.17 21.26 -4.81
C LEU D 188 -51.52 22.67 -4.96
N GLY D 189 -50.65 23.49 -5.59
CA GLY D 189 -50.94 24.89 -5.87
C GLY D 189 -50.66 25.18 -7.32
N GLY D 190 -50.24 26.42 -7.64
CA GLY D 190 -49.91 26.80 -9.03
C GLY D 190 -48.62 26.13 -9.52
N SER D 191 -47.61 26.10 -8.64
CA SER D 191 -46.24 25.77 -9.07
C SER D 191 -45.60 24.49 -8.57
N SER D 192 -45.97 24.05 -7.36
CA SER D 192 -45.59 22.69 -6.99
C SER D 192 -46.69 21.89 -6.36
N THR D 193 -46.38 20.66 -5.99
CA THR D 193 -47.31 19.73 -5.34
C THR D 193 -46.49 18.88 -4.39
N GLN D 194 -47.06 18.49 -3.28
CA GLN D 194 -46.35 17.76 -2.23
C GLN D 194 -47.15 16.59 -1.81
N ILE D 195 -46.41 15.60 -1.31
CA ILE D 195 -46.96 14.42 -0.63
C ILE D 195 -46.05 14.16 0.56
N THR D 196 -46.64 13.77 1.67
CA THR D 196 -46.01 13.63 2.98
C THR D 196 -46.75 12.59 3.81
N PHE D 197 -46.12 11.49 4.21
CA PHE D 197 -46.81 10.54 5.12
C PHE D 197 -45.84 9.68 5.86
N VAL D 198 -46.32 8.96 6.88
CA VAL D 198 -45.45 8.02 7.55
C VAL D 198 -45.38 6.69 6.75
N PRO D 199 -44.18 6.30 6.21
CA PRO D 199 -44.14 4.99 5.56
C PRO D 199 -44.01 3.87 6.58
N LEU D 200 -44.63 2.71 6.31
CA LEU D 200 -44.33 1.51 7.11
C LEU D 200 -42.83 1.15 7.02
N ASN D 201 -42.29 0.58 8.11
CA ASN D 201 -40.82 0.41 8.33
C ASN D 201 -39.80 0.23 7.17
N SER D 202 -39.80 -1.02 6.67
CA SER D 202 -38.81 -1.52 5.73
C SER D 202 -39.13 -1.22 4.25
N THR D 203 -39.93 -0.18 4.02
CA THR D 203 -40.42 0.16 2.70
C THR D 203 -39.65 1.36 2.16
N LEU D 204 -38.87 1.94 3.08
CA LEU D 204 -38.22 3.21 2.84
C LEU D 204 -36.86 3.03 2.22
N GLU D 205 -36.83 2.80 0.91
CA GLU D 205 -35.58 2.59 0.19
C GLU D 205 -34.80 3.87 -0.06
N ALA D 206 -35.29 5.01 0.39
CA ALA D 206 -34.55 6.26 0.16
C ALA D 206 -34.59 7.16 1.40
N PRO D 207 -33.73 6.89 2.39
CA PRO D 207 -33.79 7.67 3.60
C PRO D 207 -33.66 9.15 3.34
N GLU D 208 -33.04 9.54 2.24
CA GLU D 208 -32.87 10.97 1.95
C GLU D 208 -34.21 11.71 1.83
N THR D 209 -35.28 10.99 1.51
CA THR D 209 -36.56 11.64 1.33
C THR D 209 -37.28 11.71 2.66
N SER D 210 -36.69 11.17 3.71
CA SER D 210 -37.39 11.16 5.02
C SER D 210 -36.93 12.29 5.91
N LEU D 211 -37.65 12.51 7.03
CA LEU D 211 -37.28 13.41 8.14
C LEU D 211 -37.66 12.81 9.51
N GLN D 212 -36.99 13.22 10.60
CA GLN D 212 -37.26 12.73 11.95
C GLN D 212 -37.97 13.75 12.80
N PHE D 213 -39.03 13.39 13.51
CA PHE D 213 -39.32 14.24 14.69
C PHE D 213 -40.17 13.62 15.75
N ARG D 214 -39.84 14.08 16.96
CA ARG D 214 -40.54 13.77 18.18
C ARG D 214 -41.58 14.87 18.25
N LEU D 215 -42.82 14.46 18.44
CA LEU D 215 -43.92 15.35 18.49
C LEU D 215 -44.77 14.79 19.58
N TYR D 216 -44.76 15.50 20.71
CA TYR D 216 -45.47 15.07 21.90
C TYR D 216 -44.84 13.85 22.50
N GLY D 217 -43.50 13.78 22.48
CA GLY D 217 -42.82 12.63 23.08
C GLY D 217 -42.94 11.34 22.26
N THR D 218 -43.37 11.51 20.98
CA THR D 218 -43.51 10.42 20.01
C THR D 218 -42.74 10.70 18.75
N ASP D 219 -42.25 9.64 18.15
CA ASP D 219 -41.28 9.77 17.12
C ASP D 219 -41.80 9.38 15.74
N TYR D 220 -41.59 10.25 14.76
CA TYR D 220 -42.14 10.01 13.47
C TYR D 220 -41.01 10.12 12.50
N THR D 221 -40.94 9.11 11.64
CA THR D 221 -40.19 9.23 10.42
C THR D 221 -41.22 9.47 9.31
N VAL D 222 -41.07 10.62 8.65
CA VAL D 222 -42.03 11.10 7.64
C VAL D 222 -41.28 11.19 6.32
N TYR D 223 -41.89 10.63 5.29
CA TYR D 223 -41.44 10.87 3.95
C TYR D 223 -42.12 12.16 3.53
N THR D 224 -41.36 13.08 2.98
CA THR D 224 -41.95 14.20 2.31
C THR D 224 -41.11 14.60 1.08
N HIS D 225 -41.79 14.91 0.00
CA HIS D 225 -41.18 15.40 -1.18
C HIS D 225 -42.05 16.49 -1.76
N SER D 226 -41.38 17.43 -2.44
CA SER D 226 -41.99 18.53 -3.19
C SER D 226 -41.64 18.48 -4.66
N PHE D 227 -42.63 18.36 -5.55
CA PHE D 227 -42.27 18.36 -6.96
C PHE D 227 -42.42 19.75 -7.59
N LEU D 228 -41.35 20.55 -7.60
CA LEU D 228 -41.37 21.88 -8.20
C LEU D 228 -41.71 21.75 -9.68
N CYS D 229 -42.28 22.81 -10.24
CA CYS D 229 -42.78 22.80 -11.62
C CYS D 229 -43.99 21.90 -11.87
N TYR D 230 -44.46 21.21 -10.83
CA TYR D 230 -45.60 20.30 -10.98
C TYR D 230 -46.91 20.69 -10.31
N GLY D 231 -47.01 21.91 -9.78
CA GLY D 231 -48.36 22.47 -9.42
C GLY D 231 -49.18 22.67 -10.69
N LYS D 232 -50.46 23.03 -10.55
CA LYS D 232 -51.35 22.90 -11.75
C LYS D 232 -51.06 23.87 -12.91
N ASP D 233 -50.63 25.10 -12.57
CA ASP D 233 -50.40 26.10 -13.57
C ASP D 233 -49.10 25.84 -14.32
N GLN D 234 -48.06 25.44 -13.61
CA GLN D 234 -46.79 25.24 -14.26
C GLN D 234 -46.81 23.92 -15.05
N ALA D 235 -47.58 22.97 -14.61
CA ALA D 235 -47.76 21.82 -15.42
C ALA D 235 -48.45 22.22 -16.73
N LEU D 236 -49.34 23.21 -16.67
CA LEU D 236 -49.99 23.65 -17.90
C LEU D 236 -48.99 24.37 -18.75
N TRP D 237 -48.12 25.18 -18.20
CA TRP D 237 -47.22 25.85 -19.09
CA TRP D 237 -47.17 25.88 -19.04
C TRP D 237 -46.25 24.86 -19.69
N GLN D 238 -45.86 23.84 -18.92
CA GLN D 238 -44.95 22.82 -19.48
C GLN D 238 -45.60 22.18 -20.68
N LYS D 239 -46.87 21.81 -20.53
CA LYS D 239 -47.54 21.01 -21.57
C LYS D 239 -47.72 21.80 -22.87
N LEU D 240 -47.99 23.11 -22.67
CA LEU D 240 -48.16 23.97 -23.82
C LEU D 240 -46.82 24.12 -24.53
N ALA D 241 -45.79 24.43 -23.74
CA ALA D 241 -44.44 24.60 -24.28
C ALA D 241 -43.96 23.33 -25.00
N GLN D 242 -44.46 22.17 -24.55
CA GLN D 242 -43.98 20.92 -25.12
C GLN D 242 -44.74 20.69 -26.37
N ASP D 243 -46.05 20.91 -26.33
CA ASP D 243 -46.91 20.61 -27.47
C ASP D 243 -46.77 21.61 -28.59
N ILE D 244 -46.34 22.82 -28.27
CA ILE D 244 -46.16 23.85 -29.28
C ILE D 244 -45.07 23.52 -30.34
N GLN D 245 -45.47 23.43 -31.60
CA GLN D 245 -44.48 23.21 -32.65
C GLN D 245 -44.15 24.51 -33.42
N VAL D 246 -43.07 24.47 -34.18
CA VAL D 246 -42.71 25.56 -35.06
C VAL D 246 -43.66 25.64 -36.26
N SER D 247 -44.18 24.47 -36.66
CA SER D 247 -45.09 24.25 -37.78
C SER D 247 -46.53 24.67 -37.45
N SER D 248 -46.80 24.85 -36.15
CA SER D 248 -48.11 25.30 -35.58
C SER D 248 -48.88 26.44 -36.25
N GLY D 249 -48.20 27.33 -36.98
CA GLY D 249 -48.84 28.48 -37.66
C GLY D 249 -49.47 29.57 -36.79
N GLY D 250 -49.38 29.44 -35.46
CA GLY D 250 -50.01 30.36 -34.54
C GLY D 250 -51.24 29.82 -33.80
N ILE D 251 -51.57 28.56 -34.07
CA ILE D 251 -52.76 27.89 -33.51
C ILE D 251 -52.33 26.60 -32.81
N LEU D 252 -52.81 26.37 -31.58
CA LEU D 252 -52.62 25.08 -30.89
C LEU D 252 -53.95 24.39 -30.58
N LYS D 253 -54.25 23.32 -31.31
CA LYS D 253 -55.42 22.55 -30.99
C LYS D 253 -55.06 21.89 -29.69
N ASP D 254 -55.91 21.99 -28.68
CA ASP D 254 -55.67 21.24 -27.46
C ASP D 254 -56.86 20.36 -27.10
N PRO D 255 -56.61 19.07 -26.81
CA PRO D 255 -57.69 18.28 -26.25
C PRO D 255 -58.02 18.57 -24.77
N CYS D 256 -57.22 19.36 -24.06
CA CYS D 256 -57.50 19.60 -22.65
C CYS D 256 -58.50 20.73 -22.42
N PHE D 257 -59.00 21.30 -23.55
CA PHE D 257 -59.92 22.45 -23.52
C PHE D 257 -61.17 22.15 -24.35
N TYR D 258 -62.29 22.71 -23.91
CA TYR D 258 -63.63 22.44 -24.47
C TYR D 258 -63.76 22.82 -25.92
N PRO D 259 -64.51 22.03 -26.69
CA PRO D 259 -64.67 22.43 -28.07
C PRO D 259 -65.21 23.84 -28.04
N GLY D 260 -64.67 24.70 -28.89
CA GLY D 260 -65.11 26.08 -28.90
C GLY D 260 -64.30 27.04 -28.05
N TYR D 261 -63.53 26.56 -27.06
CA TYR D 261 -62.66 27.44 -26.24
C TYR D 261 -61.50 28.06 -27.06
N LYS D 262 -61.16 29.33 -26.84
CA LYS D 262 -60.04 29.97 -27.57
C LYS D 262 -59.31 30.90 -26.59
N LYS D 263 -58.01 30.75 -26.42
CA LYS D 263 -57.21 31.66 -25.57
C LYS D 263 -55.94 31.95 -26.35
N VAL D 264 -55.54 33.23 -26.37
CA VAL D 264 -54.24 33.64 -26.88
C VAL D 264 -53.20 33.56 -25.77
N VAL D 265 -52.18 32.72 -25.97
CA VAL D 265 -51.02 32.59 -25.08
C VAL D 265 -49.87 33.44 -25.63
N ASN D 266 -49.29 34.33 -24.84
CA ASN D 266 -48.09 35.05 -25.24
C ASN D 266 -46.81 34.24 -25.03
N VAL D 267 -46.03 34.05 -26.08
CA VAL D 267 -44.86 33.18 -26.03
C VAL D 267 -43.91 33.57 -24.91
N SER D 268 -43.60 34.84 -24.80
CA SER D 268 -42.61 35.22 -23.85
C SER D 268 -43.20 35.09 -22.45
N GLU D 269 -44.52 35.06 -22.33
CA GLU D 269 -45.05 34.75 -21.01
C GLU D 269 -44.72 33.30 -20.80
N LEU D 270 -45.09 32.46 -21.78
CA LEU D 270 -44.91 31.03 -21.65
C LEU D 270 -43.46 30.63 -21.36
N TYR D 271 -42.51 31.33 -22.00
CA TYR D 271 -41.09 31.09 -21.75
C TYR D 271 -40.51 31.98 -20.62
N GLY D 272 -41.37 32.46 -19.71
CA GLY D 272 -40.96 33.44 -18.71
C GLY D 272 -40.77 32.76 -17.40
N THR D 273 -40.81 31.43 -17.43
CA THR D 273 -40.78 30.62 -16.24
C THR D 273 -39.84 29.47 -16.46
N PRO D 274 -39.00 29.16 -15.48
CA PRO D 274 -38.01 28.07 -15.61
C PRO D 274 -38.65 26.73 -15.96
N CYS D 275 -39.89 26.51 -15.55
CA CYS D 275 -40.51 25.23 -15.77
C CYS D 275 -40.63 24.90 -17.26
N THR D 276 -40.41 25.90 -18.12
CA THR D 276 -40.52 25.63 -19.57
C THR D 276 -39.13 25.63 -20.25
N LYS D 277 -38.10 26.02 -19.49
CA LYS D 277 -36.71 26.06 -19.99
C LYS D 277 -36.32 24.81 -20.85
N ARG D 278 -36.70 23.60 -20.39
CA ARG D 278 -36.37 22.34 -21.12
C ARG D 278 -37.13 22.16 -22.44
N PHE D 279 -38.19 22.95 -22.69
CA PHE D 279 -39.00 22.86 -23.93
C PHE D 279 -38.95 24.08 -24.83
N GLU D 280 -38.23 25.11 -24.40
CA GLU D 280 -38.07 26.32 -25.16
C GLU D 280 -37.52 26.10 -26.57
N LYS D 281 -38.08 26.83 -27.53
CA LYS D 281 -37.66 26.77 -28.91
C LYS D 281 -37.73 28.19 -29.40
N LYS D 282 -36.99 28.53 -30.45
CA LYS D 282 -37.20 29.83 -31.08
C LYS D 282 -38.52 29.76 -31.90
N LEU D 283 -39.42 30.71 -31.69
CA LEU D 283 -40.71 30.61 -32.37
C LEU D 283 -40.92 31.77 -33.37
N PRO D 284 -41.52 31.47 -34.56
CA PRO D 284 -41.65 32.51 -35.61
C PRO D 284 -42.64 33.63 -35.28
N PHE D 285 -43.39 33.46 -34.18
CA PHE D 285 -44.50 34.35 -33.80
C PHE D 285 -44.50 34.74 -32.30
N ASN D 286 -45.07 35.90 -31.99
CA ASN D 286 -45.06 36.47 -30.65
C ASN D 286 -45.98 35.79 -29.66
N GLN D 287 -46.99 35.12 -30.21
CA GLN D 287 -48.11 34.58 -29.45
C GLN D 287 -48.84 33.59 -30.32
N PHE D 288 -49.77 32.85 -29.69
CA PHE D 288 -50.58 31.84 -30.38
C PHE D 288 -51.93 31.57 -29.72
N GLN D 289 -52.84 30.94 -30.49
CA GLN D 289 -54.18 30.62 -30.02
C GLN D 289 -54.48 29.12 -29.74
N VAL D 290 -54.84 28.84 -28.48
CA VAL D 290 -55.27 27.53 -28.04
C VAL D 290 -56.69 27.33 -28.47
N GLN D 291 -56.96 26.25 -29.20
CA GLN D 291 -58.33 25.87 -29.54
C GLN D 291 -58.70 24.53 -28.95
N GLY D 292 -59.63 24.55 -28.01
CA GLY D 292 -60.10 23.33 -27.42
C GLY D 292 -60.59 22.40 -28.51
N THR D 293 -60.14 21.15 -28.46
CA THR D 293 -60.72 20.05 -29.24
C THR D 293 -61.38 19.06 -28.29
N GLY D 294 -61.32 19.35 -27.00
CA GLY D 294 -62.07 18.67 -25.97
C GLY D 294 -62.19 17.15 -26.03
N ASP D 295 -61.05 16.46 -25.86
CA ASP D 295 -61.01 15.00 -25.80
C ASP D 295 -60.11 14.59 -24.63
N TYR D 296 -60.72 13.86 -23.70
CA TYR D 296 -60.08 13.61 -22.44
C TYR D 296 -58.91 12.65 -22.59
N GLU D 297 -59.11 11.58 -23.37
CA GLU D 297 -58.11 10.54 -23.56
C GLU D 297 -56.84 11.14 -24.13
N GLN D 298 -56.97 11.94 -25.19
CA GLN D 298 -55.83 12.72 -25.70
C GLN D 298 -55.25 13.65 -24.66
N CYS D 299 -56.10 14.44 -23.99
CA CYS D 299 -55.64 15.31 -22.92
C CYS D 299 -54.77 14.58 -21.89
N HIS D 300 -55.28 13.46 -21.40
CA HIS D 300 -54.54 12.63 -20.49
C HIS D 300 -53.20 12.16 -21.07
N GLN D 301 -53.19 11.55 -22.27
CA GLN D 301 -51.93 11.17 -22.93
C GLN D 301 -50.95 12.33 -22.97
N SER D 302 -51.42 13.49 -23.38
CA SER D 302 -50.57 14.65 -23.58
C SER D 302 -50.12 15.26 -22.24
N ILE D 303 -50.85 14.97 -21.16
CA ILE D 303 -50.36 15.38 -19.86
C ILE D 303 -49.20 14.47 -19.51
N LEU D 304 -49.41 13.16 -19.70
CA LEU D 304 -48.38 12.19 -19.28
C LEU D 304 -47.03 12.52 -19.87
N LYS D 305 -47.04 13.11 -21.06
CA LYS D 305 -45.83 13.45 -21.74
C LYS D 305 -44.92 14.33 -20.92
N ILE D 306 -45.45 15.10 -19.96
CA ILE D 306 -44.59 15.93 -19.11
C ILE D 306 -43.96 15.22 -17.88
N PHE D 307 -44.29 13.95 -17.72
CA PHE D 307 -43.75 13.13 -16.63
C PHE D 307 -42.90 12.04 -17.23
N ASN D 308 -41.81 11.73 -16.54
CA ASN D 308 -40.97 10.57 -16.92
C ASN D 308 -41.39 9.42 -16.04
N ASN D 309 -41.93 8.40 -16.67
CA ASN D 309 -42.37 7.24 -15.91
C ASN D 309 -41.65 6.00 -16.37
N SER D 310 -40.52 6.19 -17.03
CA SER D 310 -39.87 5.08 -17.76
C SER D 310 -38.89 4.28 -16.93
N HIS D 311 -38.33 4.90 -15.91
CA HIS D 311 -37.29 4.24 -15.15
C HIS D 311 -37.49 4.52 -13.68
N CYS D 312 -37.65 3.50 -12.87
CA CYS D 312 -37.72 3.71 -11.43
C CYS D 312 -36.72 2.67 -10.83
N PRO D 313 -35.61 3.17 -10.25
CA PRO D 313 -34.68 2.27 -9.64
C PRO D 313 -35.27 1.65 -8.41
N TYR D 314 -36.32 2.23 -7.86
CA TYR D 314 -36.87 1.65 -6.62
C TYR D 314 -37.96 0.63 -6.80
N SER D 315 -38.64 0.27 -5.72
CA SER D 315 -39.72 -0.68 -5.86
C SER D 315 -40.81 0.07 -6.56
N GLN D 316 -41.04 1.32 -6.14
CA GLN D 316 -41.98 2.17 -6.83
C GLN D 316 -41.52 3.62 -6.75
N CYS D 317 -42.01 4.42 -7.71
CA CYS D 317 -41.74 5.85 -7.79
C CYS D 317 -42.97 6.69 -7.90
N ALA D 318 -42.78 7.97 -7.58
CA ALA D 318 -43.71 9.01 -7.95
C ALA D 318 -43.55 9.15 -9.48
N PHE D 319 -42.62 9.98 -9.89
CA PHE D 319 -42.25 10.11 -11.29
C PHE D 319 -40.85 10.71 -11.33
N ASN D 320 -40.27 10.78 -12.51
CA ASN D 320 -38.94 11.35 -12.60
C ASN D 320 -37.92 10.65 -11.71
N GLY D 321 -38.07 9.37 -11.45
CA GLY D 321 -37.01 8.64 -10.81
C GLY D 321 -37.09 8.83 -9.33
N VAL D 322 -38.00 9.67 -8.86
CA VAL D 322 -38.16 9.84 -7.43
C VAL D 322 -38.86 8.68 -6.68
N PHE D 323 -38.20 8.21 -5.63
CA PHE D 323 -38.74 7.17 -4.85
C PHE D 323 -40.02 7.61 -4.17
N LEU D 324 -40.93 6.64 -4.04
CA LEU D 324 -42.11 6.91 -3.27
C LEU D 324 -42.41 5.68 -2.48
N PRO D 325 -42.64 5.84 -1.15
CA PRO D 325 -42.98 4.66 -0.35
C PRO D 325 -44.30 4.01 -0.81
N PRO D 326 -44.50 2.74 -0.47
CA PRO D 326 -45.84 2.22 -0.70
C PRO D 326 -46.83 3.06 0.09
N LEU D 327 -48.00 3.28 -0.50
CA LEU D 327 -49.03 4.07 0.14
C LEU D 327 -49.53 3.40 1.40
N GLN D 328 -49.71 4.22 2.43
CA GLN D 328 -50.10 3.72 3.72
C GLN D 328 -51.05 4.69 4.44
N GLY D 329 -52.11 4.11 4.99
CA GLY D 329 -53.09 4.81 5.80
C GLY D 329 -53.95 5.69 4.94
N SER D 330 -54.64 6.64 5.56
CA SER D 330 -55.47 7.59 4.85
C SER D 330 -54.65 8.86 4.50
N PHE D 331 -55.29 9.74 3.71
CA PHE D 331 -54.69 10.94 3.20
C PHE D 331 -55.73 12.04 3.26
N GLY D 332 -55.26 13.27 3.53
CA GLY D 332 -55.96 14.50 3.23
C GLY D 332 -55.34 15.19 2.02
N ALA D 333 -56.18 15.42 0.99
CA ALA D 333 -55.85 16.14 -0.20
C ALA D 333 -56.51 17.46 0.00
N PHE D 334 -55.71 18.54 -0.05
CA PHE D 334 -56.23 19.86 0.19
C PHE D 334 -55.66 20.86 -0.83
N SER D 335 -55.76 22.16 -0.56
CA SER D 335 -55.66 23.22 -1.58
C SER D 335 -56.27 22.99 -2.92
N ALA D 336 -55.48 23.20 -3.97
CA ALA D 336 -56.02 23.03 -5.31
C ALA D 336 -56.63 21.61 -5.47
N PHE D 337 -56.13 20.63 -4.73
CA PHE D 337 -56.68 19.27 -4.89
C PHE D 337 -58.13 19.40 -4.52
N TYR D 338 -58.36 20.12 -3.44
CA TYR D 338 -59.65 20.25 -2.90
C TYR D 338 -60.57 21.05 -3.84
N PHE D 339 -60.20 22.30 -4.13
CA PHE D 339 -61.09 23.13 -4.95
C PHE D 339 -61.45 22.53 -6.31
N VAL D 340 -60.51 21.86 -6.97
CA VAL D 340 -60.85 21.22 -8.26
C VAL D 340 -61.78 20.02 -8.12
N MET D 341 -61.38 19.04 -7.31
CA MET D 341 -62.15 17.82 -7.15
C MET D 341 -63.56 18.18 -6.76
N ASP D 342 -63.64 19.21 -5.93
CA ASP D 342 -64.88 19.60 -5.38
C ASP D 342 -65.88 20.02 -6.46
N PHE D 343 -65.38 20.74 -7.44
CA PHE D 343 -66.22 21.06 -8.57
C PHE D 343 -66.77 19.77 -9.20
N PHE D 344 -65.93 18.76 -9.38
CA PHE D 344 -66.41 17.52 -9.96
C PHE D 344 -67.32 16.74 -8.98
N LYS D 345 -66.99 16.77 -7.70
CA LYS D 345 -67.81 16.16 -6.65
C LYS D 345 -69.26 16.68 -6.80
N LYS D 346 -69.40 17.98 -7.02
CA LYS D 346 -70.69 18.64 -7.24
C LYS D 346 -71.50 17.95 -8.32
N MET D 347 -70.83 17.43 -9.34
CA MET D 347 -71.55 16.76 -10.43
C MET D 347 -71.91 15.30 -10.11
N ALA D 348 -71.53 14.80 -8.93
CA ALA D 348 -71.83 13.42 -8.54
C ALA D 348 -72.79 13.28 -7.33
N ASN D 349 -73.73 14.22 -7.15
CA ASN D 349 -74.57 14.33 -5.93
C ASN D 349 -73.77 14.54 -4.59
N ASP D 350 -72.85 15.52 -4.62
CA ASP D 350 -71.93 15.88 -3.52
C ASP D 350 -71.13 14.71 -2.91
N SER D 351 -71.14 13.57 -3.62
CA SER D 351 -70.38 12.36 -3.27
C SER D 351 -69.07 12.30 -4.05
N VAL D 352 -67.93 12.33 -3.34
CA VAL D 352 -66.67 11.92 -4.01
C VAL D 352 -66.65 10.39 -4.18
N SER D 353 -66.67 9.94 -5.43
CA SER D 353 -66.95 8.54 -5.79
C SER D 353 -65.72 7.84 -6.38
N SER D 354 -65.93 6.73 -7.09
CA SER D 354 -64.84 5.95 -7.64
C SER D 354 -64.12 6.63 -8.79
N GLN D 355 -62.88 6.22 -9.01
CA GLN D 355 -62.05 6.67 -10.13
C GLN D 355 -62.69 6.45 -11.51
N GLU D 356 -63.31 5.29 -11.72
CA GLU D 356 -63.93 5.03 -13.01
C GLU D 356 -64.96 6.15 -13.27
N LYS D 357 -65.80 6.42 -12.26
CA LYS D 357 -66.83 7.46 -12.36
C LYS D 357 -66.18 8.80 -12.65
N MET D 358 -65.29 9.25 -11.79
CA MET D 358 -64.69 10.55 -12.01
C MET D 358 -64.06 10.69 -13.39
N THR D 359 -63.43 9.65 -13.88
CA THR D 359 -62.86 9.68 -15.22
C THR D 359 -63.97 9.85 -16.30
N GLU D 360 -65.06 9.08 -16.16
CA GLU D 360 -66.22 9.25 -17.06
C GLU D 360 -66.81 10.68 -16.93
N ILE D 361 -67.07 11.14 -15.70
CA ILE D 361 -67.57 12.50 -15.50
C ILE D 361 -66.69 13.55 -16.21
N THR D 362 -65.37 13.37 -16.13
CA THR D 362 -64.41 14.30 -16.69
C THR D 362 -64.38 14.17 -18.22
N LYS D 363 -64.49 12.93 -18.70
CA LYS D 363 -64.49 12.69 -20.12
C LYS D 363 -65.66 13.51 -20.66
N ASN D 364 -66.80 13.34 -20.01
CA ASN D 364 -68.05 14.02 -20.38
C ASN D 364 -67.84 15.52 -20.42
N PHE D 365 -67.50 16.09 -19.27
CA PHE D 365 -67.17 17.52 -19.15
C PHE D 365 -66.23 18.07 -20.26
N CYS D 366 -65.08 17.42 -20.49
CA CYS D 366 -64.13 17.90 -21.51
C CYS D 366 -64.68 18.07 -22.93
N SER D 367 -65.69 17.28 -23.31
CA SER D 367 -66.35 17.45 -24.61
C SER D 367 -67.56 18.40 -24.65
N LYS D 368 -67.98 18.96 -23.51
CA LYS D 368 -69.09 19.89 -23.52
C LYS D 368 -68.62 21.19 -24.16
N PRO D 369 -69.34 21.69 -25.19
CA PRO D 369 -68.85 22.95 -25.79
C PRO D 369 -68.72 24.07 -24.76
N TRP D 370 -67.80 24.99 -24.99
CA TRP D 370 -67.48 26.05 -24.07
C TRP D 370 -68.68 26.86 -23.67
N GLU D 371 -69.50 27.23 -24.65
CA GLU D 371 -70.72 27.99 -24.38
C GLU D 371 -71.66 27.27 -23.43
N GLU D 372 -71.73 25.94 -23.58
CA GLU D 372 -72.52 25.03 -22.76
C GLU D 372 -72.00 25.08 -21.31
N VAL D 373 -70.68 25.10 -21.19
CA VAL D 373 -70.06 25.04 -19.90
C VAL D 373 -70.32 26.32 -19.12
N LYS D 374 -70.02 27.45 -19.75
CA LYS D 374 -70.31 28.76 -19.21
C LYS D 374 -71.76 28.88 -18.80
N ALA D 375 -72.63 28.32 -19.63
CA ALA D 375 -74.03 28.43 -19.33
C ALA D 375 -74.47 27.46 -18.24
N SER D 376 -73.75 26.35 -18.05
CA SER D 376 -74.19 25.38 -17.06
C SER D 376 -73.71 25.71 -15.68
N TYR D 377 -72.58 26.41 -15.61
CA TYR D 377 -72.00 26.83 -14.34
C TYR D 377 -71.83 28.35 -14.32
N PRO D 378 -72.96 29.06 -14.30
CA PRO D 378 -72.87 30.51 -14.48
C PRO D 378 -72.25 31.25 -13.28
N THR D 379 -72.12 30.61 -12.13
CA THR D 379 -71.56 31.33 -11.00
C THR D 379 -70.13 31.01 -10.72
N VAL D 380 -69.49 30.25 -11.60
CA VAL D 380 -68.07 29.98 -11.46
C VAL D 380 -67.24 31.07 -12.15
N LYS D 381 -66.22 31.62 -11.48
CA LYS D 381 -65.37 32.64 -12.13
C LYS D 381 -64.84 32.06 -13.47
N GLU D 382 -64.92 32.79 -14.60
CA GLU D 382 -64.57 32.16 -15.90
C GLU D 382 -63.11 31.74 -15.89
N LYS D 383 -62.32 32.38 -15.04
CA LYS D 383 -60.90 32.04 -14.93
C LYS D 383 -60.64 30.63 -14.38
N TYR D 384 -61.49 30.15 -13.46
CA TYR D 384 -61.37 28.79 -12.92
C TYR D 384 -62.00 27.79 -13.87
N LEU D 385 -63.24 28.04 -14.25
CA LEU D 385 -64.00 27.17 -15.13
C LEU D 385 -63.28 26.82 -16.44
N SER D 386 -62.69 27.81 -17.09
CA SER D 386 -61.87 27.57 -18.31
C SER D 386 -60.82 26.46 -18.16
N GLU D 387 -60.25 26.32 -16.94
CA GLU D 387 -59.19 25.31 -16.62
C GLU D 387 -59.69 23.94 -16.18
N TYR D 388 -60.98 23.77 -15.95
CA TYR D 388 -61.38 22.57 -15.19
C TYR D 388 -61.17 21.25 -15.89
N CYS D 389 -61.34 21.22 -17.21
CA CYS D 389 -61.10 19.98 -17.94
C CYS D 389 -59.63 19.66 -17.77
N PHE D 390 -58.78 20.63 -18.05
CA PHE D 390 -57.37 20.43 -17.79
C PHE D 390 -56.99 20.04 -16.35
N SER D 391 -57.49 20.78 -15.34
CA SER D 391 -57.15 20.54 -13.94
C SER D 391 -57.66 19.26 -13.46
N GLY D 392 -58.88 18.93 -13.83
CA GLY D 392 -59.48 17.67 -13.39
C GLY D 392 -58.64 16.56 -13.90
N THR D 393 -58.22 16.67 -15.14
CA THR D 393 -57.52 15.56 -15.78
C THR D 393 -56.16 15.53 -15.15
N TYR D 394 -55.61 16.71 -14.92
CA TYR D 394 -54.29 16.77 -14.31
C TYR D 394 -54.22 16.05 -12.96
N ILE D 395 -55.17 16.39 -12.07
CA ILE D 395 -55.28 15.80 -10.73
CA ILE D 395 -55.17 15.79 -10.74
C ILE D 395 -55.41 14.27 -10.80
N LEU D 396 -56.24 13.82 -11.73
CA LEU D 396 -56.37 12.40 -11.94
C LEU D 396 -55.03 11.80 -12.32
N SER D 397 -54.29 12.42 -13.23
CA SER D 397 -53.06 11.74 -13.61
C SER D 397 -52.09 11.79 -12.49
N LEU D 398 -51.96 12.94 -11.87
CA LEU D 398 -51.01 13.08 -10.82
C LEU D 398 -51.32 12.13 -9.69
N LEU D 399 -52.57 12.06 -9.27
CA LEU D 399 -52.97 11.09 -8.27
C LEU D 399 -52.86 9.65 -8.72
N LEU D 400 -53.22 9.35 -9.95
CA LEU D 400 -53.11 7.92 -10.36
C LEU D 400 -51.73 7.43 -10.75
N GLN D 401 -51.08 8.04 -11.73
CA GLN D 401 -49.80 7.51 -12.23
C GLN D 401 -48.64 8.08 -11.43
N GLY D 402 -48.77 9.36 -11.06
CA GLY D 402 -47.78 10.06 -10.23
C GLY D 402 -47.66 9.37 -8.90
N TYR D 403 -48.57 9.75 -8.01
CA TYR D 403 -48.63 9.22 -6.66
C TYR D 403 -49.21 7.81 -6.47
N ASN D 404 -49.50 7.09 -7.55
CA ASN D 404 -49.87 5.64 -7.49
C ASN D 404 -51.17 5.26 -6.72
N PHE D 405 -52.11 6.17 -6.60
CA PHE D 405 -53.34 5.83 -5.91
C PHE D 405 -54.23 4.95 -6.76
N THR D 406 -53.62 4.25 -7.71
CA THR D 406 -54.35 3.43 -8.66
C THR D 406 -55.11 2.27 -8.00
N GLY D 407 -56.04 1.78 -8.78
CA GLY D 407 -57.01 0.81 -8.32
C GLY D 407 -57.47 1.23 -6.94
N THR D 408 -57.22 0.31 -6.03
CA THR D 408 -57.78 0.31 -4.70
C THR D 408 -57.37 1.52 -3.90
N SER D 409 -56.11 1.93 -3.99
CA SER D 409 -55.59 2.97 -3.09
C SER D 409 -56.51 4.24 -3.02
N TRP D 410 -57.18 4.49 -4.14
CA TRP D 410 -58.00 5.67 -4.36
C TRP D 410 -58.87 6.20 -3.23
N ASP D 411 -59.39 5.31 -2.40
CA ASP D 411 -60.52 5.71 -1.56
C ASP D 411 -59.98 6.17 -0.24
N GLN D 412 -58.67 6.00 -0.11
CA GLN D 412 -57.99 6.39 1.08
C GLN D 412 -57.87 7.91 1.12
N ILE D 413 -58.20 8.54 -0.01
CA ILE D 413 -58.13 10.01 -0.14
C ILE D 413 -59.41 10.73 0.32
N HIS D 414 -59.22 11.68 1.22
CA HIS D 414 -60.26 12.59 1.65
C HIS D 414 -59.91 13.99 1.23
N PHE D 415 -60.74 14.56 0.36
CA PHE D 415 -60.52 15.88 -0.12
C PHE D 415 -61.27 16.80 0.82
N MET D 416 -60.56 17.80 1.39
CA MET D 416 -61.08 18.74 2.38
C MET D 416 -60.36 20.07 2.19
N GLY D 417 -60.97 21.15 2.68
CA GLY D 417 -60.36 22.43 2.70
C GLY D 417 -60.25 22.85 4.13
N LYS D 418 -61.25 22.51 4.91
CA LYS D 418 -61.29 22.92 6.30
C LYS D 418 -61.52 21.69 7.14
N ILE D 419 -60.90 21.68 8.31
CA ILE D 419 -61.26 20.75 9.38
C ILE D 419 -61.48 21.59 10.62
N LYS D 420 -62.50 21.26 11.42
CA LYS D 420 -62.79 22.02 12.63
C LYS D 420 -62.61 23.56 12.41
N ASP D 421 -63.46 24.11 11.55
CA ASP D 421 -63.43 25.52 11.12
C ASP D 421 -62.02 26.10 10.86
N SER D 422 -61.10 25.25 10.35
CA SER D 422 -59.70 25.63 9.98
C SER D 422 -59.21 25.10 8.63
N ASN D 423 -58.68 26.02 7.86
CA ASN D 423 -58.12 25.68 6.59
C ASN D 423 -56.99 24.67 6.70
N ALA D 424 -57.11 23.51 6.08
CA ALA D 424 -55.95 22.60 5.92
C ALA D 424 -54.91 23.30 5.02
N GLY D 425 -53.64 23.20 5.33
CA GLY D 425 -52.61 23.96 4.64
C GLY D 425 -51.41 23.79 5.53
N TRP D 426 -50.27 24.39 5.17
CA TRP D 426 -49.16 24.37 6.10
C TRP D 426 -49.01 25.54 7.09
N THR D 427 -49.81 26.57 7.01
CA THR D 427 -49.59 27.71 7.90
C THR D 427 -49.81 27.43 9.41
N LEU D 428 -50.88 26.74 9.78
CA LEU D 428 -51.01 26.33 11.19
C LEU D 428 -49.77 25.62 11.74
N GLY D 429 -49.22 24.71 10.93
CA GLY D 429 -48.13 23.83 11.37
C GLY D 429 -46.99 24.75 11.74
N TYR D 430 -46.60 25.52 10.74
CA TYR D 430 -45.57 26.53 10.90
C TYR D 430 -45.84 27.42 12.16
N MET D 431 -47.06 27.88 12.34
CA MET D 431 -47.31 28.74 13.44
C MET D 431 -47.12 27.98 14.77
N LEU D 432 -47.62 26.74 14.84
CA LEU D 432 -47.44 25.90 16.04
C LEU D 432 -45.99 25.80 16.48
N ASN D 433 -45.19 25.52 15.50
CA ASN D 433 -43.77 25.44 15.66
C ASN D 433 -43.06 26.71 16.09
N LEU D 434 -43.12 27.73 15.25
CA LEU D 434 -42.58 29.04 15.57
C LEU D 434 -42.95 29.60 16.93
N THR D 435 -44.09 29.21 17.46
CA THR D 435 -44.45 29.56 18.83
C THR D 435 -44.20 28.42 19.82
N ASN D 436 -43.40 27.45 19.39
CA ASN D 436 -42.93 26.36 20.25
C ASN D 436 -44.06 25.77 21.10
N MET D 437 -44.99 25.12 20.41
CA MET D 437 -45.81 24.06 20.99
C MET D 437 -45.59 22.84 20.06
N ILE D 438 -45.15 21.71 20.61
CA ILE D 438 -44.68 20.56 19.81
C ILE D 438 -43.29 20.03 20.26
#